data_8QRY
# 
_entry.id   8QRY 
# 
_audit_conform.dict_name       mmcif_pdbx.dic 
_audit_conform.dict_version    5.397 
_audit_conform.dict_location   http://mmcif.pdb.org/dictionaries/ascii/mmcif_pdbx.dic 
# 
loop_
_database_2.database_id 
_database_2.database_code 
_database_2.pdbx_database_accession 
_database_2.pdbx_DOI 
PDB   8QRY         pdb_00008qry 10.2210/pdb8qry/pdb 
WWPDB D_1292133877 ?            ?                   
# 
loop_
_pdbx_audit_revision_history.ordinal 
_pdbx_audit_revision_history.data_content_type 
_pdbx_audit_revision_history.major_revision 
_pdbx_audit_revision_history.minor_revision 
_pdbx_audit_revision_history.revision_date 
1 'Structure model' 1 0 2024-04-03 
2 'Structure model' 1 1 2024-10-16 
# 
_pdbx_audit_revision_details.ordinal             1 
_pdbx_audit_revision_details.revision_ordinal    1 
_pdbx_audit_revision_details.data_content_type   'Structure model' 
_pdbx_audit_revision_details.provider            repository 
_pdbx_audit_revision_details.type                'Initial release' 
_pdbx_audit_revision_details.description         ? 
_pdbx_audit_revision_details.details             ? 
# 
loop_
_pdbx_audit_revision_group.ordinal 
_pdbx_audit_revision_group.revision_ordinal 
_pdbx_audit_revision_group.data_content_type 
_pdbx_audit_revision_group.group 
1 2 'Structure model' 'Database references' 
2 2 'Structure model' 'Structure summary'   
# 
loop_
_pdbx_audit_revision_category.ordinal 
_pdbx_audit_revision_category.revision_ordinal 
_pdbx_audit_revision_category.data_content_type 
_pdbx_audit_revision_category.category 
1 2 'Structure model' citation           
2 2 'Structure model' citation_author    
3 2 'Structure model' pdbx_entry_details 
# 
loop_
_pdbx_audit_revision_item.ordinal 
_pdbx_audit_revision_item.revision_ordinal 
_pdbx_audit_revision_item.data_content_type 
_pdbx_audit_revision_item.item 
1  2 'Structure model' '_citation.country'                 
2  2 'Structure model' '_citation.journal_abbrev'          
3  2 'Structure model' '_citation.journal_id_CSD'          
4  2 'Structure model' '_citation.journal_id_ISSN'         
5  2 'Structure model' '_citation.journal_volume'          
6  2 'Structure model' '_citation.page_first'              
7  2 'Structure model' '_citation.page_last'               
8  2 'Structure model' '_citation.pdbx_database_id_DOI'    
9  2 'Structure model' '_citation.pdbx_database_id_PubMed' 
10 2 'Structure model' '_citation.title'                   
11 2 'Structure model' '_citation.year'                    
# 
_pdbx_database_status.status_code                     REL 
_pdbx_database_status.status_code_sf                  REL 
_pdbx_database_status.status_code_mr                  ? 
_pdbx_database_status.entry_id                        8QRY 
_pdbx_database_status.recvd_initial_deposition_date   2023-10-09 
_pdbx_database_status.SG_entry                        N 
_pdbx_database_status.deposit_site                    PDBE 
_pdbx_database_status.process_site                    PDBE 
_pdbx_database_status.status_code_cs                  ? 
_pdbx_database_status.status_code_nmr_data            ? 
_pdbx_database_status.methods_development_category    ? 
_pdbx_database_status.pdb_format_compatible           Y 
# 
_pdbx_contact_author.id                 2 
_pdbx_contact_author.email              dbellini@mrc-lmb.cam.ac.uk 
_pdbx_contact_author.name_first         dom 
_pdbx_contact_author.name_last          bellini 
_pdbx_contact_author.name_mi            ? 
_pdbx_contact_author.role               'principal investigator/group leader' 
_pdbx_contact_author.identifier_ORCID   0000-0003-0576-3413 
# 
loop_
_audit_author.name 
_audit_author.pdbx_ordinal 
_audit_author.identifier_ORCID 
'Bellini, D.'    1 ?                   
'Yatskevich, S.' 2 0000-0003-2999-6561 
'Barford, D.'    3 0000-0001-8810-950X 
# 
_citation.abstract                  ? 
_citation.abstract_id_CAS           ? 
_citation.book_id_ISBN              ? 
_citation.book_publisher            ? 
_citation.book_publisher_city       ? 
_citation.book_title                ? 
_citation.coordinate_linkage        ? 
_citation.country                   US 
_citation.database_id_Medline       ? 
_citation.details                   ? 
_citation.id                        primary 
_citation.journal_abbrev            Nat.Struct.Mol.Biol. 
_citation.journal_id_ASTM           ? 
_citation.journal_id_CSD            ? 
_citation.journal_id_ISSN           1545-9985 
_citation.journal_full              ? 
_citation.journal_issue             ? 
_citation.journal_volume            31 
_citation.language                  ? 
_citation.page_first                1134 
_citation.page_last                 1144 
_citation.title                     'Structure of the native gamma-tubulin ring complex capping spindle microtubules.' 
_citation.year                      2024 
_citation.database_id_CSD           ? 
_citation.pdbx_database_id_DOI      10.1038/s41594-024-01281-y 
_citation.pdbx_database_id_PubMed   38609662 
_citation.pdbx_database_id_patent   ? 
_citation.unpublished_flag          ? 
# 
loop_
_citation_author.citation_id 
_citation_author.name 
_citation_author.ordinal 
_citation_author.identifier_ORCID 
primary 'Dendooven, T.'   1 0000-0002-9847-0910 
primary 'Yatskevich, S.'  2 0000-0003-2999-6561 
primary 'Burt, A.'        3 ?                   
primary 'Chen, Z.A.'      4 0000-0003-0811-8348 
primary 'Bellini, D.'     5 0000-0003-0576-3413 
primary 'Rappsilber, J.'  6 0000-0001-5999-1310 
primary 'Kilmartin, J.V.' 7 0000-0002-4520-2365 
primary 'Barford, D.'     8 0000-0001-8810-950X 
# 
loop_
_entity.id 
_entity.type 
_entity.src_method 
_entity.pdbx_description 
_entity.formula_weight 
_entity.pdbx_number_of_molecules 
_entity.pdbx_ec 
_entity.pdbx_mutation 
_entity.pdbx_fragment 
_entity.details 
1 polymer man 'Spindle pole body component' 10826.424 1  ? ? ? ? 
2 water   nat water                         18.015    44 ? ? ? ? 
# 
_entity_poly.entity_id                      1 
_entity_poly.type                           'polypeptide(L)' 
_entity_poly.nstd_linkage                   no 
_entity_poly.nstd_monomer                   no 
_entity_poly.pdbx_seq_one_letter_code       
;AMELEPTLFGIIEALAPQLLSQSHLQTFVSDVVNLLRSSTKSATQLGPLIDFYKLQSLDSPETTIMWHKIEKFLDALFGI
QNTDDMVKYLSVFQSL
;
_entity_poly.pdbx_seq_one_letter_code_can   
;AMELEPTLFGIIEALAPQLLSQSHLQTFVSDVVNLLRSSTKSATQLGPLIDFYKLQSLDSPETTIMWHKIEKFLDALFGI
QNTDDMVKYLSVFQSL
;
_entity_poly.pdbx_strand_id                 A 
_entity_poly.pdbx_target_identifier         ? 
# 
_pdbx_entity_nonpoly.entity_id   2 
_pdbx_entity_nonpoly.name        water 
_pdbx_entity_nonpoly.comp_id     HOH 
# 
loop_
_entity_poly_seq.entity_id 
_entity_poly_seq.num 
_entity_poly_seq.mon_id 
_entity_poly_seq.hetero 
1 1  ALA n 
1 2  MET n 
1 3  GLU n 
1 4  LEU n 
1 5  GLU n 
1 6  PRO n 
1 7  THR n 
1 8  LEU n 
1 9  PHE n 
1 10 GLY n 
1 11 ILE n 
1 12 ILE n 
1 13 GLU n 
1 14 ALA n 
1 15 LEU n 
1 16 ALA n 
1 17 PRO n 
1 18 GLN n 
1 19 LEU n 
1 20 LEU n 
1 21 SER n 
1 22 GLN n 
1 23 SER n 
1 24 HIS n 
1 25 LEU n 
1 26 GLN n 
1 27 THR n 
1 28 PHE n 
1 29 VAL n 
1 30 SER n 
1 31 ASP n 
1 32 VAL n 
1 33 VAL n 
1 34 ASN n 
1 35 LEU n 
1 36 LEU n 
1 37 ARG n 
1 38 SER n 
1 39 SER n 
1 40 THR n 
1 41 LYS n 
1 42 SER n 
1 43 ALA n 
1 44 THR n 
1 45 GLN n 
1 46 LEU n 
1 47 GLY n 
1 48 PRO n 
1 49 LEU n 
1 50 ILE n 
1 51 ASP n 
1 52 PHE n 
1 53 TYR n 
1 54 LYS n 
1 55 LEU n 
1 56 GLN n 
1 57 SER n 
1 58 LEU n 
1 59 ASP n 
1 60 SER n 
1 61 PRO n 
1 62 GLU n 
1 63 THR n 
1 64 THR n 
1 65 ILE n 
1 66 MET n 
1 67 TRP n 
1 68 HIS n 
1 69 LYS n 
1 70 ILE n 
1 71 GLU n 
1 72 LYS n 
1 73 PHE n 
1 74 LEU n 
1 75 ASP n 
1 76 ALA n 
1 77 LEU n 
1 78 PHE n 
1 79 GLY n 
1 80 ILE n 
1 81 GLN n 
1 82 ASN n 
1 83 THR n 
1 84 ASP n 
1 85 ASP n 
1 86 MET n 
1 87 VAL n 
1 88 LYS n 
1 89 TYR n 
1 90 LEU n 
1 91 SER n 
1 92 VAL n 
1 93 PHE n 
1 94 GLN n 
1 95 SER n 
1 96 LEU n 
# 
_entity_src_gen.entity_id                          1 
_entity_src_gen.pdbx_src_id                        1 
_entity_src_gen.pdbx_alt_source_flag               sample 
_entity_src_gen.pdbx_seq_type                      'Biological sequence' 
_entity_src_gen.pdbx_beg_seq_num                   1 
_entity_src_gen.pdbx_end_seq_num                   96 
_entity_src_gen.gene_src_common_name               
;baker's yeast
;
_entity_src_gen.gene_src_genus                     ? 
_entity_src_gen.pdbx_gene_src_gene                 SPC98 
_entity_src_gen.gene_src_species                   ? 
_entity_src_gen.gene_src_strain                    ? 
_entity_src_gen.gene_src_tissue                    ? 
_entity_src_gen.gene_src_tissue_fraction           ? 
_entity_src_gen.gene_src_details                   ? 
_entity_src_gen.pdbx_gene_src_fragment             ? 
_entity_src_gen.pdbx_gene_src_scientific_name      'Saccharomyces cerevisiae' 
_entity_src_gen.pdbx_gene_src_ncbi_taxonomy_id     4932 
_entity_src_gen.pdbx_gene_src_variant              ? 
_entity_src_gen.pdbx_gene_src_cell_line            ? 
_entity_src_gen.pdbx_gene_src_atcc                 ? 
_entity_src_gen.pdbx_gene_src_organ                ? 
_entity_src_gen.pdbx_gene_src_organelle            ? 
_entity_src_gen.pdbx_gene_src_cell                 ? 
_entity_src_gen.pdbx_gene_src_cellular_location    ? 
_entity_src_gen.host_org_common_name               ? 
_entity_src_gen.pdbx_host_org_scientific_name      'Escherichia coli BL21(DE3)' 
_entity_src_gen.pdbx_host_org_ncbi_taxonomy_id     469008 
_entity_src_gen.host_org_genus                     ? 
_entity_src_gen.pdbx_host_org_gene                 ? 
_entity_src_gen.pdbx_host_org_organ                ? 
_entity_src_gen.host_org_species                   ? 
_entity_src_gen.pdbx_host_org_tissue               ? 
_entity_src_gen.pdbx_host_org_tissue_fraction      ? 
_entity_src_gen.pdbx_host_org_strain               ? 
_entity_src_gen.pdbx_host_org_variant              ? 
_entity_src_gen.pdbx_host_org_cell_line            ? 
_entity_src_gen.pdbx_host_org_atcc                 ? 
_entity_src_gen.pdbx_host_org_culture_collection   ? 
_entity_src_gen.pdbx_host_org_cell                 ? 
_entity_src_gen.pdbx_host_org_organelle            ? 
_entity_src_gen.pdbx_host_org_cellular_location    ? 
_entity_src_gen.pdbx_host_org_vector_type          ? 
_entity_src_gen.pdbx_host_org_vector               ? 
_entity_src_gen.host_org_details                   ? 
_entity_src_gen.expression_system_id               ? 
_entity_src_gen.plasmid_name                       ? 
_entity_src_gen.plasmid_details                    ? 
_entity_src_gen.pdbx_description                   ? 
# 
loop_
_chem_comp.id 
_chem_comp.type 
_chem_comp.mon_nstd_flag 
_chem_comp.name 
_chem_comp.pdbx_synonyms 
_chem_comp.formula 
_chem_comp.formula_weight 
ALA 'L-peptide linking' y ALANINE         ? 'C3 H7 N O2'     89.093  
ARG 'L-peptide linking' y ARGININE        ? 'C6 H15 N4 O2 1' 175.209 
ASN 'L-peptide linking' y ASPARAGINE      ? 'C4 H8 N2 O3'    132.118 
ASP 'L-peptide linking' y 'ASPARTIC ACID' ? 'C4 H7 N O4'     133.103 
GLN 'L-peptide linking' y GLUTAMINE       ? 'C5 H10 N2 O3'   146.144 
GLU 'L-peptide linking' y 'GLUTAMIC ACID' ? 'C5 H9 N O4'     147.129 
GLY 'peptide linking'   y GLYCINE         ? 'C2 H5 N O2'     75.067  
HIS 'L-peptide linking' y HISTIDINE       ? 'C6 H10 N3 O2 1' 156.162 
HOH non-polymer         . WATER           ? 'H2 O'           18.015  
ILE 'L-peptide linking' y ISOLEUCINE      ? 'C6 H13 N O2'    131.173 
LEU 'L-peptide linking' y LEUCINE         ? 'C6 H13 N O2'    131.173 
LYS 'L-peptide linking' y LYSINE          ? 'C6 H15 N2 O2 1' 147.195 
MET 'L-peptide linking' y METHIONINE      ? 'C5 H11 N O2 S'  149.211 
PHE 'L-peptide linking' y PHENYLALANINE   ? 'C9 H11 N O2'    165.189 
PRO 'L-peptide linking' y PROLINE         ? 'C5 H9 N O2'     115.130 
SER 'L-peptide linking' y SERINE          ? 'C3 H7 N O3'     105.093 
THR 'L-peptide linking' y THREONINE       ? 'C4 H9 N O3'     119.119 
TRP 'L-peptide linking' y TRYPTOPHAN      ? 'C11 H12 N2 O2'  204.225 
TYR 'L-peptide linking' y TYROSINE        ? 'C9 H11 N O3'    181.189 
VAL 'L-peptide linking' y VALINE          ? 'C5 H11 N O2'    117.146 
# 
loop_
_pdbx_poly_seq_scheme.asym_id 
_pdbx_poly_seq_scheme.entity_id 
_pdbx_poly_seq_scheme.seq_id 
_pdbx_poly_seq_scheme.mon_id 
_pdbx_poly_seq_scheme.ndb_seq_num 
_pdbx_poly_seq_scheme.pdb_seq_num 
_pdbx_poly_seq_scheme.auth_seq_num 
_pdbx_poly_seq_scheme.pdb_mon_id 
_pdbx_poly_seq_scheme.auth_mon_id 
_pdbx_poly_seq_scheme.pdb_strand_id 
_pdbx_poly_seq_scheme.pdb_ins_code 
_pdbx_poly_seq_scheme.hetero 
A 1 1  ALA 1  0  0  ALA ALA A . n 
A 1 2  MET 2  1  1  MET MET A . n 
A 1 3  GLU 3  2  2  GLU GLU A . n 
A 1 4  LEU 4  3  3  LEU LEU A . n 
A 1 5  GLU 5  4  4  GLU GLU A . n 
A 1 6  PRO 6  5  5  PRO PRO A . n 
A 1 7  THR 7  6  6  THR THR A . n 
A 1 8  LEU 8  7  7  LEU LEU A . n 
A 1 9  PHE 9  8  8  PHE PHE A . n 
A 1 10 GLY 10 9  9  GLY GLY A . n 
A 1 11 ILE 11 10 10 ILE ILE A . n 
A 1 12 ILE 12 11 11 ILE ILE A . n 
A 1 13 GLU 13 12 12 GLU GLU A . n 
A 1 14 ALA 14 13 13 ALA ALA A . n 
A 1 15 LEU 15 14 14 LEU LEU A . n 
A 1 16 ALA 16 15 15 ALA ALA A . n 
A 1 17 PRO 17 16 16 PRO PRO A . n 
A 1 18 GLN 18 17 17 GLN GLN A . n 
A 1 19 LEU 19 18 18 LEU LEU A . n 
A 1 20 LEU 20 19 19 LEU LEU A . n 
A 1 21 SER 21 20 20 SER SER A . n 
A 1 22 GLN 22 21 21 GLN GLN A . n 
A 1 23 SER 23 22 22 SER SER A . n 
A 1 24 HIS 24 23 23 HIS HIS A . n 
A 1 25 LEU 25 24 24 LEU LEU A . n 
A 1 26 GLN 26 25 25 GLN GLN A . n 
A 1 27 THR 27 26 26 THR THR A . n 
A 1 28 PHE 28 27 27 PHE PHE A . n 
A 1 29 VAL 29 28 28 VAL VAL A . n 
A 1 30 SER 30 29 29 SER SER A . n 
A 1 31 ASP 31 30 30 ASP ASP A . n 
A 1 32 VAL 32 31 31 VAL VAL A . n 
A 1 33 VAL 33 32 32 VAL VAL A . n 
A 1 34 ASN 34 33 33 ASN ASN A . n 
A 1 35 LEU 35 34 34 LEU LEU A . n 
A 1 36 LEU 36 35 35 LEU LEU A . n 
A 1 37 ARG 37 36 36 ARG ARG A . n 
A 1 38 SER 38 37 37 SER SER A . n 
A 1 39 SER 39 38 38 SER SER A . n 
A 1 40 THR 40 39 39 THR THR A . n 
A 1 41 LYS 41 40 40 LYS LYS A . n 
A 1 42 SER 42 41 41 SER SER A . n 
A 1 43 ALA 43 42 42 ALA ALA A . n 
A 1 44 THR 44 43 43 THR THR A . n 
A 1 45 GLN 45 44 44 GLN GLN A . n 
A 1 46 LEU 46 45 45 LEU LEU A . n 
A 1 47 GLY 47 46 46 GLY GLY A . n 
A 1 48 PRO 48 47 47 PRO PRO A . n 
A 1 49 LEU 49 48 48 LEU LEU A . n 
A 1 50 ILE 50 49 49 ILE ILE A . n 
A 1 51 ASP 51 50 50 ASP ASP A . n 
A 1 52 PHE 52 51 51 PHE PHE A . n 
A 1 53 TYR 53 52 52 TYR TYR A . n 
A 1 54 LYS 54 53 53 LYS LYS A . n 
A 1 55 LEU 55 54 54 LEU LEU A . n 
A 1 56 GLN 56 55 55 GLN GLN A . n 
A 1 57 SER 57 56 56 SER SER A . n 
A 1 58 LEU 58 57 57 LEU LEU A . n 
A 1 59 ASP 59 58 58 ASP ASP A . n 
A 1 60 SER 60 59 59 SER SER A . n 
A 1 61 PRO 61 60 60 PRO PRO A . n 
A 1 62 GLU 62 61 61 GLU GLU A . n 
A 1 63 THR 63 62 62 THR THR A . n 
A 1 64 THR 64 63 63 THR THR A . n 
A 1 65 ILE 65 64 64 ILE ILE A . n 
A 1 66 MET 66 65 65 MET MET A . n 
A 1 67 TRP 67 66 66 TRP TRP A . n 
A 1 68 HIS 68 67 67 HIS HIS A . n 
A 1 69 LYS 69 68 68 LYS LYS A . n 
A 1 70 ILE 70 69 69 ILE ILE A . n 
A 1 71 GLU 71 70 70 GLU GLU A . n 
A 1 72 LYS 72 71 71 LYS LYS A . n 
A 1 73 PHE 73 72 72 PHE PHE A . n 
A 1 74 LEU 74 73 73 LEU LEU A . n 
A 1 75 ASP 75 74 74 ASP ASP A . n 
A 1 76 ALA 76 75 75 ALA ALA A . n 
A 1 77 LEU 77 76 76 LEU LEU A . n 
A 1 78 PHE 78 77 77 PHE PHE A . n 
A 1 79 GLY 79 78 78 GLY GLY A . n 
A 1 80 ILE 80 79 79 ILE ILE A . n 
A 1 81 GLN 81 80 80 GLN GLN A . n 
A 1 82 ASN 82 81 81 ASN ASN A . n 
A 1 83 THR 83 82 82 THR THR A . n 
A 1 84 ASP 84 83 83 ASP ASP A . n 
A 1 85 ASP 85 84 84 ASP ASP A . n 
A 1 86 MET 86 85 85 MET MET A . n 
A 1 87 VAL 87 86 86 VAL VAL A . n 
A 1 88 LYS 88 87 87 LYS LYS A . n 
A 1 89 TYR 89 88 88 TYR TYR A . n 
A 1 90 LEU 90 89 89 LEU LEU A . n 
A 1 91 SER 91 90 90 SER SER A . n 
A 1 92 VAL 92 91 91 VAL VAL A . n 
A 1 93 PHE 93 92 92 PHE PHE A . n 
A 1 94 GLN 94 93 93 GLN GLN A . n 
A 1 95 SER 95 94 94 SER SER A . n 
A 1 96 LEU 96 95 95 LEU LEU A . n 
# 
loop_
_pdbx_nonpoly_scheme.asym_id 
_pdbx_nonpoly_scheme.entity_id 
_pdbx_nonpoly_scheme.mon_id 
_pdbx_nonpoly_scheme.ndb_seq_num 
_pdbx_nonpoly_scheme.pdb_seq_num 
_pdbx_nonpoly_scheme.auth_seq_num 
_pdbx_nonpoly_scheme.pdb_mon_id 
_pdbx_nonpoly_scheme.auth_mon_id 
_pdbx_nonpoly_scheme.pdb_strand_id 
_pdbx_nonpoly_scheme.pdb_ins_code 
B 2 HOH 1  101 41 HOH HOH A . 
B 2 HOH 2  102 30 HOH HOH A . 
B 2 HOH 3  103 43 HOH HOH A . 
B 2 HOH 4  104 25 HOH HOH A . 
B 2 HOH 5  105 17 HOH HOH A . 
B 2 HOH 6  106 32 HOH HOH A . 
B 2 HOH 7  107 45 HOH HOH A . 
B 2 HOH 8  108 47 HOH HOH A . 
B 2 HOH 9  109 31 HOH HOH A . 
B 2 HOH 10 110 10 HOH HOH A . 
B 2 HOH 11 111 46 HOH HOH A . 
B 2 HOH 12 112 21 HOH HOH A . 
B 2 HOH 13 113 18 HOH HOH A . 
B 2 HOH 14 114 6  HOH HOH A . 
B 2 HOH 15 115 37 HOH HOH A . 
B 2 HOH 16 116 38 HOH HOH A . 
B 2 HOH 17 117 11 HOH HOH A . 
B 2 HOH 18 118 1  HOH HOH A . 
B 2 HOH 19 119 16 HOH HOH A . 
B 2 HOH 20 120 27 HOH HOH A . 
B 2 HOH 21 121 7  HOH HOH A . 
B 2 HOH 22 122 13 HOH HOH A . 
B 2 HOH 23 123 42 HOH HOH A . 
B 2 HOH 24 124 35 HOH HOH A . 
B 2 HOH 25 125 9  HOH HOH A . 
B 2 HOH 26 126 5  HOH HOH A . 
B 2 HOH 27 127 24 HOH HOH A . 
B 2 HOH 28 128 15 HOH HOH A . 
B 2 HOH 29 129 26 HOH HOH A . 
B 2 HOH 30 130 2  HOH HOH A . 
B 2 HOH 31 131 29 HOH HOH A . 
B 2 HOH 32 132 33 HOH HOH A . 
B 2 HOH 33 133 8  HOH HOH A . 
B 2 HOH 34 134 40 HOH HOH A . 
B 2 HOH 35 135 23 HOH HOH A . 
B 2 HOH 36 136 19 HOH HOH A . 
B 2 HOH 37 137 44 HOH HOH A . 
B 2 HOH 38 138 3  HOH HOH A . 
B 2 HOH 39 139 22 HOH HOH A . 
B 2 HOH 40 140 20 HOH HOH A . 
B 2 HOH 41 141 14 HOH HOH A . 
B 2 HOH 42 142 28 HOH HOH A . 
B 2 HOH 43 143 39 HOH HOH A . 
B 2 HOH 44 144 36 HOH HOH A . 
# 
loop_
_software.citation_id 
_software.classification 
_software.compiler_name 
_software.compiler_version 
_software.contact_author 
_software.contact_author_email 
_software.date 
_software.description 
_software.dependencies 
_software.hardware 
_software.language 
_software.location 
_software.mods 
_software.name 
_software.os 
_software.os_version 
_software.type 
_software.version 
_software.pdbx_ordinal 
? refinement       ? ? ? ? ? ? ? ? ? ? ? PHENIX ? ? ? '(1.17.1_3660: ???)' 1 
? 'data reduction' ? ? ? ? ? ? ? ? ? ? ? DIALS  ? ? ? .                    2 
? 'data scaling'   ? ? ? ? ? ? ? ? ? ? ? DIALS  ? ? ? .                    3 
? phasing          ? ? ? ? ? ? ? ? ? ? ? MOLREP ? ? ? .                    4 
# 
_cell.angle_alpha                  90.00 
_cell.angle_alpha_esd              ? 
_cell.angle_beta                   90.00 
_cell.angle_beta_esd               ? 
_cell.angle_gamma                  90.00 
_cell.angle_gamma_esd              ? 
_cell.entry_id                     8QRY 
_cell.details                      ? 
_cell.formula_units_Z              ? 
_cell.length_a                     28.304 
_cell.length_a_esd                 ? 
_cell.length_b                     45.284 
_cell.length_b_esd                 ? 
_cell.length_c                     65.569 
_cell.length_c_esd                 ? 
_cell.volume                       ? 
_cell.volume_esd                   ? 
_cell.Z_PDB                        4 
_cell.reciprocal_angle_alpha       ? 
_cell.reciprocal_angle_beta        ? 
_cell.reciprocal_angle_gamma       ? 
_cell.reciprocal_angle_alpha_esd   ? 
_cell.reciprocal_angle_beta_esd    ? 
_cell.reciprocal_angle_gamma_esd   ? 
_cell.reciprocal_length_a          ? 
_cell.reciprocal_length_b          ? 
_cell.reciprocal_length_c          ? 
_cell.reciprocal_length_a_esd      ? 
_cell.reciprocal_length_b_esd      ? 
_cell.reciprocal_length_c_esd      ? 
_cell.pdbx_unique_axis             ? 
_cell.pdbx_esd_method              ? 
# 
_symmetry.entry_id                         8QRY 
_symmetry.cell_setting                     ? 
_symmetry.Int_Tables_number                19 
_symmetry.space_group_name_Hall            ? 
_symmetry.space_group_name_H-M             'P 21 21 21' 
_symmetry.pdbx_full_space_group_name_H-M   ? 
# 
_exptl.absorpt_coefficient_mu     ? 
_exptl.absorpt_correction_T_max   ? 
_exptl.absorpt_correction_T_min   ? 
_exptl.absorpt_correction_type    ? 
_exptl.absorpt_process_details    ? 
_exptl.entry_id                   8QRY 
_exptl.crystals_number            1 
_exptl.details                    ? 
_exptl.method                     'X-RAY DIFFRACTION' 
_exptl.method_details             ? 
# 
_exptl_crystal.colour                       ? 
_exptl_crystal.density_diffrn               ? 
_exptl_crystal.density_Matthews             1.94 
_exptl_crystal.density_method               ? 
_exptl_crystal.density_percent_sol          36.62 
_exptl_crystal.description                  ? 
_exptl_crystal.F_000                        ? 
_exptl_crystal.id                           1 
_exptl_crystal.preparation                  ? 
_exptl_crystal.size_max                     ? 
_exptl_crystal.size_mid                     ? 
_exptl_crystal.size_min                     ? 
_exptl_crystal.size_rad                     ? 
_exptl_crystal.colour_lustre                ? 
_exptl_crystal.colour_modifier              ? 
_exptl_crystal.colour_primary               ? 
_exptl_crystal.density_meas                 ? 
_exptl_crystal.density_meas_esd             ? 
_exptl_crystal.density_meas_gt              ? 
_exptl_crystal.density_meas_lt              ? 
_exptl_crystal.density_meas_temp            ? 
_exptl_crystal.density_meas_temp_esd        ? 
_exptl_crystal.density_meas_temp_gt         ? 
_exptl_crystal.density_meas_temp_lt         ? 
_exptl_crystal.pdbx_crystal_image_url       ? 
_exptl_crystal.pdbx_crystal_image_format    ? 
_exptl_crystal.pdbx_mosaicity               ? 
_exptl_crystal.pdbx_mosaicity_esd           ? 
_exptl_crystal.pdbx_mosaic_method           ? 
_exptl_crystal.pdbx_mosaic_block_size       ? 
_exptl_crystal.pdbx_mosaic_block_size_esd   ? 
# 
_exptl_crystal_grow.apparatus       ? 
_exptl_crystal_grow.atmosphere      ? 
_exptl_crystal_grow.crystal_id      1 
_exptl_crystal_grow.details         ? 
_exptl_crystal_grow.method          'VAPOR DIFFUSION, SITTING DROP' 
_exptl_crystal_grow.method_ref      ? 
_exptl_crystal_grow.pH              ? 
_exptl_crystal_grow.pressure        ? 
_exptl_crystal_grow.pressure_esd    ? 
_exptl_crystal_grow.seeding         ? 
_exptl_crystal_grow.seeding_ref     ? 
_exptl_crystal_grow.temp_details    ? 
_exptl_crystal_grow.temp_esd        ? 
_exptl_crystal_grow.time            ? 
_exptl_crystal_grow.pdbx_details    
'Morpheus B4: PEG 3350/PEG 1K/MPD (1:1:1) 37.5%, MES/imidazole 0.1M pH 6.5, Morpheus Halides 90 mM' 
_exptl_crystal_grow.pdbx_pH_range   ? 
_exptl_crystal_grow.temp            291 
# 
_diffrn.ambient_environment              ? 
_diffrn.ambient_temp                     100 
_diffrn.ambient_temp_details             ? 
_diffrn.ambient_temp_esd                 ? 
_diffrn.crystal_id                       1 
_diffrn.crystal_support                  ? 
_diffrn.crystal_treatment                ? 
_diffrn.details                          ? 
_diffrn.id                               1 
_diffrn.ambient_pressure                 ? 
_diffrn.ambient_pressure_esd             ? 
_diffrn.ambient_pressure_gt              ? 
_diffrn.ambient_pressure_lt              ? 
_diffrn.ambient_temp_gt                  ? 
_diffrn.ambient_temp_lt                  ? 
_diffrn.pdbx_serial_crystal_experiment   N 
# 
_diffrn_detector.details                      ? 
_diffrn_detector.detector                     'IMAGE PLATE' 
_diffrn_detector.diffrn_id                    1 
_diffrn_detector.type                         'MAR scanner 345 mm plate' 
_diffrn_detector.area_resol_mean              ? 
_diffrn_detector.dtime                        ? 
_diffrn_detector.pdbx_frames_total            ? 
_diffrn_detector.pdbx_collection_time_total   ? 
_diffrn_detector.pdbx_collection_date         2021-08-17 
_diffrn_detector.pdbx_frequency               ? 
_diffrn_detector.id                           ? 
_diffrn_detector.number_of_axes               ? 
# 
_diffrn_radiation.collimation                      ? 
_diffrn_radiation.diffrn_id                        1 
_diffrn_radiation.filter_edge                      ? 
_diffrn_radiation.inhomogeneity                    ? 
_diffrn_radiation.monochromator                    ? 
_diffrn_radiation.polarisn_norm                    ? 
_diffrn_radiation.polarisn_ratio                   ? 
_diffrn_radiation.probe                            ? 
_diffrn_radiation.type                             ? 
_diffrn_radiation.xray_symbol                      ? 
_diffrn_radiation.wavelength_id                    1 
_diffrn_radiation.pdbx_monochromatic_or_laue_m_l   M 
_diffrn_radiation.pdbx_wavelength_list             ? 
_diffrn_radiation.pdbx_wavelength                  ? 
_diffrn_radiation.pdbx_diffrn_protocol             'SINGLE WAVELENGTH' 
_diffrn_radiation.pdbx_analyzer                    ? 
_diffrn_radiation.pdbx_scattering_type             x-ray 
# 
_diffrn_radiation_wavelength.id           1 
_diffrn_radiation_wavelength.wavelength   1.5 
_diffrn_radiation_wavelength.wt           1.0 
# 
_diffrn_source.current                     ? 
_diffrn_source.details                     ? 
_diffrn_source.diffrn_id                   1 
_diffrn_source.power                       ? 
_diffrn_source.size                        ? 
_diffrn_source.source                      'ROTATING ANODE' 
_diffrn_source.target                      ? 
_diffrn_source.type                        'RIGAKU FR-E+ SUPERBRIGHT' 
_diffrn_source.voltage                     ? 
_diffrn_source.take-off_angle              ? 
_diffrn_source.pdbx_wavelength_list        1.5 
_diffrn_source.pdbx_wavelength             ? 
_diffrn_source.pdbx_synchrotron_beamline   ? 
_diffrn_source.pdbx_synchrotron_site       ? 
# 
_reflns.B_iso_Wilson_estimate                          ? 
_reflns.entry_id                                       8QRY 
_reflns.data_reduction_details                         ? 
_reflns.data_reduction_method                          ? 
_reflns.d_resolution_high                              1.87 
_reflns.d_resolution_low                               65.57 
_reflns.details                                        ? 
_reflns.limit_h_max                                    ? 
_reflns.limit_h_min                                    ? 
_reflns.limit_k_max                                    ? 
_reflns.limit_k_min                                    ? 
_reflns.limit_l_max                                    ? 
_reflns.limit_l_min                                    ? 
_reflns.number_all                                     ? 
_reflns.number_obs                                     7339 
_reflns.observed_criterion                             ? 
_reflns.observed_criterion_F_max                       ? 
_reflns.observed_criterion_F_min                       ? 
_reflns.observed_criterion_I_max                       ? 
_reflns.observed_criterion_I_min                       ? 
_reflns.observed_criterion_sigma_F                     ? 
_reflns.observed_criterion_sigma_I                     ? 
_reflns.percent_possible_obs                           99.24 
_reflns.R_free_details                                 ? 
_reflns.Rmerge_F_all                                   ? 
_reflns.Rmerge_F_obs                                   ? 
_reflns.Friedel_coverage                               ? 
_reflns.number_gt                                      ? 
_reflns.threshold_expression                           ? 
_reflns.pdbx_redundancy                                3.3 
_reflns.pdbx_netI_over_av_sigmaI                       ? 
_reflns.pdbx_netI_over_sigmaI                          8.7 
_reflns.pdbx_res_netI_over_av_sigmaI_2                 ? 
_reflns.pdbx_res_netI_over_sigmaI_2                    ? 
_reflns.pdbx_chi_squared                               ? 
_reflns.pdbx_scaling_rejects                           ? 
_reflns.pdbx_d_res_high_opt                            ? 
_reflns.pdbx_d_res_low_opt                             ? 
_reflns.pdbx_d_res_opt_method                          ? 
_reflns.phase_calculation_details                      ? 
_reflns.pdbx_Rrim_I_all                                0.124 
_reflns.pdbx_Rpim_I_all                                ? 
_reflns.pdbx_d_opt                                     ? 
_reflns.pdbx_number_measured_all                       ? 
_reflns.pdbx_diffrn_id                                 1 
_reflns.pdbx_ordinal                                   1 
_reflns.pdbx_CC_half                                   0.981 
_reflns.pdbx_CC_star                                   ? 
_reflns.pdbx_R_split                                   ? 
_reflns.pdbx_Rmerge_I_obs                              ? 
_reflns.pdbx_Rmerge_I_all                              ? 
_reflns.pdbx_Rsym_value                                ? 
_reflns.pdbx_CC_split_method                           ? 
_reflns.pdbx_aniso_diffraction_limit_axis_1_ortho[1]   ? 
_reflns.pdbx_aniso_diffraction_limit_axis_1_ortho[2]   ? 
_reflns.pdbx_aniso_diffraction_limit_axis_1_ortho[3]   ? 
_reflns.pdbx_aniso_diffraction_limit_axis_2_ortho[1]   ? 
_reflns.pdbx_aniso_diffraction_limit_axis_2_ortho[2]   ? 
_reflns.pdbx_aniso_diffraction_limit_axis_2_ortho[3]   ? 
_reflns.pdbx_aniso_diffraction_limit_axis_3_ortho[1]   ? 
_reflns.pdbx_aniso_diffraction_limit_axis_3_ortho[2]   ? 
_reflns.pdbx_aniso_diffraction_limit_axis_3_ortho[3]   ? 
_reflns.pdbx_aniso_diffraction_limit_1                 ? 
_reflns.pdbx_aniso_diffraction_limit_2                 ? 
_reflns.pdbx_aniso_diffraction_limit_3                 ? 
_reflns.pdbx_aniso_B_tensor_eigenvector_1_ortho[1]     ? 
_reflns.pdbx_aniso_B_tensor_eigenvector_1_ortho[2]     ? 
_reflns.pdbx_aniso_B_tensor_eigenvector_1_ortho[3]     ? 
_reflns.pdbx_aniso_B_tensor_eigenvector_2_ortho[1]     ? 
_reflns.pdbx_aniso_B_tensor_eigenvector_2_ortho[2]     ? 
_reflns.pdbx_aniso_B_tensor_eigenvector_2_ortho[3]     ? 
_reflns.pdbx_aniso_B_tensor_eigenvector_3_ortho[1]     ? 
_reflns.pdbx_aniso_B_tensor_eigenvector_3_ortho[2]     ? 
_reflns.pdbx_aniso_B_tensor_eigenvector_3_ortho[3]     ? 
_reflns.pdbx_aniso_B_tensor_eigenvalue_1               ? 
_reflns.pdbx_aniso_B_tensor_eigenvalue_2               ? 
_reflns.pdbx_aniso_B_tensor_eigenvalue_3               ? 
_reflns.pdbx_orthogonalization_convention              ? 
_reflns.pdbx_percent_possible_ellipsoidal              ? 
_reflns.pdbx_percent_possible_spherical                ? 
_reflns.pdbx_percent_possible_ellipsoidal_anomalous    ? 
_reflns.pdbx_percent_possible_spherical_anomalous      ? 
_reflns.pdbx_redundancy_anomalous                      ? 
_reflns.pdbx_CC_half_anomalous                         ? 
_reflns.pdbx_absDiff_over_sigma_anomalous              ? 
_reflns.pdbx_percent_possible_anomalous                ? 
_reflns.pdbx_observed_signal_threshold                 ? 
_reflns.pdbx_signal_type                               ? 
_reflns.pdbx_signal_details                            ? 
_reflns.pdbx_signal_software_id                        ? 
# 
_reflns_shell.d_res_high                                    1.87 
_reflns_shell.d_res_low                                     1.90 
_reflns_shell.meanI_over_sigI_all                           ? 
_reflns_shell.meanI_over_sigI_obs                           ? 
_reflns_shell.number_measured_all                           ? 
_reflns_shell.number_measured_obs                           ? 
_reflns_shell.number_possible                               ? 
_reflns_shell.number_unique_all                             ? 
_reflns_shell.number_unique_obs                             282 
_reflns_shell.percent_possible_obs                          ? 
_reflns_shell.Rmerge_F_all                                  ? 
_reflns_shell.Rmerge_F_obs                                  ? 
_reflns_shell.meanI_over_sigI_gt                            ? 
_reflns_shell.meanI_over_uI_all                             ? 
_reflns_shell.meanI_over_uI_gt                              ? 
_reflns_shell.number_measured_gt                            ? 
_reflns_shell.number_unique_gt                              ? 
_reflns_shell.percent_possible_gt                           ? 
_reflns_shell.Rmerge_F_gt                                   ? 
_reflns_shell.Rmerge_I_gt                                   ? 
_reflns_shell.pdbx_redundancy                               ? 
_reflns_shell.pdbx_chi_squared                              ? 
_reflns_shell.pdbx_netI_over_sigmaI_all                     ? 
_reflns_shell.pdbx_netI_over_sigmaI_obs                     ? 
_reflns_shell.pdbx_Rrim_I_all                               0.434 
_reflns_shell.pdbx_Rpim_I_all                               ? 
_reflns_shell.pdbx_rejects                                  ? 
_reflns_shell.pdbx_ordinal                                  1 
_reflns_shell.pdbx_diffrn_id                                1 
_reflns_shell.pdbx_CC_half                                  0.596 
_reflns_shell.pdbx_CC_star                                  ? 
_reflns_shell.pdbx_R_split                                  ? 
_reflns_shell.percent_possible_all                          ? 
_reflns_shell.Rmerge_I_all                                  ? 
_reflns_shell.Rmerge_I_obs                                  ? 
_reflns_shell.pdbx_Rsym_value                               ? 
_reflns_shell.pdbx_percent_possible_ellipsoidal             ? 
_reflns_shell.pdbx_percent_possible_spherical               ? 
_reflns_shell.pdbx_percent_possible_ellipsoidal_anomalous   ? 
_reflns_shell.pdbx_percent_possible_spherical_anomalous     ? 
_reflns_shell.pdbx_redundancy_anomalous                     ? 
_reflns_shell.pdbx_CC_half_anomalous                        ? 
_reflns_shell.pdbx_absDiff_over_sigma_anomalous             ? 
_reflns_shell.pdbx_percent_possible_anomalous               ? 
# 
_refine.aniso_B[1][1]                            ? 
_refine.aniso_B[1][2]                            ? 
_refine.aniso_B[1][3]                            ? 
_refine.aniso_B[2][2]                            ? 
_refine.aniso_B[2][3]                            ? 
_refine.aniso_B[3][3]                            ? 
_refine.B_iso_max                                ? 
_refine.B_iso_mean                               ? 
_refine.B_iso_min                                ? 
_refine.correlation_coeff_Fo_to_Fc               ? 
_refine.correlation_coeff_Fo_to_Fc_free          ? 
_refine.details                                  ? 
_refine.diff_density_max                         ? 
_refine.diff_density_max_esd                     ? 
_refine.diff_density_min                         ? 
_refine.diff_density_min_esd                     ? 
_refine.diff_density_rms                         ? 
_refine.diff_density_rms_esd                     ? 
_refine.entry_id                                 8QRY 
_refine.pdbx_refine_id                           'X-RAY DIFFRACTION' 
_refine.ls_abs_structure_details                 ? 
_refine.ls_abs_structure_Flack                   ? 
_refine.ls_abs_structure_Flack_esd               ? 
_refine.ls_abs_structure_Rogers                  ? 
_refine.ls_abs_structure_Rogers_esd              ? 
_refine.ls_d_res_high                            1.87 
_refine.ls_d_res_low                             37.26 
_refine.ls_extinction_coef                       ? 
_refine.ls_extinction_coef_esd                   ? 
_refine.ls_extinction_expression                 ? 
_refine.ls_extinction_method                     ? 
_refine.ls_goodness_of_fit_all                   ? 
_refine.ls_goodness_of_fit_all_esd               ? 
_refine.ls_goodness_of_fit_obs                   ? 
_refine.ls_goodness_of_fit_obs_esd               ? 
_refine.ls_hydrogen_treatment                    ? 
_refine.ls_matrix_type                           ? 
_refine.ls_number_constraints                    ? 
_refine.ls_number_parameters                     ? 
_refine.ls_number_reflns_all                     ? 
_refine.ls_number_reflns_obs                     7294 
_refine.ls_number_reflns_R_free                  331 
_refine.ls_number_reflns_R_work                  ? 
_refine.ls_number_restraints                     ? 
_refine.ls_percent_reflns_obs                    98.63 
_refine.ls_percent_reflns_R_free                 4.54 
_refine.ls_R_factor_all                          ? 
_refine.ls_R_factor_obs                          0.2413 
_refine.ls_R_factor_R_free                       0.3017 
_refine.ls_R_factor_R_free_error                 ? 
_refine.ls_R_factor_R_free_error_details         ? 
_refine.ls_R_factor_R_work                       0.2385 
_refine.ls_R_Fsqd_factor_obs                     ? 
_refine.ls_R_I_factor_obs                        ? 
_refine.ls_redundancy_reflns_all                 ? 
_refine.ls_redundancy_reflns_obs                 ? 
_refine.ls_restrained_S_all                      ? 
_refine.ls_restrained_S_obs                      ? 
_refine.ls_shift_over_esd_max                    ? 
_refine.ls_shift_over_esd_mean                   ? 
_refine.ls_structure_factor_coef                 ? 
_refine.ls_weighting_details                     ? 
_refine.ls_weighting_scheme                      ? 
_refine.ls_wR_factor_all                         ? 
_refine.ls_wR_factor_obs                         ? 
_refine.ls_wR_factor_R_free                      ? 
_refine.ls_wR_factor_R_work                      ? 
_refine.occupancy_max                            ? 
_refine.occupancy_min                            ? 
_refine.solvent_model_details                    'FLAT BULK SOLVENT MODEL' 
_refine.solvent_model_param_bsol                 ? 
_refine.solvent_model_param_ksol                 ? 
_refine.pdbx_R_complete                          ? 
_refine.ls_R_factor_gt                           ? 
_refine.ls_goodness_of_fit_gt                    ? 
_refine.ls_goodness_of_fit_ref                   ? 
_refine.ls_shift_over_su_max                     ? 
_refine.ls_shift_over_su_max_lt                  ? 
_refine.ls_shift_over_su_mean                    ? 
_refine.ls_shift_over_su_mean_lt                 ? 
_refine.pdbx_ls_sigma_I                          ? 
_refine.pdbx_ls_sigma_F                          1.38 
_refine.pdbx_ls_sigma_Fsqd                       ? 
_refine.pdbx_data_cutoff_high_absF               ? 
_refine.pdbx_data_cutoff_high_rms_absF           ? 
_refine.pdbx_data_cutoff_low_absF                ? 
_refine.pdbx_isotropic_thermal_model             ? 
_refine.pdbx_ls_cross_valid_method               'FREE R-VALUE' 
_refine.pdbx_method_to_determine_struct          'MOLECULAR REPLACEMENT' 
_refine.pdbx_starting_model                      ? 
_refine.pdbx_stereochemistry_target_values       ML 
_refine.pdbx_R_Free_selection_details            ? 
_refine.pdbx_stereochem_target_val_spec_case     ? 
_refine.pdbx_overall_ESU_R                       ? 
_refine.pdbx_overall_ESU_R_Free                  ? 
_refine.pdbx_solvent_vdw_probe_radii             1.11 
_refine.pdbx_solvent_ion_probe_radii             ? 
_refine.pdbx_solvent_shrinkage_radii             0.90 
_refine.pdbx_real_space_R                        ? 
_refine.pdbx_density_correlation                 ? 
_refine.pdbx_pd_number_of_powder_patterns        ? 
_refine.pdbx_pd_number_of_points                 ? 
_refine.pdbx_pd_meas_number_of_points            ? 
_refine.pdbx_pd_proc_ls_prof_R_factor            ? 
_refine.pdbx_pd_proc_ls_prof_wR_factor           ? 
_refine.pdbx_pd_Marquardt_correlation_coeff      ? 
_refine.pdbx_pd_Fsqrd_R_factor                   ? 
_refine.pdbx_pd_ls_matrix_band_width             ? 
_refine.pdbx_overall_phase_error                 29.62 
_refine.pdbx_overall_SU_R_free_Cruickshank_DPI   ? 
_refine.pdbx_overall_SU_R_free_Blow_DPI          ? 
_refine.pdbx_overall_SU_R_Blow_DPI               ? 
_refine.pdbx_TLS_residual_ADP_flag               ? 
_refine.pdbx_diffrn_id                           1 
_refine.overall_SU_B                             ? 
_refine.overall_SU_ML                            0.14 
_refine.overall_SU_R_Cruickshank_DPI             ? 
_refine.overall_SU_R_free                        ? 
_refine.overall_FOM_free_R_set                   ? 
_refine.overall_FOM_work_R_set                   ? 
_refine.pdbx_average_fsc_overall                 ? 
_refine.pdbx_average_fsc_work                    ? 
_refine.pdbx_average_fsc_free                    ? 
# 
_refine_hist.pdbx_refine_id                   'X-RAY DIFFRACTION' 
_refine_hist.cycle_id                         LAST 
_refine_hist.pdbx_number_atoms_protein        762 
_refine_hist.pdbx_number_atoms_nucleic_acid   0 
_refine_hist.pdbx_number_atoms_ligand         0 
_refine_hist.number_atoms_solvent             44 
_refine_hist.number_atoms_total               806 
_refine_hist.d_res_high                       1.87 
_refine_hist.d_res_low                        37.26 
# 
loop_
_refine_ls_restr.pdbx_refine_id 
_refine_ls_restr.criterion 
_refine_ls_restr.dev_ideal 
_refine_ls_restr.dev_ideal_target 
_refine_ls_restr.number 
_refine_ls_restr.rejects 
_refine_ls_restr.type 
_refine_ls_restr.weight 
_refine_ls_restr.pdbx_restraint_function 
'X-RAY DIFFRACTION' ? 0.008 ? 777  ? f_bond_d           ? ? 
'X-RAY DIFFRACTION' ? 1.045 ? 1055 ? f_angle_d          ? ? 
'X-RAY DIFFRACTION' ? 6.936 ? 99   ? f_dihedral_angle_d ? ? 
'X-RAY DIFFRACTION' ? 0.057 ? 127  ? f_chiral_restr     ? ? 
'X-RAY DIFFRACTION' ? 0.009 ? 132  ? f_plane_restr      ? ? 
# 
loop_
_refine_ls_shell.pdbx_refine_id 
_refine_ls_shell.d_res_high 
_refine_ls_shell.d_res_low 
_refine_ls_shell.number_reflns_all 
_refine_ls_shell.number_reflns_obs 
_refine_ls_shell.number_reflns_R_free 
_refine_ls_shell.number_reflns_R_work 
_refine_ls_shell.percent_reflns_obs 
_refine_ls_shell.percent_reflns_R_free 
_refine_ls_shell.R_factor_all 
_refine_ls_shell.R_factor_obs 
_refine_ls_shell.R_factor_R_free_error 
_refine_ls_shell.R_factor_R_work 
_refine_ls_shell.redundancy_reflns_all 
_refine_ls_shell.redundancy_reflns_obs 
_refine_ls_shell.wR_factor_all 
_refine_ls_shell.wR_factor_obs 
_refine_ls_shell.wR_factor_R_free 
_refine_ls_shell.wR_factor_R_work 
_refine_ls_shell.pdbx_R_complete 
_refine_ls_shell.pdbx_total_number_of_bins_used 
_refine_ls_shell.pdbx_phase_error 
_refine_ls_shell.pdbx_fsc_work 
_refine_ls_shell.pdbx_fsc_free 
_refine_ls_shell.R_factor_R_free 
'X-RAY DIFFRACTION' 1.87 2.36  . . 156 3368 97.00  . . . . 0.2415 . . . . . . . . . . . 0.2927 
'X-RAY DIFFRACTION' 2.36 37.26 . . 175 3595 100.00 . . . . 0.2372 . . . . . . . . . . . 0.3054 
# 
_struct.entry_id                     8QRY 
_struct.title                        'Crystal structure of the yeast spindle body component Spc98' 
_struct.pdbx_model_details           ? 
_struct.pdbx_formula_weight          ? 
_struct.pdbx_formula_weight_method   ? 
_struct.pdbx_model_type_details      ? 
_struct.pdbx_CASP_flag               N 
# 
_struct_keywords.entry_id        8QRY 
_struct_keywords.text            'yeast cell division, yeast spindle pole body, CELL CYCLE' 
_struct_keywords.pdbx_keywords   'CELL CYCLE' 
# 
loop_
_struct_asym.id 
_struct_asym.pdbx_blank_PDB_chainid_flag 
_struct_asym.pdbx_modified 
_struct_asym.entity_id 
_struct_asym.details 
A N N 1 ? 
B N N 2 ? 
# 
_struct_ref.id                         1 
_struct_ref.db_name                    UNP 
_struct_ref.db_code                    A0A8H4BVY6_YEASX 
_struct_ref.pdbx_db_accession          A0A8H4BVY6 
_struct_ref.pdbx_db_isoform            ? 
_struct_ref.entity_id                  1 
_struct_ref.pdbx_seq_one_letter_code   
;MELEPTLFGIIEALAPQLLSQSHLQTFVSDVVNLLRSSTKSATQLGPLIDFYKLQSLDSPETTIMWHKIEKFLDALFGIQ
NTDDMVKYLSVFQSL
;
_struct_ref.pdbx_align_begin           1 
# 
_struct_ref_seq.align_id                      1 
_struct_ref_seq.ref_id                        1 
_struct_ref_seq.pdbx_PDB_id_code              8QRY 
_struct_ref_seq.pdbx_strand_id                A 
_struct_ref_seq.seq_align_beg                 2 
_struct_ref_seq.pdbx_seq_align_beg_ins_code   ? 
_struct_ref_seq.seq_align_end                 96 
_struct_ref_seq.pdbx_seq_align_end_ins_code   ? 
_struct_ref_seq.pdbx_db_accession             A0A8H4BVY6 
_struct_ref_seq.db_align_beg                  1 
_struct_ref_seq.pdbx_db_align_beg_ins_code    ? 
_struct_ref_seq.db_align_end                  95 
_struct_ref_seq.pdbx_db_align_end_ins_code    ? 
_struct_ref_seq.pdbx_auth_seq_align_beg       1 
_struct_ref_seq.pdbx_auth_seq_align_end       95 
# 
_struct_ref_seq_dif.align_id                     1 
_struct_ref_seq_dif.pdbx_pdb_id_code             8QRY 
_struct_ref_seq_dif.mon_id                       ALA 
_struct_ref_seq_dif.pdbx_pdb_strand_id           A 
_struct_ref_seq_dif.seq_num                      1 
_struct_ref_seq_dif.pdbx_pdb_ins_code            ? 
_struct_ref_seq_dif.pdbx_seq_db_name             UNP 
_struct_ref_seq_dif.pdbx_seq_db_accession_code   A0A8H4BVY6 
_struct_ref_seq_dif.db_mon_id                    ? 
_struct_ref_seq_dif.pdbx_seq_db_seq_num          ? 
_struct_ref_seq_dif.details                      'expression tag' 
_struct_ref_seq_dif.pdbx_auth_seq_num            0 
_struct_ref_seq_dif.pdbx_ordinal                 1 
# 
_pdbx_struct_assembly.id                   1 
_pdbx_struct_assembly.details              author_defined_assembly 
_pdbx_struct_assembly.method_details       ? 
_pdbx_struct_assembly.oligomeric_details   monomeric 
_pdbx_struct_assembly.oligomeric_count     1 
# 
loop_
_pdbx_struct_assembly_prop.biol_id 
_pdbx_struct_assembly_prop.type 
_pdbx_struct_assembly_prop.value 
_pdbx_struct_assembly_prop.details 
1 'ABSA (A^2)' 0    ? 
1 MORE         0    ? 
1 'SSA (A^2)'  6150 ? 
# 
_pdbx_struct_assembly_gen.assembly_id       1 
_pdbx_struct_assembly_gen.oper_expression   1 
_pdbx_struct_assembly_gen.asym_id_list      A,B 
# 
_pdbx_struct_assembly_auth_evidence.id                     1 
_pdbx_struct_assembly_auth_evidence.assembly_id            1 
_pdbx_struct_assembly_auth_evidence.experimental_support   'light scattering' 
_pdbx_struct_assembly_auth_evidence.details                ? 
# 
_pdbx_struct_oper_list.id                   1 
_pdbx_struct_oper_list.type                 'identity operation' 
_pdbx_struct_oper_list.name                 1_555 
_pdbx_struct_oper_list.symmetry_operation   x,y,z 
_pdbx_struct_oper_list.matrix[1][1]         1.0000000000 
_pdbx_struct_oper_list.matrix[1][2]         0.0000000000 
_pdbx_struct_oper_list.matrix[1][3]         0.0000000000 
_pdbx_struct_oper_list.vector[1]            0.0000000000 
_pdbx_struct_oper_list.matrix[2][1]         0.0000000000 
_pdbx_struct_oper_list.matrix[2][2]         1.0000000000 
_pdbx_struct_oper_list.matrix[2][3]         0.0000000000 
_pdbx_struct_oper_list.vector[2]            0.0000000000 
_pdbx_struct_oper_list.matrix[3][1]         0.0000000000 
_pdbx_struct_oper_list.matrix[3][2]         0.0000000000 
_pdbx_struct_oper_list.matrix[3][3]         1.0000000000 
_pdbx_struct_oper_list.vector[3]            0.0000000000 
# 
loop_
_struct_conf.conf_type_id 
_struct_conf.id 
_struct_conf.pdbx_PDB_helix_id 
_struct_conf.beg_label_comp_id 
_struct_conf.beg_label_asym_id 
_struct_conf.beg_label_seq_id 
_struct_conf.pdbx_beg_PDB_ins_code 
_struct_conf.end_label_comp_id 
_struct_conf.end_label_asym_id 
_struct_conf.end_label_seq_id 
_struct_conf.pdbx_end_PDB_ins_code 
_struct_conf.beg_auth_comp_id 
_struct_conf.beg_auth_asym_id 
_struct_conf.beg_auth_seq_id 
_struct_conf.end_auth_comp_id 
_struct_conf.end_auth_asym_id 
_struct_conf.end_auth_seq_id 
_struct_conf.pdbx_PDB_helix_class 
_struct_conf.details 
_struct_conf.pdbx_PDB_helix_length 
HELX_P HELX_P1 AA1 GLU A 3  ? ALA A 16 ? GLU A 2  ALA A 15 1 ? 14 
HELX_P HELX_P2 AA2 SER A 21 ? ARG A 37 ? SER A 20 ARG A 36 1 ? 17 
HELX_P HELX_P3 AA3 GLN A 45 ? LEU A 55 ? GLN A 44 LEU A 54 1 ? 11 
HELX_P HELX_P4 AA4 SER A 60 ? PHE A 78 ? SER A 59 PHE A 77 1 ? 19 
HELX_P HELX_P5 AA5 ASN A 82 ? GLN A 94 ? ASN A 81 GLN A 93 1 ? 13 
# 
_struct_conf_type.id          HELX_P 
_struct_conf_type.criteria    ? 
_struct_conf_type.reference   ? 
# 
_pdbx_entry_details.entry_id                   8QRY 
_pdbx_entry_details.compound_details           ? 
_pdbx_entry_details.source_details             ? 
_pdbx_entry_details.nonpolymer_details         ? 
_pdbx_entry_details.sequence_details           ? 
_pdbx_entry_details.has_ligand_of_interest     ? 
_pdbx_entry_details.has_protein_modification   N 
# 
loop_
_pdbx_validate_close_contact.id 
_pdbx_validate_close_contact.PDB_model_num 
_pdbx_validate_close_contact.auth_atom_id_1 
_pdbx_validate_close_contact.auth_asym_id_1 
_pdbx_validate_close_contact.auth_comp_id_1 
_pdbx_validate_close_contact.auth_seq_id_1 
_pdbx_validate_close_contact.PDB_ins_code_1 
_pdbx_validate_close_contact.label_alt_id_1 
_pdbx_validate_close_contact.auth_atom_id_2 
_pdbx_validate_close_contact.auth_asym_id_2 
_pdbx_validate_close_contact.auth_comp_id_2 
_pdbx_validate_close_contact.auth_seq_id_2 
_pdbx_validate_close_contact.PDB_ins_code_2 
_pdbx_validate_close_contact.label_alt_id_2 
_pdbx_validate_close_contact.dist 
1 1 CB  A THR 39  ? ? O A HOH 128 ? ? 1.83 
2 1 O   A HOH 139 ? ? O A HOH 142 ? ? 2.07 
3 1 CB  A THR 43  ? ? O A HOH 106 ? ? 2.12 
4 1 OD1 A ASP 30  ? ? O A HOH 101 ? ? 2.12 
5 1 OD1 A ASP 84  ? ? O A HOH 102 ? ? 2.12 
# 
_pdbx_validate_torsion.id              1 
_pdbx_validate_torsion.PDB_model_num   1 
_pdbx_validate_torsion.auth_comp_id    ALA 
_pdbx_validate_torsion.auth_asym_id    A 
_pdbx_validate_torsion.auth_seq_id     42 
_pdbx_validate_torsion.PDB_ins_code    ? 
_pdbx_validate_torsion.label_alt_id    ? 
_pdbx_validate_torsion.phi             55.51 
_pdbx_validate_torsion.psi             -130.33 
# 
loop_
_chem_comp_atom.comp_id 
_chem_comp_atom.atom_id 
_chem_comp_atom.type_symbol 
_chem_comp_atom.pdbx_aromatic_flag 
_chem_comp_atom.pdbx_stereo_config 
_chem_comp_atom.pdbx_ordinal 
ALA N    N N N 1   
ALA CA   C N S 2   
ALA C    C N N 3   
ALA O    O N N 4   
ALA CB   C N N 5   
ALA OXT  O N N 6   
ALA H    H N N 7   
ALA H2   H N N 8   
ALA HA   H N N 9   
ALA HB1  H N N 10  
ALA HB2  H N N 11  
ALA HB3  H N N 12  
ALA HXT  H N N 13  
ARG N    N N N 14  
ARG CA   C N S 15  
ARG C    C N N 16  
ARG O    O N N 17  
ARG CB   C N N 18  
ARG CG   C N N 19  
ARG CD   C N N 20  
ARG NE   N N N 21  
ARG CZ   C N N 22  
ARG NH1  N N N 23  
ARG NH2  N N N 24  
ARG OXT  O N N 25  
ARG H    H N N 26  
ARG H2   H N N 27  
ARG HA   H N N 28  
ARG HB2  H N N 29  
ARG HB3  H N N 30  
ARG HG2  H N N 31  
ARG HG3  H N N 32  
ARG HD2  H N N 33  
ARG HD3  H N N 34  
ARG HE   H N N 35  
ARG HH11 H N N 36  
ARG HH12 H N N 37  
ARG HH21 H N N 38  
ARG HH22 H N N 39  
ARG HXT  H N N 40  
ASN N    N N N 41  
ASN CA   C N S 42  
ASN C    C N N 43  
ASN O    O N N 44  
ASN CB   C N N 45  
ASN CG   C N N 46  
ASN OD1  O N N 47  
ASN ND2  N N N 48  
ASN OXT  O N N 49  
ASN H    H N N 50  
ASN H2   H N N 51  
ASN HA   H N N 52  
ASN HB2  H N N 53  
ASN HB3  H N N 54  
ASN HD21 H N N 55  
ASN HD22 H N N 56  
ASN HXT  H N N 57  
ASP N    N N N 58  
ASP CA   C N S 59  
ASP C    C N N 60  
ASP O    O N N 61  
ASP CB   C N N 62  
ASP CG   C N N 63  
ASP OD1  O N N 64  
ASP OD2  O N N 65  
ASP OXT  O N N 66  
ASP H    H N N 67  
ASP H2   H N N 68  
ASP HA   H N N 69  
ASP HB2  H N N 70  
ASP HB3  H N N 71  
ASP HD2  H N N 72  
ASP HXT  H N N 73  
GLN N    N N N 74  
GLN CA   C N S 75  
GLN C    C N N 76  
GLN O    O N N 77  
GLN CB   C N N 78  
GLN CG   C N N 79  
GLN CD   C N N 80  
GLN OE1  O N N 81  
GLN NE2  N N N 82  
GLN OXT  O N N 83  
GLN H    H N N 84  
GLN H2   H N N 85  
GLN HA   H N N 86  
GLN HB2  H N N 87  
GLN HB3  H N N 88  
GLN HG2  H N N 89  
GLN HG3  H N N 90  
GLN HE21 H N N 91  
GLN HE22 H N N 92  
GLN HXT  H N N 93  
GLU N    N N N 94  
GLU CA   C N S 95  
GLU C    C N N 96  
GLU O    O N N 97  
GLU CB   C N N 98  
GLU CG   C N N 99  
GLU CD   C N N 100 
GLU OE1  O N N 101 
GLU OE2  O N N 102 
GLU OXT  O N N 103 
GLU H    H N N 104 
GLU H2   H N N 105 
GLU HA   H N N 106 
GLU HB2  H N N 107 
GLU HB3  H N N 108 
GLU HG2  H N N 109 
GLU HG3  H N N 110 
GLU HE2  H N N 111 
GLU HXT  H N N 112 
GLY N    N N N 113 
GLY CA   C N N 114 
GLY C    C N N 115 
GLY O    O N N 116 
GLY OXT  O N N 117 
GLY H    H N N 118 
GLY H2   H N N 119 
GLY HA2  H N N 120 
GLY HA3  H N N 121 
GLY HXT  H N N 122 
HIS N    N N N 123 
HIS CA   C N S 124 
HIS C    C N N 125 
HIS O    O N N 126 
HIS CB   C N N 127 
HIS CG   C Y N 128 
HIS ND1  N Y N 129 
HIS CD2  C Y N 130 
HIS CE1  C Y N 131 
HIS NE2  N Y N 132 
HIS OXT  O N N 133 
HIS H    H N N 134 
HIS H2   H N N 135 
HIS HA   H N N 136 
HIS HB2  H N N 137 
HIS HB3  H N N 138 
HIS HD1  H N N 139 
HIS HD2  H N N 140 
HIS HE1  H N N 141 
HIS HE2  H N N 142 
HIS HXT  H N N 143 
HOH O    O N N 144 
HOH H1   H N N 145 
HOH H2   H N N 146 
ILE N    N N N 147 
ILE CA   C N S 148 
ILE C    C N N 149 
ILE O    O N N 150 
ILE CB   C N S 151 
ILE CG1  C N N 152 
ILE CG2  C N N 153 
ILE CD1  C N N 154 
ILE OXT  O N N 155 
ILE H    H N N 156 
ILE H2   H N N 157 
ILE HA   H N N 158 
ILE HB   H N N 159 
ILE HG12 H N N 160 
ILE HG13 H N N 161 
ILE HG21 H N N 162 
ILE HG22 H N N 163 
ILE HG23 H N N 164 
ILE HD11 H N N 165 
ILE HD12 H N N 166 
ILE HD13 H N N 167 
ILE HXT  H N N 168 
LEU N    N N N 169 
LEU CA   C N S 170 
LEU C    C N N 171 
LEU O    O N N 172 
LEU CB   C N N 173 
LEU CG   C N N 174 
LEU CD1  C N N 175 
LEU CD2  C N N 176 
LEU OXT  O N N 177 
LEU H    H N N 178 
LEU H2   H N N 179 
LEU HA   H N N 180 
LEU HB2  H N N 181 
LEU HB3  H N N 182 
LEU HG   H N N 183 
LEU HD11 H N N 184 
LEU HD12 H N N 185 
LEU HD13 H N N 186 
LEU HD21 H N N 187 
LEU HD22 H N N 188 
LEU HD23 H N N 189 
LEU HXT  H N N 190 
LYS N    N N N 191 
LYS CA   C N S 192 
LYS C    C N N 193 
LYS O    O N N 194 
LYS CB   C N N 195 
LYS CG   C N N 196 
LYS CD   C N N 197 
LYS CE   C N N 198 
LYS NZ   N N N 199 
LYS OXT  O N N 200 
LYS H    H N N 201 
LYS H2   H N N 202 
LYS HA   H N N 203 
LYS HB2  H N N 204 
LYS HB3  H N N 205 
LYS HG2  H N N 206 
LYS HG3  H N N 207 
LYS HD2  H N N 208 
LYS HD3  H N N 209 
LYS HE2  H N N 210 
LYS HE3  H N N 211 
LYS HZ1  H N N 212 
LYS HZ2  H N N 213 
LYS HZ3  H N N 214 
LYS HXT  H N N 215 
MET N    N N N 216 
MET CA   C N S 217 
MET C    C N N 218 
MET O    O N N 219 
MET CB   C N N 220 
MET CG   C N N 221 
MET SD   S N N 222 
MET CE   C N N 223 
MET OXT  O N N 224 
MET H    H N N 225 
MET H2   H N N 226 
MET HA   H N N 227 
MET HB2  H N N 228 
MET HB3  H N N 229 
MET HG2  H N N 230 
MET HG3  H N N 231 
MET HE1  H N N 232 
MET HE2  H N N 233 
MET HE3  H N N 234 
MET HXT  H N N 235 
PHE N    N N N 236 
PHE CA   C N S 237 
PHE C    C N N 238 
PHE O    O N N 239 
PHE CB   C N N 240 
PHE CG   C Y N 241 
PHE CD1  C Y N 242 
PHE CD2  C Y N 243 
PHE CE1  C Y N 244 
PHE CE2  C Y N 245 
PHE CZ   C Y N 246 
PHE OXT  O N N 247 
PHE H    H N N 248 
PHE H2   H N N 249 
PHE HA   H N N 250 
PHE HB2  H N N 251 
PHE HB3  H N N 252 
PHE HD1  H N N 253 
PHE HD2  H N N 254 
PHE HE1  H N N 255 
PHE HE2  H N N 256 
PHE HZ   H N N 257 
PHE HXT  H N N 258 
PRO N    N N N 259 
PRO CA   C N S 260 
PRO C    C N N 261 
PRO O    O N N 262 
PRO CB   C N N 263 
PRO CG   C N N 264 
PRO CD   C N N 265 
PRO OXT  O N N 266 
PRO H    H N N 267 
PRO HA   H N N 268 
PRO HB2  H N N 269 
PRO HB3  H N N 270 
PRO HG2  H N N 271 
PRO HG3  H N N 272 
PRO HD2  H N N 273 
PRO HD3  H N N 274 
PRO HXT  H N N 275 
SER N    N N N 276 
SER CA   C N S 277 
SER C    C N N 278 
SER O    O N N 279 
SER CB   C N N 280 
SER OG   O N N 281 
SER OXT  O N N 282 
SER H    H N N 283 
SER H2   H N N 284 
SER HA   H N N 285 
SER HB2  H N N 286 
SER HB3  H N N 287 
SER HG   H N N 288 
SER HXT  H N N 289 
THR N    N N N 290 
THR CA   C N S 291 
THR C    C N N 292 
THR O    O N N 293 
THR CB   C N R 294 
THR OG1  O N N 295 
THR CG2  C N N 296 
THR OXT  O N N 297 
THR H    H N N 298 
THR H2   H N N 299 
THR HA   H N N 300 
THR HB   H N N 301 
THR HG1  H N N 302 
THR HG21 H N N 303 
THR HG22 H N N 304 
THR HG23 H N N 305 
THR HXT  H N N 306 
TRP N    N N N 307 
TRP CA   C N S 308 
TRP C    C N N 309 
TRP O    O N N 310 
TRP CB   C N N 311 
TRP CG   C Y N 312 
TRP CD1  C Y N 313 
TRP CD2  C Y N 314 
TRP NE1  N Y N 315 
TRP CE2  C Y N 316 
TRP CE3  C Y N 317 
TRP CZ2  C Y N 318 
TRP CZ3  C Y N 319 
TRP CH2  C Y N 320 
TRP OXT  O N N 321 
TRP H    H N N 322 
TRP H2   H N N 323 
TRP HA   H N N 324 
TRP HB2  H N N 325 
TRP HB3  H N N 326 
TRP HD1  H N N 327 
TRP HE1  H N N 328 
TRP HE3  H N N 329 
TRP HZ2  H N N 330 
TRP HZ3  H N N 331 
TRP HH2  H N N 332 
TRP HXT  H N N 333 
TYR N    N N N 334 
TYR CA   C N S 335 
TYR C    C N N 336 
TYR O    O N N 337 
TYR CB   C N N 338 
TYR CG   C Y N 339 
TYR CD1  C Y N 340 
TYR CD2  C Y N 341 
TYR CE1  C Y N 342 
TYR CE2  C Y N 343 
TYR CZ   C Y N 344 
TYR OH   O N N 345 
TYR OXT  O N N 346 
TYR H    H N N 347 
TYR H2   H N N 348 
TYR HA   H N N 349 
TYR HB2  H N N 350 
TYR HB3  H N N 351 
TYR HD1  H N N 352 
TYR HD2  H N N 353 
TYR HE1  H N N 354 
TYR HE2  H N N 355 
TYR HH   H N N 356 
TYR HXT  H N N 357 
VAL N    N N N 358 
VAL CA   C N S 359 
VAL C    C N N 360 
VAL O    O N N 361 
VAL CB   C N N 362 
VAL CG1  C N N 363 
VAL CG2  C N N 364 
VAL OXT  O N N 365 
VAL H    H N N 366 
VAL H2   H N N 367 
VAL HA   H N N 368 
VAL HB   H N N 369 
VAL HG11 H N N 370 
VAL HG12 H N N 371 
VAL HG13 H N N 372 
VAL HG21 H N N 373 
VAL HG22 H N N 374 
VAL HG23 H N N 375 
VAL HXT  H N N 376 
# 
loop_
_chem_comp_bond.comp_id 
_chem_comp_bond.atom_id_1 
_chem_comp_bond.atom_id_2 
_chem_comp_bond.value_order 
_chem_comp_bond.pdbx_aromatic_flag 
_chem_comp_bond.pdbx_stereo_config 
_chem_comp_bond.pdbx_ordinal 
ALA N   CA   sing N N 1   
ALA N   H    sing N N 2   
ALA N   H2   sing N N 3   
ALA CA  C    sing N N 4   
ALA CA  CB   sing N N 5   
ALA CA  HA   sing N N 6   
ALA C   O    doub N N 7   
ALA C   OXT  sing N N 8   
ALA CB  HB1  sing N N 9   
ALA CB  HB2  sing N N 10  
ALA CB  HB3  sing N N 11  
ALA OXT HXT  sing N N 12  
ARG N   CA   sing N N 13  
ARG N   H    sing N N 14  
ARG N   H2   sing N N 15  
ARG CA  C    sing N N 16  
ARG CA  CB   sing N N 17  
ARG CA  HA   sing N N 18  
ARG C   O    doub N N 19  
ARG C   OXT  sing N N 20  
ARG CB  CG   sing N N 21  
ARG CB  HB2  sing N N 22  
ARG CB  HB3  sing N N 23  
ARG CG  CD   sing N N 24  
ARG CG  HG2  sing N N 25  
ARG CG  HG3  sing N N 26  
ARG CD  NE   sing N N 27  
ARG CD  HD2  sing N N 28  
ARG CD  HD3  sing N N 29  
ARG NE  CZ   sing N N 30  
ARG NE  HE   sing N N 31  
ARG CZ  NH1  sing N N 32  
ARG CZ  NH2  doub N N 33  
ARG NH1 HH11 sing N N 34  
ARG NH1 HH12 sing N N 35  
ARG NH2 HH21 sing N N 36  
ARG NH2 HH22 sing N N 37  
ARG OXT HXT  sing N N 38  
ASN N   CA   sing N N 39  
ASN N   H    sing N N 40  
ASN N   H2   sing N N 41  
ASN CA  C    sing N N 42  
ASN CA  CB   sing N N 43  
ASN CA  HA   sing N N 44  
ASN C   O    doub N N 45  
ASN C   OXT  sing N N 46  
ASN CB  CG   sing N N 47  
ASN CB  HB2  sing N N 48  
ASN CB  HB3  sing N N 49  
ASN CG  OD1  doub N N 50  
ASN CG  ND2  sing N N 51  
ASN ND2 HD21 sing N N 52  
ASN ND2 HD22 sing N N 53  
ASN OXT HXT  sing N N 54  
ASP N   CA   sing N N 55  
ASP N   H    sing N N 56  
ASP N   H2   sing N N 57  
ASP CA  C    sing N N 58  
ASP CA  CB   sing N N 59  
ASP CA  HA   sing N N 60  
ASP C   O    doub N N 61  
ASP C   OXT  sing N N 62  
ASP CB  CG   sing N N 63  
ASP CB  HB2  sing N N 64  
ASP CB  HB3  sing N N 65  
ASP CG  OD1  doub N N 66  
ASP CG  OD2  sing N N 67  
ASP OD2 HD2  sing N N 68  
ASP OXT HXT  sing N N 69  
GLN N   CA   sing N N 70  
GLN N   H    sing N N 71  
GLN N   H2   sing N N 72  
GLN CA  C    sing N N 73  
GLN CA  CB   sing N N 74  
GLN CA  HA   sing N N 75  
GLN C   O    doub N N 76  
GLN C   OXT  sing N N 77  
GLN CB  CG   sing N N 78  
GLN CB  HB2  sing N N 79  
GLN CB  HB3  sing N N 80  
GLN CG  CD   sing N N 81  
GLN CG  HG2  sing N N 82  
GLN CG  HG3  sing N N 83  
GLN CD  OE1  doub N N 84  
GLN CD  NE2  sing N N 85  
GLN NE2 HE21 sing N N 86  
GLN NE2 HE22 sing N N 87  
GLN OXT HXT  sing N N 88  
GLU N   CA   sing N N 89  
GLU N   H    sing N N 90  
GLU N   H2   sing N N 91  
GLU CA  C    sing N N 92  
GLU CA  CB   sing N N 93  
GLU CA  HA   sing N N 94  
GLU C   O    doub N N 95  
GLU C   OXT  sing N N 96  
GLU CB  CG   sing N N 97  
GLU CB  HB2  sing N N 98  
GLU CB  HB3  sing N N 99  
GLU CG  CD   sing N N 100 
GLU CG  HG2  sing N N 101 
GLU CG  HG3  sing N N 102 
GLU CD  OE1  doub N N 103 
GLU CD  OE2  sing N N 104 
GLU OE2 HE2  sing N N 105 
GLU OXT HXT  sing N N 106 
GLY N   CA   sing N N 107 
GLY N   H    sing N N 108 
GLY N   H2   sing N N 109 
GLY CA  C    sing N N 110 
GLY CA  HA2  sing N N 111 
GLY CA  HA3  sing N N 112 
GLY C   O    doub N N 113 
GLY C   OXT  sing N N 114 
GLY OXT HXT  sing N N 115 
HIS N   CA   sing N N 116 
HIS N   H    sing N N 117 
HIS N   H2   sing N N 118 
HIS CA  C    sing N N 119 
HIS CA  CB   sing N N 120 
HIS CA  HA   sing N N 121 
HIS C   O    doub N N 122 
HIS C   OXT  sing N N 123 
HIS CB  CG   sing N N 124 
HIS CB  HB2  sing N N 125 
HIS CB  HB3  sing N N 126 
HIS CG  ND1  sing Y N 127 
HIS CG  CD2  doub Y N 128 
HIS ND1 CE1  doub Y N 129 
HIS ND1 HD1  sing N N 130 
HIS CD2 NE2  sing Y N 131 
HIS CD2 HD2  sing N N 132 
HIS CE1 NE2  sing Y N 133 
HIS CE1 HE1  sing N N 134 
HIS NE2 HE2  sing N N 135 
HIS OXT HXT  sing N N 136 
HOH O   H1   sing N N 137 
HOH O   H2   sing N N 138 
ILE N   CA   sing N N 139 
ILE N   H    sing N N 140 
ILE N   H2   sing N N 141 
ILE CA  C    sing N N 142 
ILE CA  CB   sing N N 143 
ILE CA  HA   sing N N 144 
ILE C   O    doub N N 145 
ILE C   OXT  sing N N 146 
ILE CB  CG1  sing N N 147 
ILE CB  CG2  sing N N 148 
ILE CB  HB   sing N N 149 
ILE CG1 CD1  sing N N 150 
ILE CG1 HG12 sing N N 151 
ILE CG1 HG13 sing N N 152 
ILE CG2 HG21 sing N N 153 
ILE CG2 HG22 sing N N 154 
ILE CG2 HG23 sing N N 155 
ILE CD1 HD11 sing N N 156 
ILE CD1 HD12 sing N N 157 
ILE CD1 HD13 sing N N 158 
ILE OXT HXT  sing N N 159 
LEU N   CA   sing N N 160 
LEU N   H    sing N N 161 
LEU N   H2   sing N N 162 
LEU CA  C    sing N N 163 
LEU CA  CB   sing N N 164 
LEU CA  HA   sing N N 165 
LEU C   O    doub N N 166 
LEU C   OXT  sing N N 167 
LEU CB  CG   sing N N 168 
LEU CB  HB2  sing N N 169 
LEU CB  HB3  sing N N 170 
LEU CG  CD1  sing N N 171 
LEU CG  CD2  sing N N 172 
LEU CG  HG   sing N N 173 
LEU CD1 HD11 sing N N 174 
LEU CD1 HD12 sing N N 175 
LEU CD1 HD13 sing N N 176 
LEU CD2 HD21 sing N N 177 
LEU CD2 HD22 sing N N 178 
LEU CD2 HD23 sing N N 179 
LEU OXT HXT  sing N N 180 
LYS N   CA   sing N N 181 
LYS N   H    sing N N 182 
LYS N   H2   sing N N 183 
LYS CA  C    sing N N 184 
LYS CA  CB   sing N N 185 
LYS CA  HA   sing N N 186 
LYS C   O    doub N N 187 
LYS C   OXT  sing N N 188 
LYS CB  CG   sing N N 189 
LYS CB  HB2  sing N N 190 
LYS CB  HB3  sing N N 191 
LYS CG  CD   sing N N 192 
LYS CG  HG2  sing N N 193 
LYS CG  HG3  sing N N 194 
LYS CD  CE   sing N N 195 
LYS CD  HD2  sing N N 196 
LYS CD  HD3  sing N N 197 
LYS CE  NZ   sing N N 198 
LYS CE  HE2  sing N N 199 
LYS CE  HE3  sing N N 200 
LYS NZ  HZ1  sing N N 201 
LYS NZ  HZ2  sing N N 202 
LYS NZ  HZ3  sing N N 203 
LYS OXT HXT  sing N N 204 
MET N   CA   sing N N 205 
MET N   H    sing N N 206 
MET N   H2   sing N N 207 
MET CA  C    sing N N 208 
MET CA  CB   sing N N 209 
MET CA  HA   sing N N 210 
MET C   O    doub N N 211 
MET C   OXT  sing N N 212 
MET CB  CG   sing N N 213 
MET CB  HB2  sing N N 214 
MET CB  HB3  sing N N 215 
MET CG  SD   sing N N 216 
MET CG  HG2  sing N N 217 
MET CG  HG3  sing N N 218 
MET SD  CE   sing N N 219 
MET CE  HE1  sing N N 220 
MET CE  HE2  sing N N 221 
MET CE  HE3  sing N N 222 
MET OXT HXT  sing N N 223 
PHE N   CA   sing N N 224 
PHE N   H    sing N N 225 
PHE N   H2   sing N N 226 
PHE CA  C    sing N N 227 
PHE CA  CB   sing N N 228 
PHE CA  HA   sing N N 229 
PHE C   O    doub N N 230 
PHE C   OXT  sing N N 231 
PHE CB  CG   sing N N 232 
PHE CB  HB2  sing N N 233 
PHE CB  HB3  sing N N 234 
PHE CG  CD1  doub Y N 235 
PHE CG  CD2  sing Y N 236 
PHE CD1 CE1  sing Y N 237 
PHE CD1 HD1  sing N N 238 
PHE CD2 CE2  doub Y N 239 
PHE CD2 HD2  sing N N 240 
PHE CE1 CZ   doub Y N 241 
PHE CE1 HE1  sing N N 242 
PHE CE2 CZ   sing Y N 243 
PHE CE2 HE2  sing N N 244 
PHE CZ  HZ   sing N N 245 
PHE OXT HXT  sing N N 246 
PRO N   CA   sing N N 247 
PRO N   CD   sing N N 248 
PRO N   H    sing N N 249 
PRO CA  C    sing N N 250 
PRO CA  CB   sing N N 251 
PRO CA  HA   sing N N 252 
PRO C   O    doub N N 253 
PRO C   OXT  sing N N 254 
PRO CB  CG   sing N N 255 
PRO CB  HB2  sing N N 256 
PRO CB  HB3  sing N N 257 
PRO CG  CD   sing N N 258 
PRO CG  HG2  sing N N 259 
PRO CG  HG3  sing N N 260 
PRO CD  HD2  sing N N 261 
PRO CD  HD3  sing N N 262 
PRO OXT HXT  sing N N 263 
SER N   CA   sing N N 264 
SER N   H    sing N N 265 
SER N   H2   sing N N 266 
SER CA  C    sing N N 267 
SER CA  CB   sing N N 268 
SER CA  HA   sing N N 269 
SER C   O    doub N N 270 
SER C   OXT  sing N N 271 
SER CB  OG   sing N N 272 
SER CB  HB2  sing N N 273 
SER CB  HB3  sing N N 274 
SER OG  HG   sing N N 275 
SER OXT HXT  sing N N 276 
THR N   CA   sing N N 277 
THR N   H    sing N N 278 
THR N   H2   sing N N 279 
THR CA  C    sing N N 280 
THR CA  CB   sing N N 281 
THR CA  HA   sing N N 282 
THR C   O    doub N N 283 
THR C   OXT  sing N N 284 
THR CB  OG1  sing N N 285 
THR CB  CG2  sing N N 286 
THR CB  HB   sing N N 287 
THR OG1 HG1  sing N N 288 
THR CG2 HG21 sing N N 289 
THR CG2 HG22 sing N N 290 
THR CG2 HG23 sing N N 291 
THR OXT HXT  sing N N 292 
TRP N   CA   sing N N 293 
TRP N   H    sing N N 294 
TRP N   H2   sing N N 295 
TRP CA  C    sing N N 296 
TRP CA  CB   sing N N 297 
TRP CA  HA   sing N N 298 
TRP C   O    doub N N 299 
TRP C   OXT  sing N N 300 
TRP CB  CG   sing N N 301 
TRP CB  HB2  sing N N 302 
TRP CB  HB3  sing N N 303 
TRP CG  CD1  doub Y N 304 
TRP CG  CD2  sing Y N 305 
TRP CD1 NE1  sing Y N 306 
TRP CD1 HD1  sing N N 307 
TRP CD2 CE2  doub Y N 308 
TRP CD2 CE3  sing Y N 309 
TRP NE1 CE2  sing Y N 310 
TRP NE1 HE1  sing N N 311 
TRP CE2 CZ2  sing Y N 312 
TRP CE3 CZ3  doub Y N 313 
TRP CE3 HE3  sing N N 314 
TRP CZ2 CH2  doub Y N 315 
TRP CZ2 HZ2  sing N N 316 
TRP CZ3 CH2  sing Y N 317 
TRP CZ3 HZ3  sing N N 318 
TRP CH2 HH2  sing N N 319 
TRP OXT HXT  sing N N 320 
TYR N   CA   sing N N 321 
TYR N   H    sing N N 322 
TYR N   H2   sing N N 323 
TYR CA  C    sing N N 324 
TYR CA  CB   sing N N 325 
TYR CA  HA   sing N N 326 
TYR C   O    doub N N 327 
TYR C   OXT  sing N N 328 
TYR CB  CG   sing N N 329 
TYR CB  HB2  sing N N 330 
TYR CB  HB3  sing N N 331 
TYR CG  CD1  doub Y N 332 
TYR CG  CD2  sing Y N 333 
TYR CD1 CE1  sing Y N 334 
TYR CD1 HD1  sing N N 335 
TYR CD2 CE2  doub Y N 336 
TYR CD2 HD2  sing N N 337 
TYR CE1 CZ   doub Y N 338 
TYR CE1 HE1  sing N N 339 
TYR CE2 CZ   sing Y N 340 
TYR CE2 HE2  sing N N 341 
TYR CZ  OH   sing N N 342 
TYR OH  HH   sing N N 343 
TYR OXT HXT  sing N N 344 
VAL N   CA   sing N N 345 
VAL N   H    sing N N 346 
VAL N   H2   sing N N 347 
VAL CA  C    sing N N 348 
VAL CA  CB   sing N N 349 
VAL CA  HA   sing N N 350 
VAL C   O    doub N N 351 
VAL C   OXT  sing N N 352 
VAL CB  CG1  sing N N 353 
VAL CB  CG2  sing N N 354 
VAL CB  HB   sing N N 355 
VAL CG1 HG11 sing N N 356 
VAL CG1 HG12 sing N N 357 
VAL CG1 HG13 sing N N 358 
VAL CG2 HG21 sing N N 359 
VAL CG2 HG22 sing N N 360 
VAL CG2 HG23 sing N N 361 
VAL OXT HXT  sing N N 362 
# 
_pdbx_audit_support.funding_organization   'Medical Research Council (MRC, United Kingdom)' 
_pdbx_audit_support.country                'United Kingdom' 
_pdbx_audit_support.grant_number           ? 
_pdbx_audit_support.ordinal                1 
# 
_pdbx_initial_refinement_model.id               1 
_pdbx_initial_refinement_model.entity_id_list   ? 
_pdbx_initial_refinement_model.type             'in silico model' 
_pdbx_initial_refinement_model.source_name      AlphaFold 
_pdbx_initial_refinement_model.accession_code   ? 
_pdbx_initial_refinement_model.details          ? 
# 
_atom_sites.entry_id                    8QRY 
_atom_sites.Cartn_transf_matrix[1][1]   ? 
_atom_sites.Cartn_transf_matrix[1][2]   ? 
_atom_sites.Cartn_transf_matrix[1][3]   ? 
_atom_sites.Cartn_transf_matrix[2][1]   ? 
_atom_sites.Cartn_transf_matrix[2][2]   ? 
_atom_sites.Cartn_transf_matrix[2][3]   ? 
_atom_sites.Cartn_transf_matrix[3][1]   ? 
_atom_sites.Cartn_transf_matrix[3][2]   ? 
_atom_sites.Cartn_transf_matrix[3][3]   ? 
_atom_sites.Cartn_transf_vector[1]      ? 
_atom_sites.Cartn_transf_vector[2]      ? 
_atom_sites.Cartn_transf_vector[3]      ? 
_atom_sites.Cartn_transform_axes        ? 
_atom_sites.fract_transf_matrix[1][1]   -0.01905615 
_atom_sites.fract_transf_matrix[1][2]   -0.00006065 
_atom_sites.fract_transf_matrix[1][3]   0.02975129 
_atom_sites.fract_transf_matrix[2][1]   0.01821739 
_atom_sites.fract_transf_matrix[2][2]   0.00440702 
_atom_sites.fract_transf_matrix[2][3]   0.01167750 
_atom_sites.fract_transf_matrix[3][1]   -0.00257676 
_atom_sites.fract_transf_matrix[3][2]   0.01494419 
_atom_sites.fract_transf_matrix[3][3]   -0.00161999 
_atom_sites.fract_transf_vector[1]      -0.356223 
_atom_sites.fract_transf_vector[2]      -0.011739 
_atom_sites.fract_transf_vector[3]      0.167811 
_atom_sites.solution_primary            ? 
_atom_sites.solution_secondary          ? 
_atom_sites.solution_hydrogens          ? 
_atom_sites.special_details             ? 
# 
loop_
_atom_type.symbol 
C 
N 
O 
S 
# 
loop_
_atom_site.group_PDB 
_atom_site.id 
_atom_site.type_symbol 
_atom_site.label_atom_id 
_atom_site.label_alt_id 
_atom_site.label_comp_id 
_atom_site.label_asym_id 
_atom_site.label_entity_id 
_atom_site.label_seq_id 
_atom_site.pdbx_PDB_ins_code 
_atom_site.Cartn_x 
_atom_site.Cartn_y 
_atom_site.Cartn_z 
_atom_site.occupancy 
_atom_site.B_iso_or_equiv 
_atom_site.pdbx_formal_charge 
_atom_site.auth_seq_id 
_atom_site.auth_comp_id 
_atom_site.auth_asym_id 
_atom_site.auth_atom_id 
_atom_site.pdbx_PDB_model_num 
ATOM   1   N N   . ALA A 1 1  ? -0.683  -13.257 14.908  1.00 26.77 ? 0   ALA A N   1 
ATOM   2   C CA  . ALA A 1 1  ? -1.544  -12.220 15.452  1.00 31.39 ? 0   ALA A CA  1 
ATOM   3   C C   . ALA A 1 1  ? -1.742  -11.097 14.441  1.00 30.04 ? 0   ALA A C   1 
ATOM   4   O O   . ALA A 1 1  ? -2.713  -10.341 14.529  1.00 38.22 ? 0   ALA A O   1 
ATOM   5   C CB  . ALA A 1 1  ? -0.968  -11.671 16.750  1.00 33.60 ? 0   ALA A CB  1 
ATOM   6   N N   . MET A 1 2  ? -0.830  -10.979 13.478  1.00 28.33 ? 1   MET A N   1 
ATOM   7   C CA  . MET A 1 2  ? -0.946  -9.925  12.479  1.00 23.77 ? 1   MET A CA  1 
ATOM   8   C C   . MET A 1 2  ? -2.088  -10.226 11.516  1.00 26.93 ? 1   MET A C   1 
ATOM   9   O O   . MET A 1 2  ? -2.170  -11.334 10.979  1.00 25.55 ? 1   MET A O   1 
ATOM   10  C CB  . MET A 1 2  ? 0.347   -9.801  11.688  1.00 21.79 ? 1   MET A CB  1 
ATOM   11  C CG  . MET A 1 2  ? 0.354   -8.615  10.760  1.00 20.35 ? 1   MET A CG  1 
ATOM   12  S SD  . MET A 1 2  ? 1.837   -8.606  9.749   1.00 26.15 ? 1   MET A SD  1 
ATOM   13  C CE  . MET A 1 2  ? 1.365   -9.774  8.514   1.00 25.86 ? 1   MET A CE  1 
ATOM   14  N N   . GLU A 1 3  ? -2.956  -9.242  11.279  1.00 23.86 ? 2   GLU A N   1 
ATOM   15  C CA  . GLU A 1 3  ? -3.989  -9.340  10.253  1.00 25.62 ? 2   GLU A CA  1 
ATOM   16  C C   . GLU A 1 3  ? -3.758  -8.268  9.202   1.00 21.30 ? 2   GLU A C   1 
ATOM   17  O O   . GLU A 1 3  ? -3.363  -7.142  9.514   1.00 19.29 ? 2   GLU A O   1 
ATOM   18  C CB  . GLU A 1 3  ? -5.403  -9.280  10.852  1.00 25.20 ? 2   GLU A CB  1 
ATOM   19  C CG  . GLU A 1 3  ? -5.691  -8.154  11.814  1.00 32.47 ? 2   GLU A CG  1 
ATOM   20  C CD  . GLU A 1 3  ? -7.086  -8.273  12.440  1.00 37.05 ? 2   GLU A CD  1 
ATOM   21  O OE1 . GLU A 1 3  ? -7.824  -9.227  12.097  1.00 34.02 ? 2   GLU A OE1 1 
ATOM   22  O OE2 . GLU A 1 3  ? -7.439  -7.421  13.286  1.00 39.16 ? 2   GLU A OE2 1 
ATOM   23  N N   . LEU A 1 4  ? -4.010  -8.638  7.951   1.00 18.71 ? 3   LEU A N   1 
ATOM   24  C CA  . LEU A 1 4  ? -3.370  -7.972  6.822   1.00 19.92 ? 3   LEU A CA  1 
ATOM   25  C C   . LEU A 1 4  ? -3.908  -6.565  6.578   1.00 19.19 ? 3   LEU A C   1 
ATOM   26  O O   . LEU A 1 4  ? -3.128  -5.615  6.453   1.00 19.45 ? 3   LEU A O   1 
ATOM   27  C CB  . LEU A 1 4  ? -3.528  -8.839  5.582   1.00 20.75 ? 3   LEU A CB  1 
ATOM   28  C CG  . LEU A 1 4  ? -2.925  -8.301  4.300   1.00 20.51 ? 3   LEU A CG  1 
ATOM   29  C CD1 . LEU A 1 4  ? -1.433  -8.049  4.449   1.00 18.10 ? 3   LEU A CD1 1 
ATOM   30  C CD2 . LEU A 1 4  ? -3.220  -9.302  3.183   1.00 20.75 ? 3   LEU A CD2 1 
ATOM   31  N N   . GLU A 1 5  ? -5.242  -6.405  6.485   1.00 21.45 ? 4   GLU A N   1 
ATOM   32  C CA  . GLU A 1 5  ? -5.792  -5.107  6.093   1.00 17.87 ? 4   GLU A CA  1 
ATOM   33  C C   . GLU A 1 5  ? -5.525  -4.011  7.123   1.00 21.16 ? 4   GLU A C   1 
ATOM   34  O O   . GLU A 1 5  ? -5.112  -2.908  6.719   1.00 19.56 ? 4   GLU A O   1 
ATOM   35  C CB  . GLU A 1 5  ? -7.286  -5.233  5.773   1.00 25.51 ? 4   GLU A CB  1 
ATOM   36  C CG  . GLU A 1 5  ? -7.595  -6.075  4.538   1.00 28.52 ? 4   GLU A CG  1 
ATOM   37  C CD  . GLU A 1 5  ? -9.060  -6.031  4.126   1.00 39.92 ? 4   GLU A CD  1 
ATOM   38  O OE1 . GLU A 1 5  ? -9.875  -5.398  4.834   1.00 48.03 ? 4   GLU A OE1 1 
ATOM   39  O OE2 . GLU A 1 5  ? -9.400  -6.629  3.083   1.00 39.48 ? 4   GLU A OE2 1 
ATOM   40  N N   . PRO A 1 6  ? -5.732  -4.212  8.425   1.00 18.17 ? 5   PRO A N   1 
ATOM   41  C CA  . PRO A 1 6  ? -5.361  -3.136  9.359   1.00 19.80 ? 5   PRO A CA  1 
ATOM   42  C C   . PRO A 1 6  ? -3.861  -2.910  9.468   1.00 18.45 ? 5   PRO A C   1 
ATOM   43  O O   . PRO A 1 6  ? -3.437  -1.789  9.772   1.00 15.55 ? 5   PRO A O   1 
ATOM   44  C CB  . PRO A 1 6  ? -5.977  -3.587  10.693  1.00 20.15 ? 5   PRO A CB  1 
ATOM   45  C CG  . PRO A 1 6  ? -6.177  -5.026  10.557  1.00 22.48 ? 5   PRO A CG  1 
ATOM   46  C CD  . PRO A 1 6  ? -6.446  -5.301  9.109   1.00 23.40 ? 5   PRO A CD  1 
ATOM   47  N N   . THR A 1 7  ? -3.043  -3.935  9.243   1.00 17.07 ? 6   THR A N   1 
ATOM   48  C CA  . THR A 1 7  ? -1.602  -3.719  9.214   1.00 17.87 ? 6   THR A CA  1 
ATOM   49  C C   . THR A 1 7  ? -1.218  -2.799  8.065   1.00 15.66 ? 6   THR A C   1 
ATOM   50  O O   . THR A 1 7  ? -0.492  -1.814  8.253   1.00 14.95 ? 6   THR A O   1 
ATOM   51  C CB  . THR A 1 7  ? -0.890  -5.069  9.139   1.00 16.07 ? 6   THR A CB  1 
ATOM   52  O OG1 . THR A 1 7  ? -1.106  -5.754  10.371  1.00 16.56 ? 6   THR A OG1 1 
ATOM   53  C CG2 . THR A 1 7  ? 0.607   -4.918  8.912   1.00 22.34 ? 6   THR A CG2 1 
ATOM   54  N N   . LEU A 1 8  ? -1.728  -3.077  6.869   1.00 15.11 ? 7   LEU A N   1 
ATOM   55  C CA  . LEU A 1 8  ? -1.467  -2.184  5.753   1.00 15.56 ? 7   LEU A CA  1 
ATOM   56  C C   . LEU A 1 8  ? -2.025  -0.792  6.014   1.00 15.30 ? 7   LEU A C   1 
ATOM   57  O O   . LEU A 1 8  ? -1.377  0.201   5.679   1.00 16.32 ? 7   LEU A O   1 
ATOM   58  C CB  . LEU A 1 8  ? -2.039  -2.772  4.471   1.00 12.27 ? 7   LEU A CB  1 
ATOM   59  C CG  . LEU A 1 8  ? -1.354  -4.058  4.011   1.00 16.88 ? 7   LEU A CG  1 
ATOM   60  C CD1 . LEU A 1 8  ? -2.172  -4.681  2.904   1.00 17.86 ? 7   LEU A CD1 1 
ATOM   61  C CD2 . LEU A 1 8  ? 0.081   -3.808  3.529   1.00 13.08 ? 7   LEU A CD2 1 
ATOM   62  N N   . PHE A 1 9  ? -3.222  -0.689  6.612   1.00 15.59 ? 8   PHE A N   1 
ATOM   63  C CA  . PHE A 1 9  ? -3.784  0.629   6.913   1.00 16.45 ? 8   PHE A CA  1 
ATOM   64  C C   . PHE A 1 9  ? -2.824  1.441   7.772   1.00 17.34 ? 8   PHE A C   1 
ATOM   65  O O   . PHE A 1 9  ? -2.587  2.632   7.513   1.00 13.67 ? 8   PHE A O   1 
ATOM   66  C CB  . PHE A 1 9  ? -5.130  0.496   7.637   1.00 18.35 ? 8   PHE A CB  1 
ATOM   67  C CG  . PHE A 1 9  ? -5.842  1.820   7.854   1.00 18.12 ? 8   PHE A CG  1 
ATOM   68  C CD1 . PHE A 1 9  ? -6.810  2.267   6.956   1.00 17.91 ? 8   PHE A CD1 1 
ATOM   69  C CD2 . PHE A 1 9  ? -5.483  2.655   8.912   1.00 20.59 ? 8   PHE A CD2 1 
ATOM   70  C CE1 . PHE A 1 9  ? -7.471  3.479   7.150   1.00 20.67 ? 8   PHE A CE1 1 
ATOM   71  C CE2 . PHE A 1 9  ? -6.122  3.899   9.103   1.00 20.57 ? 8   PHE A CE2 1 
ATOM   72  C CZ  . PHE A 1 9  ? -7.125  4.302   8.213   1.00 19.98 ? 8   PHE A CZ  1 
ATOM   73  N N   . GLY A 1 10 ? -2.285  0.813   8.825   1.00 14.70 ? 9   GLY A N   1 
ATOM   74  C CA  . GLY A 1 10 ? -1.372  1.515   9.717   1.00 16.43 ? 9   GLY A CA  1 
ATOM   75  C C   . GLY A 1 10 ? -0.083  1.935   9.033   1.00 14.49 ? 9   GLY A C   1 
ATOM   76  O O   . GLY A 1 10 ? 0.376   3.063   9.206   1.00 14.08 ? 9   GLY A O   1 
ATOM   77  N N   . ILE A 1 11 ? 0.489   1.050   8.213   1.00 13.62 ? 10  ILE A N   1 
ATOM   78  C CA  . ILE A 1 11 ? 1.756   1.365   7.555   1.00 14.97 ? 10  ILE A CA  1 
ATOM   79  C C   . ILE A 1 11 ? 1.574   2.502   6.563   1.00 14.57 ? 10  ILE A C   1 
ATOM   80  O O   . ILE A 1 11 ? 2.416   3.412   6.481   1.00 11.21 ? 10  ILE A O   1 
ATOM   81  C CB  . ILE A 1 11 ? 2.354   0.125   6.859   1.00 17.54 ? 10  ILE A CB  1 
ATOM   82  C CG1 . ILE A 1 11 ? 2.744   -0.966  7.867   1.00 16.12 ? 10  ILE A CG1 1 
ATOM   83  C CG2 . ILE A 1 11 ? 3.571   0.567   5.994   1.00 17.33 ? 10  ILE A CG2 1 
ATOM   84  C CD1 . ILE A 1 11 ? 2.957   -2.361  7.210   1.00 14.97 ? 10  ILE A CD1 1 
ATOM   85  N N   . ILE A 1 12 ? 0.495   2.458   5.772   1.00 13.26 ? 11  ILE A N   1 
ATOM   86  C CA  . ILE A 1 12 ? 0.279   3.514   4.785   1.00 14.40 ? 11  ILE A CA  1 
ATOM   87  C C   . ILE A 1 12 ? 0.077   4.848   5.482   1.00 12.82 ? 11  ILE A C   1 
ATOM   88  O O   . ILE A 1 12 ? 0.602   5.873   5.043   1.00 10.65 ? 11  ILE A O   1 
ATOM   89  C CB  . ILE A 1 12 ? -0.910  3.187   3.861   1.00 13.45 ? 11  ILE A CB  1 
ATOM   90  C CG1 . ILE A 1 12 ? -0.737  1.832   3.158   1.00 19.24 ? 11  ILE A CG1 1 
ATOM   91  C CG2 . ILE A 1 12 ? -1.079  4.283   2.825   1.00 12.61 ? 11  ILE A CG2 1 
ATOM   92  C CD1 . ILE A 1 12 ? 0.467   1.752   2.282   1.00 18.38 ? 11  ILE A CD1 1 
ATOM   93  N N   . GLU A 1 13 ? -0.649  4.852   6.601   1.00 14.15 ? 12  GLU A N   1 
ATOM   94  C CA  . GLU A 1 13 ? -0.845  6.103   7.322   1.00 14.91 ? 12  GLU A CA  1 
ATOM   95  C C   . GLU A 1 13 ? 0.460   6.602   7.925   1.00 17.07 ? 12  GLU A C   1 
ATOM   96  O O   . GLU A 1 13 ? 0.676   7.814   8.039   1.00 10.85 ? 12  GLU A O   1 
ATOM   97  C CB  . GLU A 1 13 ? -1.908  5.924   8.403   1.00 19.45 ? 12  GLU A CB  1 
ATOM   98  C CG  . GLU A 1 13 ? -2.603  7.251   8.759   1.00 23.97 ? 12  GLU A CG  1 
ATOM   99  C CD  . GLU A 1 13 ? -3.739  7.099   9.764   1.00 25.27 ? 12  GLU A CD  1 
ATOM   100 O OE1 . GLU A 1 13 ? -3.818  6.061   10.463  1.00 25.00 ? 12  GLU A OE1 1 
ATOM   101 O OE2 . GLU A 1 13 ? -4.597  8.004   9.799   1.00 32.41 ? 12  GLU A OE2 1 
ATOM   102 N N   . ALA A 1 14 ? 1.365   5.692   8.280   1.00 12.78 ? 13  ALA A N   1 
ATOM   103 C CA  . ALA A 1 14 ? 2.648   6.131   8.787   1.00 13.34 ? 13  ALA A CA  1 
ATOM   104 C C   . ALA A 1 14 ? 3.549   6.632   7.669   1.00 11.73 ? 13  ALA A C   1 
ATOM   105 O O   . ALA A 1 14 ? 4.356   7.537   7.890   1.00 16.90 ? 13  ALA A O   1 
ATOM   106 C CB  . ALA A 1 14 ? 3.317   4.999   9.564   1.00 15.14 ? 13  ALA A CB  1 
ATOM   107 N N   . LEU A 1 15 ? 3.422   6.072   6.469   1.00 10.93 ? 14  LEU A N   1 
ATOM   108 C CA  . LEU A 1 15 ? 4.185   6.567   5.334   1.00 10.89 ? 14  LEU A CA  1 
ATOM   109 C C   . LEU A 1 15 ? 3.673   7.922   4.865   1.00 11.54 ? 14  LEU A C   1 
ATOM   110 O O   . LEU A 1 15 ? 4.443   8.729   4.356   1.00 12.73 ? 14  LEU A O   1 
ATOM   111 C CB  . LEU A 1 15 ? 4.119   5.549   4.188   1.00 11.56 ? 14  LEU A CB  1 
ATOM   112 C CG  . LEU A 1 15 ? 4.827   4.192   4.369   1.00 13.84 ? 14  LEU A CG  1 
ATOM   113 C CD1 . LEU A 1 15 ? 4.429   3.246   3.254   1.00 11.00 ? 14  LEU A CD1 1 
ATOM   114 C CD2 . LEU A 1 15 ? 6.358   4.374   4.399   1.00 13.36 ? 14  LEU A CD2 1 
ATOM   115 N N   . ALA A 1 16 ? 2.376   8.179   5.003   1.00 10.93 ? 15  ALA A N   1 
ATOM   116 C CA  . ALA A 1 16 ? 1.720   9.284   4.304   1.00 12.41 ? 15  ALA A CA  1 
ATOM   117 C C   . ALA A 1 16 ? 0.618   9.822   5.198   1.00 14.37 ? 15  ALA A C   1 
ATOM   118 O O   . ALA A 1 16 ? -0.576  9.664   4.909   1.00 16.46 ? 15  ALA A O   1 
ATOM   119 C CB  . ALA A 1 16 ? 1.167   8.826   2.958   1.00 15.61 ? 15  ALA A CB  1 
ATOM   120 N N   . PRO A 1 17 ? 0.985   10.437  6.313   1.00 14.91 ? 16  PRO A N   1 
ATOM   121 C CA  . PRO A 1 17 ? -0.028  10.986  7.215   1.00 20.63 ? 16  PRO A CA  1 
ATOM   122 C C   . PRO A 1 17 ? -0.905  12.011  6.505   1.00 13.61 ? 16  PRO A C   1 
ATOM   123 O O   . PRO A 1 17 ? -0.420  12.891  5.788   1.00 15.80 ? 16  PRO A O   1 
ATOM   124 C CB  . PRO A 1 17 ? 0.803   11.612  8.342   1.00 14.93 ? 16  PRO A CB  1 
ATOM   125 C CG  . PRO A 1 17 ? 2.140   11.863  7.737   1.00 20.82 ? 16  PRO A CG  1 
ATOM   126 C CD  . PRO A 1 17 ? 2.351   10.735  6.781   1.00 16.92 ? 16  PRO A CD  1 
ATOM   127 N N   . GLN A 1 18 ? -2.208  11.848  6.677   1.00 13.24 ? 17  GLN A N   1 
ATOM   128 C CA  . GLN A 1 18 ? -3.239  12.747  6.173   1.00 19.18 ? 17  GLN A CA  1 
ATOM   129 C C   . GLN A 1 18 ? -3.343  12.748  4.653   1.00 18.02 ? 17  GLN A C   1 
ATOM   130 O O   . GLN A 1 18 ? -4.089  13.557  4.109   1.00 20.41 ? 17  GLN A O   1 
ATOM   131 C CB  . GLN A 1 18 ? -3.026  14.186  6.660   1.00 21.80 ? 17  GLN A CB  1 
ATOM   132 C CG  . GLN A 1 18 ? -3.216  14.426  8.162   1.00 25.21 ? 17  GLN A CG  1 
ATOM   133 C CD  . GLN A 1 18 ? -3.045  15.906  8.562   1.00 37.57 ? 17  GLN A CD  1 
ATOM   134 O OE1 . GLN A 1 18 ? -2.613  16.742  7.764   1.00 35.76 ? 17  GLN A OE1 1 
ATOM   135 N NE2 . GLN A 1 18 ? -3.426  16.231  9.793   1.00 45.51 ? 17  GLN A NE2 1 
ATOM   136 N N   . LEU A 1 19 ? -2.629  11.864  3.948   1.00 15.77 ? 18  LEU A N   1 
ATOM   137 C CA  . LEU A 1 19 ? -2.671  11.891  2.488   1.00 16.60 ? 18  LEU A CA  1 
ATOM   138 C C   . LEU A 1 19 ? -4.054  11.515  1.982   1.00 17.33 ? 18  LEU A C   1 
ATOM   139 O O   . LEU A 1 19 ? -4.666  12.260  1.205   1.00 18.96 ? 18  LEU A O   1 
ATOM   140 C CB  . LEU A 1 19 ? -1.607  10.962  1.895   1.00 11.66 ? 18  LEU A CB  1 
ATOM   141 C CG  . LEU A 1 19 ? -1.582  10.978  0.363   1.00 16.14 ? 18  LEU A CG  1 
ATOM   142 C CD1 . LEU A 1 19 ? -1.293  12.397  -0.139  1.00 16.55 ? 18  LEU A CD1 1 
ATOM   143 C CD2 . LEU A 1 19 ? -0.562  9.995   -0.190  1.00 15.56 ? 18  LEU A CD2 1 
ATOM   144 N N   . LEU A 1 20 ? -4.564  10.375  2.422   1.00 16.66 ? 19  LEU A N   1 
ATOM   145 C CA  . LEU A 1 20 ? -5.905  9.923   2.095   1.00 18.39 ? 19  LEU A CA  1 
ATOM   146 C C   . LEU A 1 20 ? -6.792  10.104  3.314   1.00 19.88 ? 19  LEU A C   1 
ATOM   147 O O   . LEU A 1 20 ? -6.317  10.064  4.451   1.00 22.32 ? 19  LEU A O   1 
ATOM   148 C CB  . LEU A 1 20 ? -5.909  8.446   1.679   1.00 17.15 ? 19  LEU A CB  1 
ATOM   149 C CG  . LEU A 1 20 ? -5.094  8.150   0.424   1.00 16.73 ? 19  LEU A CG  1 
ATOM   150 C CD1 . LEU A 1 20 ? -5.037  6.667   0.171   1.00 20.94 ? 19  LEU A CD1 1 
ATOM   151 C CD2 . LEU A 1 20 ? -5.693  8.867   -0.776  1.00 21.98 ? 19  LEU A CD2 1 
ATOM   152 N N   . SER A 1 21 ? -8.083  10.307  3.065   1.00 20.41 ? 20  SER A N   1 
ATOM   153 C CA  . SER A 1 21 ? -9.047  10.279  4.151   1.00 21.57 ? 20  SER A CA  1 
ATOM   154 C C   . SER A 1 21 ? -9.164  8.863   4.698   1.00 19.92 ? 20  SER A C   1 
ATOM   155 O O   . SER A 1 21 ? -8.765  7.888   4.053   1.00 17.89 ? 20  SER A O   1 
ATOM   156 C CB  . SER A 1 21 ? -10.414 10.751  3.685   1.00 21.68 ? 20  SER A CB  1 
ATOM   157 O OG  . SER A 1 21 ? -11.034 9.736   2.932   1.00 17.50 ? 20  SER A OG  1 
ATOM   158 N N   . GLN A 1 22 ? -9.726  8.753   5.908   1.00 18.20 ? 21  GLN A N   1 
ATOM   159 C CA  . GLN A 1 22 ? -9.903  7.437   6.516   1.00 20.76 ? 21  GLN A CA  1 
ATOM   160 C C   . GLN A 1 22 ? -10.706 6.532   5.603   1.00 21.33 ? 21  GLN A C   1 
ATOM   161 O O   . GLN A 1 22 ? -10.329 5.380   5.364   1.00 19.00 ? 21  GLN A O   1 
ATOM   162 C CB  . GLN A 1 22 ? -10.575 7.571   7.885   1.00 19.20 ? 21  GLN A CB  1 
ATOM   163 C CG  . GLN A 1 22 ? -9.777  8.486   8.796   1.00 27.98 ? 21  GLN A CG  1 
ATOM   164 C CD  . GLN A 1 22 ? -8.425  7.914   9.154   1.00 26.32 ? 21  GLN A CD  1 
ATOM   165 O OE1 . GLN A 1 22 ? -8.322  6.808   9.694   1.00 27.79 ? 21  GLN A OE1 1 
ATOM   166 N NE2 . GLN A 1 22 ? -7.372  8.617   8.755   1.00 20.37 ? 21  GLN A NE2 1 
ATOM   167 N N   . SER A 1 23 ? -11.806 7.059   5.057   1.00 18.45 ? 22  SER A N   1 
ATOM   168 C CA  . SER A 1 23 ? -12.658 6.288   4.161   1.00 21.34 ? 22  SER A CA  1 
ATOM   169 C C   . SER A 1 23 ? -11.916 5.876   2.897   1.00 19.02 ? 22  SER A C   1 
ATOM   170 O O   . SER A 1 23 ? -12.034 4.734   2.448   1.00 20.01 ? 22  SER A O   1 
ATOM   171 C CB  . SER A 1 23 ? -13.897 7.113   3.813   1.00 24.17 ? 22  SER A CB  1 
ATOM   172 O OG  . SER A 1 23 ? -14.716 6.453   2.865   1.00 28.69 ? 22  SER A OG  1 
ATOM   173 N N   . HIS A 1 24 ? -11.136 6.789   2.310   1.00 17.00 ? 23  HIS A N   1 
ATOM   174 C CA  . HIS A 1 24 ? -10.468 6.463   1.055   1.00 16.56 ? 23  HIS A CA  1 
ATOM   175 C C   . HIS A 1 24 ? -9.274  5.544   1.269   1.00 15.45 ? 23  HIS A C   1 
ATOM   176 O O   . HIS A 1 24 ? -9.003  4.696   0.417   1.00 18.00 ? 23  HIS A O   1 
ATOM   177 C CB  . HIS A 1 24 ? -10.023 7.741   0.349   1.00 16.18 ? 23  HIS A CB  1 
ATOM   178 C CG  . HIS A 1 24 ? -11.158 8.591   -0.123  1.00 21.04 ? 23  HIS A CG  1 
ATOM   179 N ND1 . HIS A 1 24 ? -11.002 9.918   -0.464  1.00 21.69 ? 23  HIS A ND1 1 
ATOM   180 C CD2 . HIS A 1 24 ? -12.465 8.301   -0.325  1.00 23.98 ? 23  HIS A CD2 1 
ATOM   181 C CE1 . HIS A 1 24 ? -12.167 10.412  -0.845  1.00 25.14 ? 23  HIS A CE1 1 
ATOM   182 N NE2 . HIS A 1 24 ? -13.072 9.450   -0.773  1.00 23.36 ? 23  HIS A NE2 1 
ATOM   183 N N   . LEU A 1 25 ? -8.564  5.685   2.396   1.00 16.20 ? 24  LEU A N   1 
ATOM   184 C CA  . LEU A 1 25 ? -7.438  4.802   2.694   1.00 15.92 ? 24  LEU A CA  1 
ATOM   185 C C   . LEU A 1 25 ? -7.916  3.376   2.898   1.00 17.56 ? 24  LEU A C   1 
ATOM   186 O O   . LEU A 1 25 ? -7.245  2.422   2.489   1.00 16.22 ? 24  LEU A O   1 
ATOM   187 C CB  . LEU A 1 25 ? -6.694  5.290   3.937   1.00 15.64 ? 24  LEU A CB  1 
ATOM   188 C CG  . LEU A 1 25 ? -5.490  4.451   4.362   1.00 18.88 ? 24  LEU A CG  1 
ATOM   189 C CD1 . LEU A 1 25 ? -4.482  4.408   3.236   1.00 15.34 ? 24  LEU A CD1 1 
ATOM   190 C CD2 . LEU A 1 25 ? -4.856  5.031   5.595   1.00 18.15 ? 24  LEU A CD2 1 
ATOM   191 N N   . GLN A 1 26 ? -9.075  3.216   3.535   1.00 15.66 ? 25  GLN A N   1 
ATOM   192 C CA  . GLN A 1 26 ? -9.635  1.883   3.686   1.00 18.44 ? 25  GLN A CA  1 
ATOM   193 C C   . GLN A 1 26 ? -9.997  1.286   2.336   1.00 15.90 ? 25  GLN A C   1 
ATOM   194 O O   . GLN A 1 26 ? -9.681  0.124   2.062   1.00 15.45 ? 25  GLN A O   1 
ATOM   195 C CB  . GLN A 1 26 ? -10.838 1.914   4.624   1.00 22.20 ? 25  GLN A CB  1 
ATOM   196 C CG  . GLN A 1 26 ? -10.405 2.072   6.064   1.00 25.74 ? 25  GLN A CG  1 
ATOM   197 C CD  . GLN A 1 26 ? -11.530 1.857   7.041   1.00 35.37 ? 25  GLN A CD  1 
ATOM   198 O OE1 . GLN A 1 26 ? -12.700 1.761   6.652   1.00 42.63 ? 25  GLN A OE1 1 
ATOM   199 N NE2 . GLN A 1 26 ? -11.178 1.714   8.319   1.00 36.33 ? 25  GLN A NE2 1 
ATOM   200 N N   . THR A 1 27 ? -10.664 2.065   1.481   1.00 15.91 ? 26  THR A N   1 
ATOM   201 C CA  . THR A 1 27 ? -10.976 1.595   0.132   1.00 14.40 ? 26  THR A CA  1 
ATOM   202 C C   . THR A 1 27 ? -9.715  1.227   -0.637  1.00 14.18 ? 26  THR A C   1 
ATOM   203 O O   . THR A 1 27 ? -9.676  0.193   -1.317  1.00 14.65 ? 26  THR A O   1 
ATOM   204 C CB  . THR A 1 27 ? -11.771 2.660   -0.625  1.00 14.36 ? 26  THR A CB  1 
ATOM   205 O OG1 . THR A 1 27 ? -13.016 2.885   0.048   1.00 16.72 ? 26  THR A OG1 1 
ATOM   206 C CG2 . THR A 1 27 ? -12.056 2.218   -2.053  1.00 15.61 ? 26  THR A CG2 1 
ATOM   207 N N   . PHE A 1 28 ? -8.671  2.053   -0.528  1.00 14.52 ? 27  PHE A N   1 
ATOM   208 C CA  . PHE A 1 28 ? -7.382  1.762   -1.160  1.00 16.58 ? 27  PHE A CA  1 
ATOM   209 C C   . PHE A 1 28 ? -6.765  0.468   -0.626  1.00 15.89 ? 27  PHE A C   1 
ATOM   210 O O   . PHE A 1 28 ? -6.288  -0.369  -1.399  1.00 14.50 ? 27  PHE A O   1 
ATOM   211 C CB  . PHE A 1 28 ? -6.432  2.948   -0.940  1.00 16.52 ? 27  PHE A CB  1 
ATOM   212 C CG  . PHE A 1 28 ? -5.066  2.768   -1.543  1.00 16.75 ? 27  PHE A CG  1 
ATOM   213 C CD1 . PHE A 1 28 ? -4.878  2.830   -2.916  1.00 13.90 ? 27  PHE A CD1 1 
ATOM   214 C CD2 . PHE A 1 28 ? -3.961  2.576   -0.728  1.00 18.65 ? 27  PHE A CD2 1 
ATOM   215 C CE1 . PHE A 1 28 ? -3.611  2.668   -3.465  1.00 18.05 ? 27  PHE A CE1 1 
ATOM   216 C CE2 . PHE A 1 28 ? -2.699  2.416   -1.272  1.00 16.33 ? 27  PHE A CE2 1 
ATOM   217 C CZ  . PHE A 1 28 ? -2.527  2.463   -2.642  1.00 17.27 ? 27  PHE A CZ  1 
ATOM   218 N N   . VAL A 1 29 ? -6.742  0.304   0.696   1.00 14.49 ? 28  VAL A N   1 
ATOM   219 C CA  . VAL A 1 29 ? -6.217  -0.921  1.298   1.00 15.07 ? 28  VAL A CA  1 
ATOM   220 C C   . VAL A 1 29 ? -6.993  -2.145  0.811   1.00 14.75 ? 28  VAL A C   1 
ATOM   221 O O   . VAL A 1 29 ? -6.399  -3.186  0.497   1.00 18.07 ? 28  VAL A O   1 
ATOM   222 C CB  . VAL A 1 29 ? -6.219  -0.802  2.832   1.00 12.49 ? 28  VAL A CB  1 
ATOM   223 C CG1 . VAL A 1 29 ? -5.993  -2.153  3.465   1.00 12.59 ? 28  VAL A CG1 1 
ATOM   224 C CG2 . VAL A 1 29 ? -5.091  0.162   3.275   1.00 15.62 ? 28  VAL A CG2 1 
ATOM   225 N N   . SER A 1 30 ? -8.323  -2.035  0.726   1.00 15.66 ? 29  SER A N   1 
ATOM   226 C CA  . SER A 1 30 ? -9.139  -3.144  0.247   1.00 15.10 ? 29  SER A CA  1 
ATOM   227 C C   . SER A 1 30 ? -8.802  -3.506  -1.191  1.00 16.00 ? 29  SER A C   1 
ATOM   228 O O   . SER A 1 30 ? -8.660  -4.690  -1.524  1.00 20.55 ? 29  SER A O   1 
ATOM   229 C CB  . SER A 1 30 ? -10.619 -2.810  0.397   1.00 15.79 ? 29  SER A CB  1 
ATOM   230 O OG  . SER A 1 30 ? -10.961 -2.854  1.774   1.00 20.08 ? 29  SER A OG  1 
ATOM   231 N N   . ASP A 1 31 ? -8.678  -2.503  -2.062  1.00 17.75 ? 30  ASP A N   1 
ATOM   232 C CA  . ASP A 1 31 ? -8.283  -2.772  -3.440  1.00 18.19 ? 30  ASP A CA  1 
ATOM   233 C C   . ASP A 1 31 ? -6.878  -3.370  -3.513  1.00 13.76 ? 30  ASP A C   1 
ATOM   234 O O   . ASP A 1 31 ? -6.612  -4.238  -4.345  1.00 13.50 ? 30  ASP A O   1 
ATOM   235 C CB  . ASP A 1 31 ? -8.348  -1.498  -4.282  1.00 19.27 ? 30  ASP A CB  1 
ATOM   236 C CG  . ASP A 1 31 ? -9.779  -0.965  -4.464  1.00 24.27 ? 30  ASP A CG  1 
ATOM   237 O OD1 . ASP A 1 31 ? -10.736 -1.759  -4.392  1.00 23.77 ? 30  ASP A OD1 1 
ATOM   238 O OD2 . ASP A 1 31 ? -9.937  0.257   -4.687  1.00 30.61 ? 30  ASP A OD2 1 
ATOM   239 N N   . VAL A 1 32 ? -5.955  -2.904  -2.673  1.00 16.03 ? 31  VAL A N   1 
ATOM   240 C CA  . VAL A 1 32 ? -4.615  -3.478  -2.678  1.00 14.77 ? 31  VAL A CA  1 
ATOM   241 C C   . VAL A 1 32 ? -4.660  -4.954  -2.276  1.00 15.15 ? 31  VAL A C   1 
ATOM   242 O O   . VAL A 1 32 ? -4.048  -5.812  -2.925  1.00 15.75 ? 31  VAL A O   1 
ATOM   243 C CB  . VAL A 1 32 ? -3.676  -2.655  -1.778  1.00 17.14 ? 31  VAL A CB  1 
ATOM   244 C CG1 . VAL A 1 32 ? -2.335  -3.382  -1.581  1.00 17.58 ? 31  VAL A CG1 1 
ATOM   245 C CG2 . VAL A 1 32 ? -3.419  -1.286  -2.398  1.00 15.65 ? 31  VAL A CG2 1 
ATOM   246 N N   . VAL A 1 33 ? -5.406  -5.280  -1.222  1.00 15.47 ? 32  VAL A N   1 
ATOM   247 C CA  . VAL A 1 33 ? -5.444  -6.666  -0.777  1.00 17.48 ? 32  VAL A CA  1 
ATOM   248 C C   . VAL A 1 33 ? -6.187  -7.542  -1.781  1.00 15.52 ? 32  VAL A C   1 
ATOM   249 O O   . VAL A 1 33 ? -5.819  -8.701  -1.977  1.00 19.09 ? 32  VAL A O   1 
ATOM   250 C CB  . VAL A 1 33 ? -6.058  -6.760  0.628   1.00 17.05 ? 32  VAL A CB  1 
ATOM   251 C CG1 . VAL A 1 33 ? -6.265  -8.213  0.999   1.00 21.25 ? 32  VAL A CG1 1 
ATOM   252 C CG2 . VAL A 1 33 ? -5.125  -6.131  1.618   1.00 20.47 ? 32  VAL A CG2 1 
ATOM   253 N N   . ASN A 1 34 ? -7.201  -7.003  -2.466  1.00 15.53 ? 33  ASN A N   1 
ATOM   254 C CA  . ASN A 1 34 ? -7.862  -7.770  -3.519  1.00 17.87 ? 33  ASN A CA  1 
ATOM   255 C C   . ASN A 1 34 ? -6.889  -8.140  -4.626  1.00 19.58 ? 33  ASN A C   1 
ATOM   256 O O   . ASN A 1 34 ? -6.884  -9.283  -5.099  1.00 21.22 ? 33  ASN A O   1 
ATOM   257 C CB  . ASN A 1 34 ? -9.053  -7.007  -4.103  1.00 16.32 ? 33  ASN A CB  1 
ATOM   258 C CG  . ASN A 1 34 ? -10.203 -6.912  -3.135  1.00 21.25 ? 33  ASN A CG  1 
ATOM   259 O OD1 . ASN A 1 34 ? -10.354 -7.774  -2.258  1.00 19.70 ? 33  ASN A OD1 1 
ATOM   260 N ND2 . ASN A 1 34 ? -11.076 -5.921  -3.329  1.00 14.64 ? 33  ASN A ND2 1 
ATOM   261 N N   . LEU A 1 35 ? -6.056  -7.193  -5.055  1.00 13.75 ? 34  LEU A N   1 
ATOM   262 C CA  . LEU A 1 35 ? -5.042  -7.515  -6.044  1.00 16.02 ? 34  LEU A CA  1 
ATOM   263 C C   . LEU A 1 35 ? -4.006  -8.464  -5.464  1.00 19.75 ? 34  LEU A C   1 
ATOM   264 O O   . LEU A 1 35 ? -3.545  -9.384  -6.148  1.00 21.63 ? 34  LEU A O   1 
ATOM   265 C CB  . LEU A 1 35 ? -4.360  -6.240  -6.547  1.00 22.24 ? 34  LEU A CB  1 
ATOM   266 C CG  . LEU A 1 35 ? -5.194  -5.236  -7.339  1.00 17.50 ? 34  LEU A CG  1 
ATOM   267 C CD1 . LEU A 1 35 ? -4.325  -4.036  -7.711  1.00 18.87 ? 34  LEU A CD1 1 
ATOM   268 C CD2 . LEU A 1 35 ? -5.746  -5.935  -8.566  1.00 19.88 ? 34  LEU A CD2 1 
ATOM   269 N N   . LEU A 1 36 ? -3.639  -8.265  -4.198  1.00 16.47 ? 35  LEU A N   1 
ATOM   270 C CA  . LEU A 1 36 ? -2.559  -9.052  -3.623  1.00 21.36 ? 35  LEU A CA  1 
ATOM   271 C C   . LEU A 1 36 ? -2.939  -10.527 -3.547  1.00 22.90 ? 35  LEU A C   1 
ATOM   272 O O   . LEU A 1 36 ? -2.101  -11.403 -3.787  1.00 28.01 ? 35  LEU A O   1 
ATOM   273 C CB  . LEU A 1 36 ? -2.181  -8.488  -2.249  1.00 17.16 ? 35  LEU A CB  1 
ATOM   274 C CG  . LEU A 1 36 ? -0.989  -9.088  -1.505  1.00 19.01 ? 35  LEU A CG  1 
ATOM   275 C CD1 . LEU A 1 36 ? 0.275   -8.942  -2.314  1.00 19.03 ? 35  LEU A CD1 1 
ATOM   276 C CD2 . LEU A 1 36 ? -0.819  -8.418  -0.155  1.00 18.54 ? 35  LEU A CD2 1 
ATOM   277 N N   . ARG A 1 37 ? -4.207  -10.817 -3.257  1.00 23.15 ? 36  ARG A N   1 
ATOM   278 C CA  . ARG A 1 37 ? -4.728  -12.167 -3.111  1.00 28.48 ? 36  ARG A CA  1 
ATOM   279 C C   . ARG A 1 37 ? -5.291  -12.745 -4.416  1.00 31.21 ? 36  ARG A C   1 
ATOM   280 O O   . ARG A 1 37 ? -5.744  -13.898 -4.435  1.00 24.28 ? 36  ARG A O   1 
ATOM   281 C CB  . ARG A 1 37 ? -5.787  -12.170 -1.990  1.00 32.41 ? 36  ARG A CB  1 
ATOM   282 C CG  . ARG A 1 37 ? -5.265  -11.877 -0.589  1.00 47.86 ? 36  ARG A CG  1 
ATOM   283 C CD  . ARG A 1 37 ? -6.378  -11.976 0.458   1.00 55.57 ? 36  ARG A CD  1 
ATOM   284 N NE  . ARG A 1 37 ? -5.892  -11.674 1.802   1.00 57.62 ? 36  ARG A NE  1 
ATOM   285 C CZ  . ARG A 1 37 ? -5.283  -12.559 2.588   1.00 70.77 ? 36  ARG A CZ  1 
ATOM   286 N NH1 . ARG A 1 37 ? -5.091  -13.803 2.166   1.00 71.59 ? 36  ARG A NH1 1 
ATOM   287 N NH2 . ARG A 1 37 ? -4.878  -12.202 3.803   1.00 71.11 ? 36  ARG A NH2 1 
ATOM   288 N N   . SER A 1 38 ? -5.246  -12.002 -5.522  1.00 28.08 ? 37  SER A N   1 
ATOM   289 C CA  . SER A 1 38 ? -5.666  -12.578 -6.793  1.00 30.00 ? 37  SER A CA  1 
ATOM   290 C C   . SER A 1 38 ? -4.793  -13.769 -7.139  1.00 33.38 ? 37  SER A C   1 
ATOM   291 O O   . SER A 1 38 ? -3.581  -13.752 -6.928  1.00 35.00 ? 37  SER A O   1 
ATOM   292 C CB  . SER A 1 38 ? -5.547  -11.581 -7.931  1.00 26.95 ? 37  SER A CB  1 
ATOM   293 O OG  . SER A 1 38 ? -4.185  -11.376 -8.235  1.00 37.39 ? 37  SER A OG  1 
ATOM   294 N N   . SER A 1 39 ? -5.427  -14.803 -7.704  1.00 34.73 ? 38  SER A N   1 
ATOM   295 C CA  . SER A 1 39 ? -4.742  -16.063 -8.105  1.00 40.60 ? 38  SER A CA  1 
ATOM   296 C C   . SER A 1 39 ? -3.486  -15.758 -8.930  1.00 39.65 ? 38  SER A C   1 
ATOM   297 O O   . SER A 1 39 ? -2.377  -16.084 -8.458  1.00 43.71 ? 38  SER A O   1 
ATOM   298 C CB  . SER A 1 39 ? -5.682  -16.974 -8.852  1.00 38.41 ? 38  SER A CB  1 
ATOM   299 O OG  . SER A 1 39 ? -6.094  -16.380 -10.074 1.00 42.40 ? 38  SER A OG  1 
ATOM   300 N N   . THR A 1 40 ? -3.658  -15.174 -10.121 1.00 41.59 ? 39  THR A N   1 
ATOM   301 C CA  . THR A 1 40 ? -2.499  -14.833 -10.992 1.00 44.29 ? 39  THR A CA  1 
ATOM   302 C C   . THR A 1 40 ? -2.463  -13.319 -11.230 1.00 43.89 ? 39  THR A C   1 
ATOM   303 O O   . THR A 1 40 ? -3.495  -12.764 -11.657 1.00 39.85 ? 39  THR A O   1 
ATOM   304 C CB  . THR A 1 40 ? -2.555  -15.610 -12.313 1.00 41.49 ? 39  THR A CB  1 
ATOM   305 O OG1 . THR A 1 40 ? -3.779  -15.280 -12.970 1.00 44.59 ? 39  THR A OG1 1 
ATOM   306 C CG2 . THR A 1 40 ? -2.465  -17.107 -12.119 1.00 38.78 ? 39  THR A CG2 1 
ATOM   307 N N   . LYS A 1 41 ? -1.312  -12.692 -10.974 1.00 46.64 ? 40  LYS A N   1 
ATOM   308 C CA  . LYS A 1 41 ? -1.149  -11.231 -11.197 1.00 51.25 ? 40  LYS A CA  1 
ATOM   309 C C   . LYS A 1 41 ? -0.829  -10.999 -12.677 1.00 55.06 ? 40  LYS A C   1 
ATOM   310 O O   . LYS A 1 41 ? 0.120   -11.633 -13.182 1.00 51.62 ? 40  LYS A O   1 
ATOM   311 C CB  . LYS A 1 41 ? -0.040  -10.674 -10.298 1.00 46.44 ? 40  LYS A CB  1 
ATOM   312 C CG  . LYS A 1 41 ? 1.356   -11.216 -10.574 1.00 47.69 ? 40  LYS A CG  1 
ATOM   313 C CD  . LYS A 1 41 ? 2.420   -10.618 -9.678  1.00 46.90 ? 40  LYS A CD  1 
ATOM   314 C CE  . LYS A 1 41 ? 3.805   -11.162 -9.958  1.00 53.92 ? 40  LYS A CE  1 
ATOM   315 N NZ  . LYS A 1 41 ? 4.822   -10.557 -9.065  1.00 47.96 ? 40  LYS A NZ  1 
ATOM   316 N N   . SER A 1 42 ? -1.593  -10.126 -13.340 1.00 57.13 ? 41  SER A N   1 
ATOM   317 C CA  . SER A 1 42 ? -1.376  -9.832  -14.781 1.00 57.74 ? 41  SER A CA  1 
ATOM   318 C C   . SER A 1 42 ? -0.822  -8.412  -14.937 1.00 59.27 ? 41  SER A C   1 
ATOM   319 O O   . SER A 1 42 ? -1.410  -7.484  -14.342 1.00 55.66 ? 41  SER A O   1 
ATOM   320 C CB  . SER A 1 42 ? -2.647  -10.016 -15.569 1.00 54.08 ? 41  SER A CB  1 
ATOM   321 O OG  . SER A 1 42 ? -3.637  -9.086  -15.155 1.00 59.32 ? 41  SER A OG  1 
ATOM   322 N N   . ALA A 1 43 ? 0.285   -8.275  -15.678 1.00 30.00 ? 42  ALA A N   1 
ATOM   323 C CA  . ALA A 1 43 ? 0.945   -6.970  -15.923 1.00 30.00 ? 42  ALA A CA  1 
ATOM   324 C C   . ALA A 1 43 ? 1.272   -6.304  -14.581 1.00 30.00 ? 42  ALA A C   1 
ATOM   325 O O   . ALA A 1 43 ? 1.862   -6.978  -13.713 1.00 30.00 ? 42  ALA A O   1 
ATOM   326 C CB  . ALA A 1 43 ? 0.097   -6.089  -16.812 1.00 30.00 ? 42  ALA A CB  1 
ATOM   327 N N   . THR A 1 44 ? 0.897   -5.030  -14.427 1.00 54.82 ? 43  THR A N   1 
ATOM   328 C CA  . THR A 1 44 ? 1.152   -4.284  -13.166 1.00 51.19 ? 43  THR A CA  1 
ATOM   329 C C   . THR A 1 44 ? -0.099  -3.482  -12.792 1.00 46.64 ? 43  THR A C   1 
ATOM   330 O O   . THR A 1 44 ? -0.036  -2.237  -12.848 1.00 55.55 ? 43  THR A O   1 
ATOM   331 C CB  . THR A 1 44 ? 2.383   -3.377  -13.300 1.00 51.40 ? 43  THR A CB  1 
ATOM   332 O OG1 . THR A 1 44 ? 2.183   -2.525  -14.427 1.00 46.68 ? 43  THR A OG1 1 
ATOM   333 C CG2 . THR A 1 44 ? 3.671   -4.154  -13.466 1.00 53.19 ? 43  THR A CG2 1 
ATOM   334 N N   . GLN A 1 45 ? -1.185  -4.172  -12.429 1.00 33.11 ? 44  GLN A N   1 
ATOM   335 C CA  . GLN A 1 45 ? -2.448  -3.480  -12.052 1.00 28.67 ? 44  GLN A CA  1 
ATOM   336 C C   . GLN A 1 45 ? -2.217  -2.548  -10.860 1.00 24.97 ? 44  GLN A C   1 
ATOM   337 O O   . GLN A 1 45 ? -2.972  -1.603  -10.708 1.00 21.79 ? 44  GLN A O   1 
ATOM   338 C CB  . GLN A 1 45 ? -3.541  -4.485  -11.707 1.00 31.69 ? 44  GLN A CB  1 
ATOM   339 C CG  . GLN A 1 45 ? -4.099  -5.211  -12.916 1.00 33.59 ? 44  GLN A CG  1 
ATOM   340 C CD  . GLN A 1 45 ? -4.485  -4.287  -14.041 1.00 33.23 ? 44  GLN A CD  1 
ATOM   341 O OE1 . GLN A 1 45 ? -5.110  -3.251  -13.851 1.00 35.88 ? 44  GLN A OE1 1 
ATOM   342 N NE2 . GLN A 1 45 ? -4.108  -4.675  -15.244 1.00 37.27 ? 44  GLN A NE2 1 
ATOM   343 N N   . LEU A 1 46 ? -1.190  -2.816  -10.070 1.00 21.53 ? 45  LEU A N   1 
ATOM   344 C CA  . LEU A 1 46 ? -0.924  -2.019  -8.847  1.00 19.88 ? 45  LEU A CA  1 
ATOM   345 C C   . LEU A 1 46 ? -0.584  -0.563  -9.178  1.00 18.30 ? 45  LEU A C   1 
ATOM   346 O O   . LEU A 1 46 ? -1.243  0.313   -8.646  1.00 18.25 ? 45  LEU A O   1 
ATOM   347 C CB  . LEU A 1 46 ? 0.222   -2.703  -8.096  1.00 18.93 ? 45  LEU A CB  1 
ATOM   348 C CG  . LEU A 1 46 ? 0.619   -2.077  -6.765  1.00 18.43 ? 45  LEU A CG  1 
ATOM   349 C CD1 . LEU A 1 46 ? -0.570  -1.994  -5.827  1.00 16.51 ? 45  LEU A CD1 1 
ATOM   350 C CD2 . LEU A 1 46 ? 1.763   -2.843  -6.125  1.00 20.72 ? 45  LEU A CD2 1 
ATOM   351 N N   . GLY A 1 47 ? 0.332   -0.336  -10.113 1.00 18.30 ? 46  GLY A N   1 
ATOM   352 C CA  . GLY A 1 47 ? 0.720   1.043   -10.457 1.00 17.98 ? 46  GLY A CA  1 
ATOM   353 C C   . GLY A 1 47 ? -0.462  1.838   -10.991 1.00 17.82 ? 46  GLY A C   1 
ATOM   354 O O   . GLY A 1 47 ? -0.630  2.970   -10.583 1.00 15.98 ? 46  GLY A O   1 
ATOM   355 N N   . PRO A 1 48 ? -1.286  1.285   -11.902 1.00 17.38 ? 47  PRO A N   1 
ATOM   356 C CA  . PRO A 1 48 ? -2.478  1.961   -12.404 1.00 20.10 ? 47  PRO A CA  1 
ATOM   357 C C   . PRO A 1 48 ? -3.438  2.271   -11.251 1.00 19.26 ? 47  PRO A C   1 
ATOM   358 O O   . PRO A 1 48 ? -3.999  3.322   -11.268 1.00 18.20 ? 47  PRO A O   1 
ATOM   359 C CB  . PRO A 1 48 ? -3.079  0.989   -13.422 1.00 18.73 ? 47  PRO A CB  1 
ATOM   360 C CG  . PRO A 1 48 ? -1.872  0.247   -13.907 1.00 19.80 ? 47  PRO A CG  1 
ATOM   361 C CD  . PRO A 1 48 ? -1.033  0.082   -12.655 1.00 21.30 ? 47  PRO A CD  1 
ATOM   362 N N   . LEU A 1 49 ? -3.616  1.333   -10.315 1.00 18.72 ? 48  LEU A N   1 
ATOM   363 C CA  . LEU A 1 49 ? -4.442  1.678   -9.153  1.00 17.57 ? 48  LEU A CA  1 
ATOM   364 C C   . LEU A 1 49 ? -3.911  2.924   -8.446  1.00 15.99 ? 48  LEU A C   1 
ATOM   365 O O   . LEU A 1 49 ? -4.655  3.888   -8.222  1.00 11.90 ? 48  LEU A O   1 
ATOM   366 C CB  . LEU A 1 49 ? -4.513  0.499   -8.178  1.00 17.99 ? 48  LEU A CB  1 
ATOM   367 C CG  . LEU A 1 49 ? -5.312  0.730   -6.888  1.00 15.89 ? 48  LEU A CG  1 
ATOM   368 C CD1 . LEU A 1 49 ? -6.779  1.053   -7.192  1.00 17.74 ? 48  LEU A CD1 1 
ATOM   369 C CD2 . LEU A 1 49 ? -5.195  -0.490  -5.963  1.00 16.65 ? 48  LEU A CD2 1 
ATOM   370 N N   . ILE A 1 50 ? -2.618  2.924   -8.107  1.00 15.51 ? 49  ILE A N   1 
ATOM   371 C CA  . ILE A 1 50 ? -2.013  4.046   -7.401  1.00 16.32 ? 49  ILE A CA  1 
ATOM   372 C C   . ILE A 1 50 ? -2.081  5.313   -8.246  1.00 15.48 ? 49  ILE A C   1 
ATOM   373 O O   . ILE A 1 50 ? -2.401  6.388   -7.732  1.00 16.59 ? 49  ILE A O   1 
ATOM   374 C CB  . ILE A 1 50 ? -0.559  3.714   -6.984  1.00 16.10 ? 49  ILE A CB  1 
ATOM   375 C CG1 . ILE A 1 50 ? -0.499  2.511   -6.031  1.00 12.89 ? 49  ILE A CG1 1 
ATOM   376 C CG2 . ILE A 1 50 ? 0.100   4.921   -6.304  1.00 18.26 ? 49  ILE A CG2 1 
ATOM   377 C CD1 . ILE A 1 50 ? 0.899   1.999   -5.756  1.00 17.08 ? 49  ILE A CD1 1 
ATOM   378 N N   . ASP A 1 51 ? -1.780  5.213   -9.550  1.00 15.18 ? 50  ASP A N   1 
ATOM   379 C CA  . ASP A 1 51 ? -1.876  6.381   -10.428 1.00 17.66 ? 50  ASP A CA  1 
ATOM   380 C C   . ASP A 1 51 ? -3.263  7.005   -10.382 1.00 16.84 ? 50  ASP A C   1 
ATOM   381 O O   . ASP A 1 51 ? -3.406  8.231   -10.507 1.00 15.03 ? 50  ASP A O   1 
ATOM   382 C CB  . ASP A 1 51 ? -1.567  5.999   -11.876 1.00 19.97 ? 50  ASP A CB  1 
ATOM   383 C CG  . ASP A 1 51 ? -0.134  5.568   -12.085 1.00 24.25 ? 50  ASP A CG  1 
ATOM   384 O OD1 . ASP A 1 51 ? 0.739   5.920   -11.261 1.00 21.02 ? 50  ASP A OD1 1 
ATOM   385 O OD2 . ASP A 1 51 ? 0.115   4.894   -13.107 1.00 22.54 ? 50  ASP A OD2 1 
ATOM   386 N N   . PHE A 1 52 ? -4.293  6.170   -10.233 1.00 17.22 ? 51  PHE A N   1 
ATOM   387 C CA  . PHE A 1 52 ? -5.660  6.666   -10.200 1.00 14.62 ? 51  PHE A CA  1 
ATOM   388 C C   . PHE A 1 52 ? -5.895  7.518   -8.964  1.00 15.66 ? 51  PHE A C   1 
ATOM   389 O O   . PHE A 1 52 ? -6.511  8.592   -9.051  1.00 14.21 ? 51  PHE A O   1 
ATOM   390 C CB  . PHE A 1 52 ? -6.638  5.498   -10.235 1.00 13.71 ? 51  PHE A CB  1 
ATOM   391 C CG  . PHE A 1 52 ? -8.053  5.908   -10.460 1.00 13.73 ? 51  PHE A CG  1 
ATOM   392 C CD1 . PHE A 1 52 ? -8.498  6.186   -11.737 1.00 13.44 ? 51  PHE A CD1 1 
ATOM   393 C CD2 . PHE A 1 52 ? -8.936  6.017   -9.405  1.00 16.94 ? 51  PHE A CD2 1 
ATOM   394 C CE1 . PHE A 1 52 ? -9.796  6.547   -11.961 1.00 14.38 ? 51  PHE A CE1 1 
ATOM   395 C CE2 . PHE A 1 52 ? -10.246 6.406   -9.621  1.00 16.73 ? 51  PHE A CE2 1 
ATOM   396 C CZ  . PHE A 1 52 ? -10.669 6.661   -10.899 1.00 16.66 ? 51  PHE A CZ  1 
ATOM   397 N N   . TYR A 1 53 ? -5.427  7.048   -7.799  1.00 15.84 ? 52  TYR A N   1 
ATOM   398 C CA  . TYR A 1 53 ? -5.548  7.860   -6.593  1.00 16.85 ? 52  TYR A CA  1 
ATOM   399 C C   . TYR A 1 53 ? -4.687  9.117   -6.682  1.00 16.91 ? 52  TYR A C   1 
ATOM   400 O O   . TYR A 1 53 ? -5.098  10.181  -6.209  1.00 18.66 ? 52  TYR A O   1 
ATOM   401 C CB  . TYR A 1 53 ? -5.185  7.097   -5.303  1.00 16.82 ? 52  TYR A CB  1 
ATOM   402 C CG  . TYR A 1 53 ? -6.125  5.996   -4.849  1.00 21.76 ? 52  TYR A CG  1 
ATOM   403 C CD1 . TYR A 1 53 ? -6.657  5.051   -5.731  1.00 20.32 ? 52  TYR A CD1 1 
ATOM   404 C CD2 . TYR A 1 53 ? -6.695  6.075   -3.584  1.00 21.24 ? 52  TYR A CD2 1 
ATOM   405 C CE1 . TYR A 1 53 ? -7.570  4.093   -5.292  1.00 21.47 ? 52  TYR A CE1 1 
ATOM   406 C CE2 . TYR A 1 53 ? -7.633  5.149   -3.151  1.00 23.01 ? 52  TYR A CE2 1 
ATOM   407 C CZ  . TYR A 1 53 ? -8.070  4.166   -4.006  1.00 21.96 ? 52  TYR A CZ  1 
ATOM   408 O OH  . TYR A 1 53 ? -9.002  3.259   -3.560  1.00 21.18 ? 52  TYR A OH  1 
ATOM   409 N N   . LYS A 1 54 ? -3.490  9.019   -7.277  1.00 17.56 ? 53  LYS A N   1 
ATOM   410 C CA  . LYS A 1 54 ? -2.586  10.169  -7.355  1.00 14.80 ? 53  LYS A CA  1 
ATOM   411 C C   . LYS A 1 54 ? -3.179  11.309  -8.167  1.00 21.05 ? 53  LYS A C   1 
ATOM   412 O O   . LYS A 1 54 ? -2.858  12.473  -7.914  1.00 19.02 ? 53  LYS A O   1 
ATOM   413 C CB  . LYS A 1 54 ? -1.242  9.762   -7.960  1.00 16.41 ? 53  LYS A CB  1 
ATOM   414 C CG  . LYS A 1 54 ? -0.344  9.056   -6.984  1.00 18.50 ? 53  LYS A CG  1 
ATOM   415 C CD  . LYS A 1 54 ? 0.827   8.332   -7.646  1.00 19.99 ? 53  LYS A CD  1 
ATOM   416 C CE  . LYS A 1 54 ? 1.870   9.290   -8.171  1.00 26.54 ? 53  LYS A CE  1 
ATOM   417 N NZ  . LYS A 1 54 ? 3.058   8.564   -8.698  1.00 18.90 ? 53  LYS A NZ  1 
ATOM   418 N N   . LEU A 1 55 ? -4.022  11.000  -9.158  1.00 17.53 ? 54  LEU A N   1 
ATOM   419 C CA  . LEU A 1 55 ? -4.686  12.061  -9.905  1.00 21.10 ? 54  LEU A CA  1 
ATOM   420 C C   . LEU A 1 55 ? -5.544  12.927  -8.995  1.00 18.79 ? 54  LEU A C   1 
ATOM   421 O O   . LEU A 1 55 ? -5.775  14.099  -9.299  1.00 21.12 ? 54  LEU A O   1 
ATOM   422 C CB  . LEU A 1 55 ? -5.556  11.484  -11.030 1.00 23.00 ? 54  LEU A CB  1 
ATOM   423 C CG  . LEU A 1 55 ? -4.991  10.833  -12.300 1.00 21.14 ? 54  LEU A CG  1 
ATOM   424 C CD1 . LEU A 1 55 ? -6.144  10.376  -13.204 1.00 19.42 ? 54  LEU A CD1 1 
ATOM   425 C CD2 . LEU A 1 55 ? -4.108  11.786  -13.048 1.00 22.55 ? 54  LEU A CD2 1 
ATOM   426 N N   . GLN A 1 56 ? -6.038  12.369  -7.889  1.00 21.68 ? 55  GLN A N   1 
ATOM   427 C CA  . GLN A 1 56 ? -6.959  13.060  -6.988  1.00 23.21 ? 55  GLN A CA  1 
ATOM   428 C C   . GLN A 1 56 ? -6.235  13.840  -5.896  1.00 22.41 ? 55  GLN A C   1 
ATOM   429 O O   . GLN A 1 56 ? -6.883  14.375  -4.985  1.00 20.05 ? 55  GLN A O   1 
ATOM   430 C CB  . GLN A 1 56 ? -7.906  12.040  -6.344  1.00 24.31 ? 55  GLN A CB  1 
ATOM   431 C CG  . GLN A 1 56 ? -8.606  11.131  -7.357  1.00 28.55 ? 55  GLN A CG  1 
ATOM   432 C CD  . GLN A 1 56 ? -9.443  10.045  -6.706  1.00 32.45 ? 55  GLN A CD  1 
ATOM   433 O OE1 . GLN A 1 56 ? -9.682  10.063  -5.495  1.00 39.57 ? 55  GLN A OE1 1 
ATOM   434 N NE2 . GLN A 1 56 ? -9.813  9.040   -7.492  1.00 25.46 ? 55  GLN A NE2 1 
ATOM   435 N N   . SER A 1 57 ? -4.915  13.918  -5.961  1.00 21.31 ? 56  SER A N   1 
ATOM   436 C CA  . SER A 1 57 ? -4.093  14.296  -4.827  1.00 17.76 ? 56  SER A CA  1 
ATOM   437 C C   . SER A 1 57 ? -3.444  15.647  -5.101  1.00 21.41 ? 56  SER A C   1 
ATOM   438 O O   . SER A 1 57 ? -3.643  16.273  -6.146  1.00 20.86 ? 56  SER A O   1 
ATOM   439 C CB  . SER A 1 57 ? -3.049  13.208  -4.546  1.00 17.47 ? 56  SER A CB  1 
ATOM   440 O OG  . SER A 1 57 ? -2.270  13.464  -3.385  1.00 21.48 ? 56  SER A OG  1 
ATOM   441 N N   . LEU A 1 58 ? -2.650  16.092  -4.142  1.00 16.48 ? 57  LEU A N   1 
ATOM   442 C CA  . LEU A 1 58 ? -2.022  17.407  -4.197  1.00 18.92 ? 57  LEU A CA  1 
ATOM   443 C C   . LEU A 1 58 ? -0.671  17.303  -4.886  1.00 19.16 ? 57  LEU A C   1 
ATOM   444 O O   . LEU A 1 58 ? 0.049   16.327  -4.683  1.00 26.30 ? 57  LEU A O   1 
ATOM   445 C CB  . LEU A 1 58 ? -1.828  17.915  -2.773  1.00 19.02 ? 57  LEU A CB  1 
ATOM   446 C CG  . LEU A 1 58 ? -1.335  19.319  -2.491  1.00 19.01 ? 57  LEU A CG  1 
ATOM   447 C CD1 . LEU A 1 58 ? -2.412  20.267  -2.884  1.00 19.47 ? 57  LEU A CD1 1 
ATOM   448 C CD2 . LEU A 1 58 ? -1.018  19.436  -1.011  1.00 23.46 ? 57  LEU A CD2 1 
ATOM   449 N N   . ASP A 1 59 ? -0.322  18.294  -5.705  1.00 23.03 ? 58  ASP A N   1 
ATOM   450 C CA  . ASP A 1 59 ? 1.081   18.465  -6.093  1.00 24.72 ? 58  ASP A CA  1 
ATOM   451 C C   . ASP A 1 59 ? 1.807   19.263  -5.028  1.00 22.71 ? 58  ASP A C   1 
ATOM   452 O O   . ASP A 1 59 ? 1.532   20.443  -4.818  1.00 22.38 ? 58  ASP A O   1 
ATOM   453 C CB  . ASP A 1 59 ? 1.268   19.146  -7.444  1.00 31.58 ? 58  ASP A CB  1 
ATOM   454 C CG  . ASP A 1 59 ? 2.718   19.222  -7.862  1.00 37.34 ? 58  ASP A CG  1 
ATOM   455 O OD1 . ASP A 1 59 ? 3.587   18.725  -7.109  1.00 35.96 ? 58  ASP A OD1 1 
ATOM   456 O OD2 . ASP A 1 59 ? 2.999   19.850  -8.904  1.00 45.93 ? 58  ASP A OD2 1 
ATOM   457 N N   . SER A 1 60 ? 2.739   18.609  -4.354  1.00 19.97 ? 59  SER A N   1 
ATOM   458 C CA  . SER A 1 60 ? 3.656   19.256  -3.436  1.00 19.38 ? 59  SER A CA  1 
ATOM   459 C C   . SER A 1 60 ? 4.799   18.288  -3.253  1.00 22.57 ? 59  SER A C   1 
ATOM   460 O O   . SER A 1 60 ? 4.616   17.079  -3.456  1.00 19.48 ? 59  SER A O   1 
ATOM   461 C CB  . SER A 1 60 ? 2.992   19.576  -2.093  1.00 19.73 ? 59  SER A CB  1 
ATOM   462 O OG  . SER A 1 60 ? 2.727   18.373  -1.376  1.00 19.89 ? 59  SER A OG  1 
ATOM   463 N N   . PRO A 1 61 ? 5.990   18.766  -2.924  1.00 20.28 ? 60  PRO A N   1 
ATOM   464 C CA  . PRO A 1 61 ? 7.112   17.832  -2.763  1.00 19.45 ? 60  PRO A CA  1 
ATOM   465 C C   . PRO A 1 61 ? 6.881   16.790  -1.683  1.00 17.09 ? 60  PRO A C   1 
ATOM   466 O O   . PRO A 1 61 ? 7.270   15.638  -1.877  1.00 17.25 ? 60  PRO A O   1 
ATOM   467 C CB  . PRO A 1 61 ? 8.288   18.762  -2.458  1.00 16.84 ? 60  PRO A CB  1 
ATOM   468 C CG  . PRO A 1 61 ? 7.670   20.022  -2.025  1.00 21.54 ? 60  PRO A CG  1 
ATOM   469 C CD  . PRO A 1 61 ? 6.398   20.167  -2.735  1.00 22.38 ? 60  PRO A CD  1 
ATOM   470 N N   . GLU A 1 62 ? 6.206   17.152  -0.586  1.00 21.29 ? 61  GLU A N   1 
ATOM   471 C CA  . GLU A 1 62 ? 5.875   16.193  0.472   1.00 18.82 ? 61  GLU A CA  1 
ATOM   472 C C   . GLU A 1 62 ? 5.027   15.041  -0.051  1.00 19.30 ? 61  GLU A C   1 
ATOM   473 O O   . GLU A 1 62 ? 5.305   13.866  0.225   1.00 17.22 ? 61  GLU A O   1 
ATOM   474 C CB  . GLU A 1 62 ? 5.123   16.908  1.590   1.00 26.07 ? 61  GLU A CB  1 
ATOM   475 C CG  . GLU A 1 62 ? 5.918   17.987  2.253   1.00 27.78 ? 61  GLU A CG  1 
ATOM   476 C CD  . GLU A 1 62 ? 5.959   19.259  1.422   1.00 28.31 ? 61  GLU A CD  1 
ATOM   477 O OE1 . GLU A 1 62 ? 5.291   19.314  0.364   1.00 24.83 ? 61  GLU A OE1 1 
ATOM   478 O OE2 . GLU A 1 62 ? 6.696   20.184  1.809   1.00 28.39 ? 61  GLU A OE2 1 
ATOM   479 N N   . THR A 1 63 ? 3.942   15.361  -0.749  1.00 18.55 ? 62  THR A N   1 
ATOM   480 C CA  . THR A 1 63 ? 3.018   14.320  -1.172  1.00 16.63 ? 62  THR A CA  1 
ATOM   481 C C   . THR A 1 63 ? 3.602   13.502  -2.307  1.00 17.12 ? 62  THR A C   1 
ATOM   482 O O   . THR A 1 63 ? 3.351   12.295  -2.378  1.00 16.43 ? 62  THR A O   1 
ATOM   483 C CB  . THR A 1 63 ? 1.685   14.934  -1.590  1.00 20.51 ? 62  THR A CB  1 
ATOM   484 O OG1 . THR A 1 63 ? 1.886   15.775  -2.729  1.00 19.62 ? 62  THR A OG1 1 
ATOM   485 C CG2 . THR A 1 63 ? 1.105   15.774  -0.461  1.00 20.82 ? 62  THR A CG2 1 
ATOM   486 N N   . THR A 1 64 ? 4.406   14.125  -3.174  1.00 14.97 ? 63  THR A N   1 
ATOM   487 C CA  . THR A 1 64 ? 5.121   13.358  -4.189  1.00 14.94 ? 63  THR A CA  1 
ATOM   488 C C   . THR A 1 64 ? 5.978   12.267  -3.556  1.00 16.66 ? 63  THR A C   1 
ATOM   489 O O   . THR A 1 64 ? 5.953   11.112  -4.004  1.00 14.39 ? 63  THR A O   1 
ATOM   490 C CB  . THR A 1 64 ? 5.959   14.290  -5.066  1.00 17.22 ? 63  THR A CB  1 
ATOM   491 O OG1 . THR A 1 64 ? 5.112   14.900  -6.049  1.00 18.90 ? 63  THR A OG1 1 
ATOM   492 C CG2 . THR A 1 64 ? 7.072   13.542  -5.738  1.00 19.35 ? 63  THR A CG2 1 
ATOM   493 N N   . ILE A 1 65 ? 6.734   12.610  -2.503  1.00 15.28 ? 64  ILE A N   1 
ATOM   494 C CA  . ILE A 1 65 ? 7.559   11.612  -1.816  1.00 16.10 ? 64  ILE A CA  1 
ATOM   495 C C   . ILE A 1 65 ? 6.691   10.583  -1.099  1.00 15.08 ? 64  ILE A C   1 
ATOM   496 O O   . ILE A 1 65 ? 7.016   9.386   -1.074  1.00 16.49 ? 64  ILE A O   1 
ATOM   497 C CB  . ILE A 1 65 ? 8.530   12.297  -0.839  1.00 15.53 ? 64  ILE A CB  1 
ATOM   498 C CG1 . ILE A 1 65 ? 9.637   13.014  -1.601  1.00 15.55 ? 64  ILE A CG1 1 
ATOM   499 C CG2 . ILE A 1 65 ? 9.101   11.289  0.175   1.00 20.88 ? 64  ILE A CG2 1 
ATOM   500 C CD1 . ILE A 1 65 ? 10.444  13.925  -0.720  1.00 17.35 ? 64  ILE A CD1 1 
ATOM   501 N N   . MET A 1 66 ? 5.609   11.029  -0.460  1.00 15.64 ? 65  MET A N   1 
ATOM   502 C CA  . MET A 1 66 ? 4.700   10.084  0.181   1.00 15.28 ? 65  MET A CA  1 
ATOM   503 C C   . MET A 1 66 ? 4.239   9.026   -0.806  1.00 15.79 ? 65  MET A C   1 
ATOM   504 O O   . MET A 1 66 ? 4.288   7.826   -0.513  1.00 10.78 ? 65  MET A O   1 
ATOM   505 C CB  . MET A 1 66 ? 3.506   10.820  0.774   1.00 16.73 ? 65  MET A CB  1 
ATOM   506 C CG  . MET A 1 66 ? 3.806   11.655  1.989   1.00 16.16 ? 65  MET A CG  1 
ATOM   507 S SD  . MET A 1 66 ? 2.265   12.414  2.525   1.00 16.51 ? 65  MET A SD  1 
ATOM   508 C CE  . MET A 1 66 ? 2.804   13.341  3.956   1.00 25.00 ? 65  MET A CE  1 
ATOM   509 N N   . TRP A 1 67 ? 3.802   9.449   -2.000  1.00 14.29 ? 66  TRP A N   1 
ATOM   510 C CA  . TRP A 1 67 ? 3.372   8.454   -2.969  1.00 15.56 ? 66  TRP A CA  1 
ATOM   511 C C   . TRP A 1 67 ? 4.519   7.569   -3.432  1.00 16.50 ? 66  TRP A C   1 
ATOM   512 O O   . TRP A 1 67 ? 4.278   6.411   -3.782  1.00 13.55 ? 66  TRP A O   1 
ATOM   513 C CB  . TRP A 1 67 ? 2.712   9.091   -4.196  1.00 16.87 ? 66  TRP A CB  1 
ATOM   514 C CG  . TRP A 1 67 ? 1.320   9.598   -4.006  1.00 13.62 ? 66  TRP A CG  1 
ATOM   515 C CD1 . TRP A 1 67 ? 0.915   10.903  -4.009  1.00 18.40 ? 66  TRP A CD1 1 
ATOM   516 C CD2 . TRP A 1 67 ? 0.153   8.814   -3.763  1.00 14.42 ? 66  TRP A CD2 1 
ATOM   517 N NE1 . TRP A 1 67 ? -0.443  10.973  -3.813  1.00 15.28 ? 66  TRP A NE1 1 
ATOM   518 C CE2 . TRP A 1 67 ? -0.933  9.704   -3.654  1.00 16.53 ? 66  TRP A CE2 1 
ATOM   519 C CE3 . TRP A 1 67 ? -0.083  7.443   -3.644  1.00 17.61 ? 66  TRP A CE3 1 
ATOM   520 C CZ2 . TRP A 1 67 ? -2.236  9.268   -3.410  1.00 18.12 ? 66  TRP A CZ2 1 
ATOM   521 C CZ3 . TRP A 1 67 ? -1.376  7.010   -3.415  1.00 14.82 ? 66  TRP A CZ3 1 
ATOM   522 C CH2 . TRP A 1 67 ? -2.436  7.919   -3.304  1.00 16.51 ? 66  TRP A CH2 1 
ATOM   523 N N   . HIS A 1 68 ? 5.749   8.094   -3.494  1.00 13.71 ? 67  HIS A N   1 
ATOM   524 C CA  . HIS A 1 68 ? 6.864   7.242   -3.909  1.00 19.14 ? 67  HIS A CA  1 
ATOM   525 C C   . HIS A 1 68 ? 7.179   6.178   -2.859  1.00 14.22 ? 67  HIS A C   1 
ATOM   526 O O   . HIS A 1 68 ? 7.474   5.028   -3.204  1.00 15.35 ? 67  HIS A O   1 
ATOM   527 C CB  . HIS A 1 68 ? 8.126   8.047   -4.209  1.00 16.04 ? 67  HIS A CB  1 
ATOM   528 C CG  . HIS A 1 68 ? 8.000   8.984   -5.359  1.00 16.21 ? 67  HIS A CG  1 
ATOM   529 N ND1 . HIS A 1 68 ? 7.398   8.627   -6.545  1.00 23.88 ? 67  HIS A ND1 1 
ATOM   530 C CD2 . HIS A 1 68 ? 8.567   10.190  -5.577  1.00 13.34 ? 67  HIS A CD2 1 
ATOM   531 C CE1 . HIS A 1 68 ? 7.503   9.623   -7.403  1.00 15.74 ? 67  HIS A CE1 1 
ATOM   532 N NE2 . HIS A 1 68 ? 8.229   10.572  -6.847  1.00 19.75 ? 67  HIS A NE2 1 
ATOM   533 N N   . LYS A 1 69 ? 7.107   6.534   -1.575  1.00 14.26 ? 68  LYS A N   1 
ATOM   534 C CA  . LYS A 1 69 ? 7.332   5.545   -0.527  1.00 14.80 ? 68  LYS A CA  1 
ATOM   535 C C   . LYS A 1 69 ? 6.244   4.480   -0.537  1.00 15.16 ? 68  LYS A C   1 
ATOM   536 O O   . LYS A 1 69 ? 6.535   3.296   -0.327  1.00 12.68 ? 68  LYS A O   1 
ATOM   537 C CB  . LYS A 1 69 ? 7.407   6.213   0.855   1.00 13.07 ? 68  LYS A CB  1 
ATOM   538 C CG  . LYS A 1 69 ? 8.600   7.187   1.072   1.00 19.47 ? 68  LYS A CG  1 
ATOM   539 C CD  . LYS A 1 69 ? 8.652   7.715   2.522   1.00 13.87 ? 68  LYS A CD  1 
ATOM   540 C CE  . LYS A 1 69 ? 7.497   8.665   2.792   1.00 18.91 ? 68  LYS A CE  1 
ATOM   541 N NZ  . LYS A 1 69 ? 7.579   9.286   4.161   1.00 19.14 ? 68  LYS A NZ  1 
ATOM   542 N N   . ILE A 1 70 ? 4.988   4.884   -0.774  1.00 13.20 ? 69  ILE A N   1 
ATOM   543 C CA  . ILE A 1 70 ? 3.882   3.926   -0.878  1.00 12.79 ? 69  ILE A CA  1 
ATOM   544 C C   . ILE A 1 70 ? 4.118   2.965   -2.029  1.00 11.96 ? 69  ILE A C   1 
ATOM   545 O O   . ILE A 1 70 ? 4.018   1.740   -1.866  1.00 12.11 ? 69  ILE A O   1 
ATOM   546 C CB  . ILE A 1 70 ? 2.529   4.654   -1.022  1.00 12.76 ? 69  ILE A CB  1 
ATOM   547 C CG1 . ILE A 1 70 ? 2.102   5.283   0.305   1.00 12.93 ? 69  ILE A CG1 1 
ATOM   548 C CG2 . ILE A 1 70 ? 1.439   3.725   -1.506  1.00 16.94 ? 69  ILE A CG2 1 
ATOM   549 C CD1 . ILE A 1 70 ? 0.923   6.205   0.165   1.00 10.86 ? 69  ILE A CD1 1 
ATOM   550 N N   . GLU A 1 71 ? 4.456   3.491   -3.208  1.00 12.28 ? 70  GLU A N   1 
ATOM   551 C CA  . GLU A 1 71 ? 4.578   2.589   -4.350  1.00 14.83 ? 70  GLU A CA  1 
ATOM   552 C C   . GLU A 1 71 ? 5.797   1.672   -4.231  1.00 14.41 ? 70  GLU A C   1 
ATOM   553 O O   . GLU A 1 71 ? 5.731   0.513   -4.649  1.00 13.78 ? 70  GLU A O   1 
ATOM   554 C CB  . GLU A 1 71 ? 4.523   3.402   -5.642  1.00 23.37 ? 70  GLU A CB  1 
ATOM   555 C CG  . GLU A 1 71 ? 5.549   4.457   -5.878  1.00 27.15 ? 70  GLU A CG  1 
ATOM   556 C CD  . GLU A 1 71 ? 4.994   5.564   -6.801  1.00 25.64 ? 70  GLU A CD  1 
ATOM   557 O OE1 . GLU A 1 71 ? 3.765   5.620   -7.047  1.00 31.33 ? 70  GLU A OE1 1 
ATOM   558 O OE2 . GLU A 1 71 ? 5.783   6.371   -7.303  1.00 28.12 ? 70  GLU A OE2 1 
ATOM   559 N N   . LYS A 1 72 ? 6.874   2.131   -3.600  1.00 14.59 ? 71  LYS A N   1 
ATOM   560 C CA  . LYS A 1 72 ? 8.005   1.238   -3.338  1.00 18.28 ? 71  LYS A CA  1 
ATOM   561 C C   . LYS A 1 72 ? 7.689   0.227   -2.240  1.00 12.52 ? 71  LYS A C   1 
ATOM   562 O O   . LYS A 1 72 ? 8.036   -0.955  -2.363  1.00 15.52 ? 71  LYS A O   1 
ATOM   563 C CB  . LYS A 1 72 ? 9.258   2.047   -3.017  1.00 17.53 ? 71  LYS A CB  1 
ATOM   564 C CG  . LYS A 1 72 ? 9.734   2.888   -4.217  1.00 23.25 ? 71  LYS A CG  1 
ATOM   565 C CD  . LYS A 1 72 ? 10.256  2.028   -5.376  1.00 27.43 ? 71  LYS A CD  1 
ATOM   566 C CE  . LYS A 1 72 ? 9.211   1.776   -6.472  1.00 31.89 ? 71  LYS A CE  1 
ATOM   567 N NZ  . LYS A 1 72 ? 9.775   0.945   -7.585  1.00 40.95 ? 71  LYS A NZ  1 
ATOM   568 N N   . PHE A 1 73 ? 7.009   0.657   -1.176  1.00 10.14 ? 72  PHE A N   1 
ATOM   569 C CA  . PHE A 1 73 ? 6.524   -0.293  -0.169  1.00 12.06 ? 72  PHE A CA  1 
ATOM   570 C C   . PHE A 1 73 ? 5.654   -1.384  -0.787  1.00 14.84 ? 72  PHE A C   1 
ATOM   571 O O   . PHE A 1 73 ? 5.823   -2.572  -0.485  1.00 14.65 ? 72  PHE A O   1 
ATOM   572 C CB  . PHE A 1 73 ? 5.758   0.447   0.938   1.00 13.58 ? 72  PHE A CB  1 
ATOM   573 C CG  . PHE A 1 73 ? 4.942   -0.460  1.829   1.00 17.27 ? 72  PHE A CG  1 
ATOM   574 C CD1 . PHE A 1 73 ? 5.560   -1.375  2.672   1.00 15.55 ? 72  PHE A CD1 1 
ATOM   575 C CD2 . PHE A 1 73 ? 3.552   -0.394  1.819   1.00 13.51 ? 72  PHE A CD2 1 
ATOM   576 C CE1 . PHE A 1 73 ? 4.810   -2.237  3.493   1.00 14.75 ? 72  PHE A CE1 1 
ATOM   577 C CE2 . PHE A 1 73 ? 2.791   -1.243  2.640   1.00 15.60 ? 72  PHE A CE2 1 
ATOM   578 C CZ  . PHE A 1 73 ? 3.433   -2.165  3.480   1.00 16.80 ? 72  PHE A CZ  1 
ATOM   579 N N   . LEU A 1 74 ? 4.694   -1.001  -1.637  1.00 12.25 ? 73  LEU A N   1 
ATOM   580 C CA  . LEU A 1 74 ? 3.776   -1.984  -2.206  1.00 16.35 ? 73  LEU A CA  1 
ATOM   581 C C   . LEU A 1 74 ? 4.446   -2.827  -3.291  1.00 16.31 ? 73  LEU A C   1 
ATOM   582 O O   . LEU A 1 74 ? 4.151   -4.021  -3.417  1.00 15.30 ? 73  LEU A O   1 
ATOM   583 C CB  . LEU A 1 74 ? 2.522   -1.281  -2.734  1.00 13.88 ? 73  LEU A CB  1 
ATOM   584 C CG  . LEU A 1 74 ? 1.636   -0.633  -1.662  1.00 14.91 ? 73  LEU A CG  1 
ATOM   585 C CD1 . LEU A 1 74 ? 0.473   0.077   -2.277  1.00 14.05 ? 73  LEU A CD1 1 
ATOM   586 C CD2 . LEU A 1 74 ? 1.146   -1.667  -0.617  1.00 13.32 ? 73  LEU A CD2 1 
ATOM   587 N N   . ASP A 1 75 ? 5.356   -2.241  -4.073  1.00 18.05 ? 74  ASP A N   1 
ATOM   588 C CA  . ASP A 1 75 ? 6.053   -3.028  -5.088  1.00 21.13 ? 74  ASP A CA  1 
ATOM   589 C C   . ASP A 1 75 ? 6.769   -4.211  -4.466  1.00 18.85 ? 74  ASP A C   1 
ATOM   590 O O   . ASP A 1 75 ? 6.652   -5.341  -4.951  1.00 20.22 ? 74  ASP A O   1 
ATOM   591 C CB  . ASP A 1 75 ? 7.039   -2.169  -5.878  1.00 21.36 ? 74  ASP A CB  1 
ATOM   592 C CG  . ASP A 1 75 ? 6.371   -1.439  -7.014  1.00 31.60 ? 74  ASP A CG  1 
ATOM   593 O OD1 . ASP A 1 75 ? 5.325   -1.938  -7.487  1.00 37.70 ? 74  ASP A OD1 1 
ATOM   594 O OD2 . ASP A 1 75 ? 6.885   -0.390  -7.457  1.00 34.60 ? 74  ASP A OD2 1 
ATOM   595 N N   . ALA A 1 76 ? 7.513   -3.971  -3.389  1.00 15.24 ? 75  ALA A N   1 
ATOM   596 C CA  . ALA A 1 76 ? 8.215   -5.062  -2.725  1.00 17.29 ? 75  ALA A CA  1 
ATOM   597 C C   . ALA A 1 76 ? 7.235   -6.048  -2.103  1.00 16.53 ? 75  ALA A C   1 
ATOM   598 O O   . ALA A 1 76 ? 7.486   -7.260  -2.093  1.00 17.85 ? 75  ALA A O   1 
ATOM   599 C CB  . ALA A 1 76 ? 9.151   -4.501  -1.668  1.00 16.64 ? 75  ALA A CB  1 
ATOM   600 N N   . LEU A 1 77 ? 6.132   -5.544  -1.553  1.00 15.84 ? 76  LEU A N   1 
ATOM   601 C CA  . LEU A 1 77 ? 5.122   -6.421  -0.978  1.00 15.28 ? 76  LEU A CA  1 
ATOM   602 C C   . LEU A 1 77 ? 4.584   -7.383  -2.022  1.00 15.90 ? 76  LEU A C   1 
ATOM   603 O O   . LEU A 1 77 ? 4.516   -8.596  -1.790  1.00 13.71 ? 76  LEU A O   1 
ATOM   604 C CB  . LEU A 1 77 ? 3.995   -5.595  -0.373  1.00 13.42 ? 76  LEU A CB  1 
ATOM   605 C CG  . LEU A 1 77 ? 2.806   -6.392  0.141   1.00 16.84 ? 76  LEU A CG  1 
ATOM   606 C CD1 . LEU A 1 77 ? 3.255   -7.284  1.277   1.00 13.00 ? 76  LEU A CD1 1 
ATOM   607 C CD2 . LEU A 1 77 ? 1.661   -5.463  0.582   1.00 11.62 ? 76  LEU A CD2 1 
ATOM   608 N N   . PHE A 1 78 ? 4.215   -6.862  -3.196  1.00 18.08 ? 77  PHE A N   1 
ATOM   609 C CA  . PHE A 1 78 ? 3.714   -7.733  -4.249  1.00 17.91 ? 77  PHE A CA  1 
ATOM   610 C C   . PHE A 1 78 ? 4.775   -8.673  -4.794  1.00 22.39 ? 77  PHE A C   1 
ATOM   611 O O   . PHE A 1 78 ? 4.429   -9.544  -5.596  1.00 27.64 ? 77  PHE A O   1 
ATOM   612 C CB  . PHE A 1 78 ? 3.100   -6.966  -5.438  1.00 21.02 ? 77  PHE A CB  1 
ATOM   613 C CG  . PHE A 1 78 ? 1.708   -6.420  -5.183  1.00 19.31 ? 77  PHE A CG  1 
ATOM   614 C CD1 . PHE A 1 78 ? 1.281   -6.075  -3.912  1.00 19.76 ? 77  PHE A CD1 1 
ATOM   615 C CD2 . PHE A 1 78 ? 0.763   -6.471  -6.198  1.00 21.91 ? 77  PHE A CD2 1 
ATOM   616 C CE1 . PHE A 1 78 ? -0.010  -5.618  -3.690  1.00 23.11 ? 77  PHE A CE1 1 
ATOM   617 C CE2 . PHE A 1 78 ? -0.546  -6.055  -5.985  1.00 19.21 ? 77  PHE A CE2 1 
ATOM   618 C CZ  . PHE A 1 78 ? -0.935  -5.621  -4.726  1.00 21.22 ? 77  PHE A CZ  1 
ATOM   619 N N   . GLY A 1 79 ? 6.044   -8.532  -4.386  1.00 19.18 ? 78  GLY A N   1 
ATOM   620 C CA  . GLY A 1 79 ? 7.052   -9.511  -4.758  1.00 22.37 ? 78  GLY A CA  1 
ATOM   621 C C   . GLY A 1 79 ? 7.128   -10.733 -3.860  1.00 23.02 ? 78  GLY A C   1 
ATOM   622 O O   . GLY A 1 79 ? 7.758   -11.734 -4.227  1.00 25.94 ? 78  GLY A O   1 
ATOM   623 N N   . ILE A 1 80 ? 6.475   -10.681 -2.708  1.00 18.32 ? 79  ILE A N   1 
ATOM   624 C CA  . ILE A 1 80 ? 6.573   -11.721 -1.703  1.00 19.53 ? 79  ILE A CA  1 
ATOM   625 C C   . ILE A 1 80 ? 5.518   -12.770 -1.991  1.00 23.88 ? 79  ILE A C   1 
ATOM   626 O O   . ILE A 1 80 ? 4.332   -12.454 -2.139  1.00 26.37 ? 79  ILE A O   1 
ATOM   627 C CB  . ILE A 1 80 ? 6.413   -11.132 -0.298  1.00 19.41 ? 79  ILE A CB  1 
ATOM   628 C CG1 . ILE A 1 80 ? 7.540   -10.120 -0.059  1.00 19.64 ? 79  ILE A CG1 1 
ATOM   629 C CG2 . ILE A 1 80 ? 6.440   -12.237 0.751   1.00 14.79 ? 79  ILE A CG2 1 
ATOM   630 C CD1 . ILE A 1 80 ? 7.412   -9.365  1.214   1.00 19.16 ? 79  ILE A CD1 1 
ATOM   631 N N   . GLN A 1 81 ? 5.954   -14.018 -2.075  1.00 22.72 ? 80  GLN A N   1 
ATOM   632 C CA  . GLN A 1 81 ? 5.137   -15.106 -2.583  1.00 26.05 ? 80  GLN A CA  1 
ATOM   633 C C   . GLN A 1 81 ? 4.586   -16.009 -1.488  1.00 24.75 ? 80  GLN A C   1 
ATOM   634 O O   . GLN A 1 81 ? 3.821   -16.927 -1.792  1.00 31.91 ? 80  GLN A O   1 
ATOM   635 C CB  . GLN A 1 81 ? 5.961   -15.948 -3.566  1.00 33.68 ? 80  GLN A CB  1 
ATOM   636 C CG  . GLN A 1 81 ? 6.470   -15.180 -4.783  1.00 36.17 ? 80  GLN A CG  1 
ATOM   637 C CD  . GLN A 1 81 ? 7.311   -16.054 -5.705  1.00 51.33 ? 80  GLN A CD  1 
ATOM   638 O OE1 . GLN A 1 81 ? 7.512   -17.240 -5.433  1.00 62.53 ? 80  GLN A OE1 1 
ATOM   639 N NE2 . GLN A 1 81 ? 7.823   -15.470 -6.788  1.00 51.97 ? 80  GLN A NE2 1 
ATOM   640 N N   . ASN A 1 82 ? 4.943   -15.787 -0.230  1.00 21.38 ? 81  ASN A N   1 
ATOM   641 C CA  . ASN A 1 82 ? 4.422   -16.663 0.799   1.00 24.71 ? 81  ASN A CA  1 
ATOM   642 C C   . ASN A 1 82 ? 4.260   -15.885 2.097   1.00 22.46 ? 81  ASN A C   1 
ATOM   643 O O   . ASN A 1 82 ? 4.830   -14.805 2.285   1.00 15.79 ? 81  ASN A O   1 
ATOM   644 C CB  . ASN A 1 82 ? 5.304   -17.924 0.890   1.00 27.32 ? 81  ASN A CB  1 
ATOM   645 C CG  . ASN A 1 82 ? 6.757   -17.607 1.120   1.00 26.05 ? 81  ASN A CG  1 
ATOM   646 O OD1 . ASN A 1 82 ? 7.085   -16.652 1.800   1.00 26.20 ? 81  ASN A OD1 1 
ATOM   647 N ND2 . ASN A 1 82 ? 7.629   -18.315 0.412   1.00 25.70 ? 81  ASN A ND2 1 
ATOM   648 N N   . THR A 1 83 ? 3.442   -16.451 2.978   1.00 20.04 ? 82  THR A N   1 
ATOM   649 C CA  . THR A 1 83 ? 2.797   -15.695 4.042   1.00 20.93 ? 82  THR A CA  1 
ATOM   650 C C   . THR A 1 83 ? 3.748   -15.352 5.180   1.00 15.81 ? 82  THR A C   1 
ATOM   651 O O   . THR A 1 83 ? 3.687   -14.242 5.728   1.00 13.78 ? 82  THR A O   1 
ATOM   652 C CB  . THR A 1 83 ? 1.613   -16.499 4.563   1.00 17.58 ? 82  THR A CB  1 
ATOM   653 O OG1 . THR A 1 83 ? 0.710   -16.717 3.480   1.00 20.38 ? 82  THR A OG1 1 
ATOM   654 C CG2 . THR A 1 83 ? 0.897   -15.745 5.655   1.00 19.62 ? 82  THR A CG2 1 
ATOM   655 N N   . ASP A 1 84 ? 4.607   -16.285 5.576   1.00 17.53 ? 83  ASP A N   1 
ATOM   656 C CA  . ASP A 1 84 ? 5.516   -15.964 6.667   1.00 18.67 ? 83  ASP A CA  1 
ATOM   657 C C   . ASP A 1 84 ? 6.501   -14.877 6.242   1.00 16.58 ? 83  ASP A C   1 
ATOM   658 O O   . ASP A 1 84 ? 6.746   -13.942 7.003   1.00 17.30 ? 83  ASP A O   1 
ATOM   659 C CB  . ASP A 1 84 ? 6.216   -17.227 7.193   1.00 22.34 ? 83  ASP A CB  1 
ATOM   660 C CG  . ASP A 1 84 ? 6.993   -17.969 6.132   1.00 22.38 ? 83  ASP A CG  1 
ATOM   661 O OD1 . ASP A 1 84 ? 6.891   -17.578 4.951   1.00 24.15 ? 83  ASP A OD1 1 
ATOM   662 O OD2 . ASP A 1 84 ? 7.707   -18.943 6.491   1.00 20.88 ? 83  ASP A OD2 1 
ATOM   663 N N   . ASP A 1 85 ? 7.024   -14.942 5.008   1.00 18.49 ? 84  ASP A N   1 
ATOM   664 C CA  . ASP A 1 85 ? 7.875   -13.854 4.513   1.00 19.81 ? 84  ASP A CA  1 
ATOM   665 C C   . ASP A 1 85 ? 7.136   -12.523 4.512   1.00 17.43 ? 84  ASP A C   1 
ATOM   666 O O   . ASP A 1 85 ? 7.719   -11.480 4.813   1.00 16.14 ? 84  ASP A O   1 
ATOM   667 C CB  . ASP A 1 85 ? 8.369   -14.138 3.096   1.00 19.60 ? 84  ASP A CB  1 
ATOM   668 C CG  . ASP A 1 85 ? 9.378   -15.252 3.035   1.00 20.44 ? 84  ASP A CG  1 
ATOM   669 O OD1 . ASP A 1 85 ? 10.028  -15.517 4.053   1.00 22.47 ? 84  ASP A OD1 1 
ATOM   670 O OD2 . ASP A 1 85 ? 9.547   -15.822 1.940   1.00 21.35 ? 84  ASP A OD2 1 
ATOM   671 N N   . MET A 1 86 ? 5.857   -12.534 4.136   1.00 16.53 ? 85  MET A N   1 
ATOM   672 C CA  . MET A 1 86 ? 5.089   -11.298 4.113   1.00 17.09 ? 85  MET A CA  1 
ATOM   673 C C   . MET A 1 86 ? 4.954   -10.712 5.515   1.00 15.12 ? 85  MET A C   1 
ATOM   674 O O   . MET A 1 86 ? 5.144   -9.504  5.719   1.00 15.71 ? 85  MET A O   1 
ATOM   675 C CB  . MET A 1 86 ? 3.718   -11.551 3.492   1.00 13.22 ? 85  MET A CB  1 
ATOM   676 C CG  . MET A 1 86 ? 2.916   -10.271 3.297   1.00 17.68 ? 85  MET A CG  1 
ATOM   677 S SD  . MET A 1 86 ? 1.326   -10.555 2.522   1.00 20.60 ? 85  MET A SD  1 
ATOM   678 C CE  . MET A 1 86 ? 0.385   -11.195 3.908   1.00 22.58 ? 85  MET A CE  1 
ATOM   679 N N   . VAL A 1 87 ? 4.608   -11.557 6.493   1.00 14.57 ? 86  VAL A N   1 
ATOM   680 C CA  . VAL A 1 87 ? 4.514   -11.102 7.882   1.00 16.50 ? 86  VAL A CA  1 
ATOM   681 C C   . VAL A 1 87 ? 5.802   -10.413 8.297   1.00 14.98 ? 86  VAL A C   1 
ATOM   682 O O   . VAL A 1 87 ? 5.789   -9.321  8.878   1.00 17.70 ? 86  VAL A O   1 
ATOM   683 C CB  . VAL A 1 87 ? 4.180   -12.282 8.813   1.00 17.20 ? 86  VAL A CB  1 
ATOM   684 C CG1 . VAL A 1 87 ? 4.372   -11.880 10.287  1.00 20.54 ? 86  VAL A CG1 1 
ATOM   685 C CG2 . VAL A 1 87 ? 2.769   -12.764 8.550   1.00 16.04 ? 86  VAL A CG2 1 
ATOM   686 N N   . LYS A 1 88 ? 6.934   -11.044 7.987   1.00 15.92 ? 87  LYS A N   1 
ATOM   687 C CA  . LYS A 1 88 ? 8.228   -10.482 8.338   1.00 18.81 ? 87  LYS A CA  1 
ATOM   688 C C   . LYS A 1 88 ? 8.422   -9.124  7.687   1.00 17.80 ? 87  LYS A C   1 
ATOM   689 O O   . LYS A 1 88 ? 8.869   -8.177  8.337   1.00 16.50 ? 87  LYS A O   1 
ATOM   690 C CB  . LYS A 1 88 ? 9.339   -11.445 7.916   1.00 21.15 ? 87  LYS A CB  1 
ATOM   691 C CG  . LYS A 1 88 ? 10.744  -11.061 8.360   1.00 20.49 ? 87  LYS A CG  1 
ATOM   692 C CD  . LYS A 1 88 ? 11.719  -12.006 7.674   1.00 24.71 ? 87  LYS A CD  1 
ATOM   693 C CE  . LYS A 1 88 ? 11.617  -13.413 8.260   1.00 28.84 ? 87  LYS A CE  1 
ATOM   694 N NZ  . LYS A 1 88 ? 12.544  -14.408 7.611   1.00 30.98 ? 87  LYS A NZ  1 
ATOM   695 N N   . TYR A 1 89 ? 8.065   -9.008  6.408   1.00 17.08 ? 88  TYR A N   1 
ATOM   696 C CA  . TYR A 1 89 ? 8.219   -7.749  5.691   1.00 17.00 ? 88  TYR A CA  1 
ATOM   697 C C   . TYR A 1 89 ? 7.366   -6.656  6.307   1.00 16.75 ? 88  TYR A C   1 
ATOM   698 O O   . TYR A 1 89 ? 7.833   -5.535  6.527   1.00 17.61 ? 88  TYR A O   1 
ATOM   699 C CB  . TYR A 1 89 ? 7.839   -7.950  4.227   1.00 20.30 ? 88  TYR A CB  1 
ATOM   700 C CG  . TYR A 1 89 ? 7.877   -6.690  3.388   1.00 14.04 ? 88  TYR A CG  1 
ATOM   701 C CD1 . TYR A 1 89 ? 9.089   -6.096  3.050   1.00 15.29 ? 88  TYR A CD1 1 
ATOM   702 C CD2 . TYR A 1 89 ? 6.702   -6.134  2.883   1.00 16.05 ? 88  TYR A CD2 1 
ATOM   703 C CE1 . TYR A 1 89 ? 9.136   -4.948  2.272   1.00 13.19 ? 88  TYR A CE1 1 
ATOM   704 C CE2 . TYR A 1 89 ? 6.729   -5.001  2.095   1.00 16.68 ? 88  TYR A CE2 1 
ATOM   705 C CZ  . TYR A 1 89 ? 7.955   -4.400  1.802   1.00 15.88 ? 88  TYR A CZ  1 
ATOM   706 O OH  . TYR A 1 89 ? 7.983   -3.275  1.023   1.00 13.70 ? 88  TYR A OH  1 
ATOM   707 N N   . LEU A 1 90 ? 6.095   -6.959  6.557   1.00 16.70 ? 89  LEU A N   1 
ATOM   708 C CA  . LEU A 1 90 ? 5.201   -5.984  7.152   1.00 16.46 ? 89  LEU A CA  1 
ATOM   709 C C   . LEU A 1 90 ? 5.659   -5.619  8.553   1.00 17.77 ? 89  LEU A C   1 
ATOM   710 O O   . LEU A 1 90 ? 5.611   -4.446  8.941   1.00 17.21 ? 89  LEU A O   1 
ATOM   711 C CB  . LEU A 1 90 ? 3.780   -6.539  7.169   1.00 16.94 ? 89  LEU A CB  1 
ATOM   712 C CG  . LEU A 1 90 ? 3.145   -6.748  5.793   1.00 17.39 ? 89  LEU A CG  1 
ATOM   713 C CD1 . LEU A 1 90 ? 1.829   -7.521  5.917   1.00 17.38 ? 89  LEU A CD1 1 
ATOM   714 C CD2 . LEU A 1 90 ? 2.943   -5.384  5.084   1.00 16.56 ? 89  LEU A CD2 1 
ATOM   715 N N   . SER A 1 91 ? 6.133   -6.600  9.315   1.00 17.39 ? 90  SER A N   1 
ATOM   716 C CA  . SER A 1 91 ? 6.552   -6.299  10.676  1.00 18.66 ? 90  SER A CA  1 
ATOM   717 C C   . SER A 1 91 ? 7.720   -5.325  10.684  1.00 15.86 ? 90  SER A C   1 
ATOM   718 O O   . SER A 1 91 ? 7.862   -4.556  11.632  1.00 18.57 ? 90  SER A O   1 
ATOM   719 C CB  . SER A 1 91 ? 6.909   -7.584  11.427  1.00 17.47 ? 90  SER A CB  1 
ATOM   720 O OG  . SER A 1 91 ? 8.135   -8.111  10.967  1.00 25.56 ? 90  SER A OG  1 
ATOM   721 N N   . VAL A 1 92 ? 8.555   -5.331  9.642   1.00 15.48 ? 91  VAL A N   1 
ATOM   722 C CA  . VAL A 1 92 ? 9.590   -4.306  9.533   1.00 20.08 ? 91  VAL A CA  1 
ATOM   723 C C   . VAL A 1 92 ? 8.958   -2.935  9.307   1.00 20.73 ? 91  VAL A C   1 
ATOM   724 O O   . VAL A 1 92 ? 9.306   -1.957  9.976   1.00 18.22 ? 91  VAL A O   1 
ATOM   725 C CB  . VAL A 1 92 ? 10.608  -4.650  8.428   1.00 17.50 ? 91  VAL A CB  1 
ATOM   726 C CG1 . VAL A 1 92 ? 11.492  -3.447  8.133   1.00 17.12 ? 91  VAL A CG1 1 
ATOM   727 C CG2 . VAL A 1 92 ? 11.480  -5.812  8.849   1.00 16.81 ? 91  VAL A CG2 1 
ATOM   728 N N   . PHE A 1 93 ? 8.003   -2.840  8.382   1.00 19.47 ? 92  PHE A N   1 
ATOM   729 C CA  . PHE A 1 93 ? 7.465   -1.500  8.209   1.00 17.07 ? 92  PHE A CA  1 
ATOM   730 C C   . PHE A 1 93 ? 6.606   -1.038  9.375   1.00 17.13 ? 92  PHE A C   1 
ATOM   731 O O   . PHE A 1 93 ? 6.328   0.162   9.465   1.00 20.13 ? 92  PHE A O   1 
ATOM   732 C CB  . PHE A 1 93 ? 6.661   -1.313  6.927   1.00 17.16 ? 92  PHE A CB  1 
ATOM   733 C CG  . PHE A 1 93 ? 7.499   -1.245  5.699   1.00 17.38 ? 92  PHE A CG  1 
ATOM   734 C CD1 . PHE A 1 93 ? 8.386   -2.243  5.369   1.00 16.77 ? 92  PHE A CD1 1 
ATOM   735 C CD2 . PHE A 1 93 ? 7.649   -0.025  5.082   1.00 14.06 ? 92  PHE A CD2 1 
ATOM   736 C CE1 . PHE A 1 93 ? 9.187   -2.114  4.247   1.00 16.99 ? 92  PHE A CE1 1 
ATOM   737 C CE2 . PHE A 1 93 ? 8.492   0.130   4.016   1.00 12.89 ? 92  PHE A CE2 1 
ATOM   738 C CZ  . PHE A 1 93 ? 9.251   -0.910  3.590   1.00 15.68 ? 92  PHE A CZ  1 
ATOM   739 N N   . GLN A 1 94 ? 6.190   -1.942  10.266  1.00 19.45 ? 93  GLN A N   1 
ATOM   740 C CA  . GLN A 1 94 ? 5.458   -1.536  11.457  1.00 20.18 ? 93  GLN A CA  1 
ATOM   741 C C   . GLN A 1 94 ? 6.285   -0.720  12.423  1.00 19.52 ? 93  GLN A C   1 
ATOM   742 O O   . GLN A 1 94 ? 5.707   -0.151  13.357  1.00 19.36 ? 93  GLN A O   1 
ATOM   743 C CB  . GLN A 1 94 ? 4.869   -2.746  12.177  1.00 18.23 ? 93  GLN A CB  1 
ATOM   744 C CG  . GLN A 1 94 ? 3.498   -3.067  11.619  1.00 19.87 ? 93  GLN A CG  1 
ATOM   745 C CD  . GLN A 1 94 ? 2.890   -4.307  12.196  1.00 21.36 ? 93  GLN A CD  1 
ATOM   746 O OE1 . GLN A 1 94 ? 3.570   -5.103  12.831  1.00 24.88 ? 93  GLN A OE1 1 
ATOM   747 N NE2 . GLN A 1 94 ? 1.583   -4.465  12.012  1.00 29.29 ? 93  GLN A NE2 1 
ATOM   748 N N   . SER A 1 95 ? 7.595   -0.601  12.208  1.00 17.59 ? 94  SER A N   1 
ATOM   749 C CA  . SER A 1 95 ? 8.378   0.278   13.059  1.00 20.21 ? 94  SER A CA  1 
ATOM   750 C C   . SER A 1 95 ? 8.172   1.756   12.738  1.00 21.25 ? 94  SER A C   1 
ATOM   751 O O   . SER A 1 95 ? 8.487   2.604   13.578  1.00 22.60 ? 94  SER A O   1 
ATOM   752 C CB  . SER A 1 95 ? 9.858   -0.088  12.953  1.00 22.53 ? 94  SER A CB  1 
ATOM   753 O OG  . SER A 1 95 ? 10.359  0.209   11.664  1.00 23.86 ? 94  SER A OG  1 
ATOM   754 N N   . LEU A 1 96 ? 7.618   2.087   11.574  1.00 23.34 ? 95  LEU A N   1 
ATOM   755 C CA  . LEU A 1 96 ? 7.444   3.489   11.173  1.00 18.48 ? 95  LEU A CA  1 
ATOM   756 C C   . LEU A 1 96 ? 6.260   4.182   11.832  1.00 21.57 ? 95  LEU A C   1 
ATOM   757 O O   . LEU A 1 96 ? 5.304   3.552   12.274  1.00 19.34 ? 95  LEU A O   1 
ATOM   758 C CB  . LEU A 1 96 ? 7.270   3.592   9.663   1.00 18.61 ? 95  LEU A CB  1 
ATOM   759 C CG  . LEU A 1 96 ? 8.407   3.126   8.758   1.00 20.40 ? 95  LEU A CG  1 
ATOM   760 C CD1 . LEU A 1 96 ? 7.934   3.299   7.307   1.00 17.42 ? 95  LEU A CD1 1 
ATOM   761 C CD2 . LEU A 1 96 ? 9.718   3.866   9.028   1.00 19.40 ? 95  LEU A CD2 1 
ATOM   762 O OXT . LEU A 1 96 ? 6.227   5.417   11.901  1.00 21.71 ? 95  LEU A OXT 1 
HETATM 763 O O   . HOH B 2 .  ? -11.508 -3.491  -5.341  1.00 27.10 ? 101 HOH A O   1 
HETATM 764 O O   . HOH B 2 .  ? 10.393  -15.345 6.138   1.00 23.38 ? 102 HOH A O   1 
HETATM 765 O O   . HOH B 2 .  ? -2.805  4.510   11.858  1.00 28.89 ? 103 HOH A O   1 
HETATM 766 O O   . HOH B 2 .  ? -6.668  10.477  6.770   1.00 22.47 ? 104 HOH A O   1 
HETATM 767 O O   . HOH B 2 .  ? 5.712   7.199   -9.562  1.00 25.15 ? 105 HOH A O   1 
HETATM 768 O O   . HOH B 2 .  ? 2.002   -2.262  -11.540 1.00 29.29 ? 106 HOH A O   1 
HETATM 769 O O   . HOH B 2 .  ? -4.712  -15.630 3.806   1.00 20.65 ? 107 HOH A O   1 
HETATM 770 O O   . HOH B 2 .  ? -5.722  10.965  -3.914  1.00 23.86 ? 108 HOH A O   1 
HETATM 771 O O   . HOH B 2 .  ? 9.345   -19.825 -0.643  1.00 27.04 ? 109 HOH A O   1 
HETATM 772 O O   . HOH B 2 .  ? -0.120  4.425   11.379  1.00 17.30 ? 110 HOH A O   1 
HETATM 773 O O   . HOH B 2 .  ? -5.649  3.452   -13.301 1.00 14.64 ? 111 HOH A O   1 
HETATM 774 O O   . HOH B 2 .  ? -13.197 11.071  2.230   1.00 23.39 ? 112 HOH A O   1 
HETATM 775 O O   . HOH B 2 .  ? 6.069   -6.317  -7.384  1.00 24.15 ? 113 HOH A O   1 
HETATM 776 O O   . HOH B 2 .  ? 0.401   -1.473  10.792  1.00 17.34 ? 114 HOH A O   1 
HETATM 777 O O   . HOH B 2 .  ? 9.333   15.755  -3.695  1.00 18.39 ? 115 HOH A O   1 
HETATM 778 O O   . HOH B 2 .  ? 9.982   -8.250  -2.744  1.00 23.31 ? 116 HOH A O   1 
HETATM 779 O O   . HOH B 2 .  ? -5.248  -0.188  11.184  1.00 18.65 ? 117 HOH A O   1 
HETATM 780 O O   . HOH B 2 .  ? -12.171 -0.429  -6.429  1.00 18.64 ? 118 HOH A O   1 
HETATM 781 O O   . HOH B 2 .  ? -4.528  12.826  -1.804  1.00 19.69 ? 119 HOH A O   1 
HETATM 782 O O   . HOH B 2 .  ? -7.115  -3.099  -11.852 1.00 20.01 ? 120 HOH A O   1 
HETATM 783 O O   . HOH B 2 .  ? 4.079   1.631   10.386  1.00 19.22 ? 121 HOH A O   1 
HETATM 784 O O   . HOH B 2 .  ? 9.063   11.670  3.720   1.00 17.41 ? 122 HOH A O   1 
HETATM 785 O O   . HOH B 2 .  ? 8.584   -14.842 -0.549  1.00 30.09 ? 123 HOH A O   1 
HETATM 786 O O   . HOH B 2 .  ? 4.699   1.991   15.007  1.00 23.99 ? 124 HOH A O   1 
HETATM 787 O O   . HOH B 2 .  ? -14.164 2.966   3.272   1.00 20.24 ? 125 HOH A O   1 
HETATM 788 O O   . HOH B 2 .  ? -3.257  8.665   4.361   1.00 15.08 ? 126 HOH A O   1 
HETATM 789 O O   . HOH B 2 .  ? -3.443  -8.364  -8.860  1.00 29.72 ? 127 HOH A O   1 
HETATM 790 O O   . HOH B 2 .  ? -0.884  -15.101 -12.851 1.00 31.83 ? 128 HOH A O   1 
HETATM 791 O O   . HOH B 2 .  ? 7.200   6.909   8.076   1.00 18.79 ? 129 HOH A O   1 
HETATM 792 O O   . HOH B 2 .  ? -0.486  14.536  3.372   1.00 17.75 ? 130 HOH A O   1 
HETATM 793 O O   . HOH B 2 .  ? 12.464  -15.303 2.104   1.00 32.75 ? 131 HOH A O   1 
HETATM 794 O O   . HOH B 2 .  ? 4.697   22.150  -0.530  1.00 30.43 ? 132 HOH A O   1 
HETATM 795 O O   . HOH B 2 .  ? 5.458   10.364  8.180   1.00 20.93 ? 133 HOH A O   1 
HETATM 796 O O   . HOH B 2 .  ? 10.554  5.043   13.466  1.00 27.65 ? 134 HOH A O   1 
HETATM 797 O O   . HOH B 2 .  ? 3.299   5.608   -13.681 1.00 33.57 ? 135 HOH A O   1 
HETATM 798 O O   . HOH B 2 .  ? -14.471 0.853   2.478   1.00 24.06 ? 136 HOH A O   1 
HETATM 799 O O   . HOH B 2 .  ? 6.788   -2.751  15.473  1.00 31.75 ? 137 HOH A O   1 
HETATM 800 O O   . HOH B 2 .  ? 1.987   0.688   11.590  1.00 18.17 ? 138 HOH A O   1 
HETATM 801 O O   . HOH B 2 .  ? 11.765  -8.451  5.939   1.00 25.94 ? 139 HOH A O   1 
HETATM 802 O O   . HOH B 2 .  ? 0.587   2.646   12.979  1.00 20.50 ? 140 HOH A O   1 
HETATM 803 O O   . HOH B 2 .  ? 1.047   6.743   12.116  1.00 17.66 ? 141 HOH A O   1 
HETATM 804 O O   . HOH B 2 .  ? 13.082  -8.381  7.535   1.00 27.02 ? 142 HOH A O   1 
HETATM 805 O O   . HOH B 2 .  ? 13.018  -3.900  11.996  1.00 34.00 ? 143 HOH A O   1 
HETATM 806 O O   . HOH B 2 .  ? 3.310   11.067  11.181  1.00 22.67 ? 144 HOH A O   1 
# 
